data_5ECQ
#
_entry.id   5ECQ
#
_cell.length_a   53.844
_cell.length_b   53.869
_cell.length_c   196.271
_cell.angle_alpha   92.250
_cell.angle_beta   97.170
_cell.angle_gamma   113.720
#
_symmetry.space_group_name_H-M   'P 1'
#
loop_
_entity.id
_entity.type
_entity.pdbx_description
1 polymer 'Jasmonic acid-amido synthetase JAR1'
2 polymer 'Glutathione S-transferase U20'
3 non-polymer '{(1R,2R)-3-oxo-2-[(2Z)-pent-2-en-1-yl]cyclopentyl}acetic acid'
4 non-polymer VALINE
5 non-polymer "ADENOSINE-5'-TRIPHOSPHATE"
6 non-polymer GLUTATHIONE
7 water water
#
loop_
_entity_poly.entity_id
_entity_poly.type
_entity_poly.pdbx_seq_one_letter_code
_entity_poly.pdbx_strand_id
1 'polypeptide(L)'
;MLEKVETFDMNRVIDEFDEMTRNAHQVQKQTLKEILLKNQSAIYLQNCGLNGNATDPEEAFKSMVPLVTDVELEPYIKRM
VDGDTSPILTGHPVPAISLSSGTSQGRPKFIPFTDELMENTLQLFRTAFAFRNRDFPIDDNGKALQFIFSSKQYISTGGV
PVGTATTNVYRNPNFKAGMKSITSPSCSPDEVIFSPDVHQALYCHLLSGILFRDQVQYVFAVFAHGLVHAFRTFEQVWEE
IVTDIKDGVLSNRITVPSVRTAMSKLLTPNPELAETIRTKCMSLSNWYGLIPALFPNAKYVYGIMTGSMEPYVPKLRHYA
GDLPLVSHDYGSSEGWIAANVTPRLSPEEATFAVIPNLGYFEFLPVSETGEGEEKPVGLTQVKIGEEYEVVITNYAGLYR
YRLGDVVKVIGFYNNTPQLKFICRRNLILSINIDKNTERDLQLSVESAAKRLSEEKIEVIDFSSYIDVSTDPGHYAIFWE
ISGETNEDVLQDCCNCLDRAFIDAGYVSSRKCKTIGALELRVVAKGTFRKIQEHFLGLGSSAGQFKMPRCVKPSNAKVLQ
ILCENVVSSYFSTAF
;
A,D
2 'polypeptide(L)'
;HHHHHHMANLPILLDYWPSMFGMRARVALREKGVEFEYREEDFSNKSPLLLQSNPIHKKIPVLVHNGKPVCESLNVVQYV
DEAWPEKNPFFPSDPYGRAQARFWADFVDKKFTDAQFKVWGKKGEEQEAGKKEFIEAVKILESELGDKPYFGGDSFGYVD
ISLITFSSWFQAYEKFGNFSIESESPKLIAWAKRCMEKESVSKSLPDSEKIVAYAAEYRKNNL
;
B,C,E,F
#
loop_
_chem_comp.id
_chem_comp.type
_chem_comp.name
_chem_comp.formula
ATP non-polymer ADENOSINE-5'-TRIPHOSPHATE 'C10 H16 N5 O13 P3'
GSH non-polymer GLUTATHIONE 'C10 H17 N3 O6 S'
JAA non-polymer '{(1R,2R)-3-oxo-2-[(2Z)-pent-2-en-1-yl]cyclopentyl}acetic acid' 'C12 H18 O3'
#
# COMPACT_ATOMS: atom_id res chain seq x y z
N THR A 7 39.26 62.60 -61.77
CA THR A 7 39.74 62.99 -60.45
C THR A 7 38.63 63.69 -59.65
N PHE A 8 38.30 63.12 -58.50
CA PHE A 8 37.23 63.65 -57.65
C PHE A 8 37.59 65.00 -57.01
N ASP A 9 36.77 66.00 -57.32
CA ASP A 9 36.87 67.34 -56.76
C ASP A 9 35.43 67.78 -56.50
N MET A 10 35.22 68.81 -55.71
CA MET A 10 33.86 69.21 -55.35
C MET A 10 33.11 70.18 -56.27
N ASN A 11 33.63 71.39 -56.46
CA ASN A 11 32.95 72.40 -57.27
C ASN A 11 32.74 72.10 -58.77
N ARG A 12 33.75 71.52 -59.41
CA ARG A 12 33.65 71.22 -60.84
C ARG A 12 32.61 70.14 -61.15
N VAL A 13 32.61 69.05 -60.39
CA VAL A 13 31.65 67.99 -60.64
C VAL A 13 30.20 68.45 -60.40
N ILE A 14 29.95 69.19 -59.33
CA ILE A 14 28.62 69.69 -59.01
C ILE A 14 28.16 70.69 -60.07
N ASP A 15 29.10 71.50 -60.58
CA ASP A 15 28.75 72.44 -61.63
C ASP A 15 28.37 71.67 -62.88
N GLU A 16 29.21 70.72 -63.28
CA GLU A 16 28.95 69.91 -64.46
C GLU A 16 27.61 69.21 -64.30
N PHE A 17 27.36 68.74 -63.08
CA PHE A 17 26.11 68.08 -62.74
C PHE A 17 24.92 69.00 -62.90
N ASP A 18 25.08 70.25 -62.49
CA ASP A 18 24.00 71.24 -62.60
C ASP A 18 23.72 71.52 -64.07
N GLU A 19 24.79 71.72 -64.84
CA GLU A 19 24.65 71.99 -66.27
C GLU A 19 23.96 70.79 -66.91
N MET A 20 24.38 69.60 -66.50
CA MET A 20 23.87 68.35 -67.04
C MET A 20 22.38 68.17 -66.74
N THR A 21 21.99 68.51 -65.52
CA THR A 21 20.60 68.40 -65.10
C THR A 21 19.72 69.46 -65.75
N ARG A 22 20.34 70.53 -66.22
CA ARG A 22 19.59 71.57 -66.93
C ARG A 22 19.52 71.14 -68.40
N ASN A 23 20.45 70.28 -68.76
CA ASN A 23 20.53 69.67 -70.08
C ASN A 23 19.87 68.32 -70.02
N ALA A 24 18.96 68.14 -69.06
CA ALA A 24 18.36 66.84 -68.81
C ALA A 24 17.74 66.24 -70.06
N HIS A 25 16.99 67.03 -70.80
CA HIS A 25 16.35 66.54 -72.01
C HIS A 25 17.35 66.08 -73.07
N GLN A 26 18.39 66.91 -73.26
CA GLN A 26 19.44 66.63 -74.23
C GLN A 26 20.27 65.44 -73.86
N VAL A 27 20.67 65.38 -72.61
CA VAL A 27 21.48 64.29 -72.12
C VAL A 27 20.67 63.02 -72.30
N GLN A 28 19.38 63.07 -71.96
CA GLN A 28 18.51 61.90 -72.08
C GLN A 28 18.39 61.38 -73.52
N LYS A 29 18.10 62.29 -74.45
CA LYS A 29 17.95 61.92 -75.85
C LYS A 29 19.26 61.40 -76.42
N GLN A 30 20.34 62.10 -76.10
CA GLN A 30 21.66 61.69 -76.54
C GLN A 30 21.98 60.34 -75.93
N THR A 31 21.51 60.11 -74.72
CA THR A 31 21.74 58.84 -74.04
C THR A 31 21.09 57.76 -74.88
N LEU A 32 19.93 58.08 -75.43
CA LEU A 32 19.22 57.12 -76.26
C LEU A 32 20.11 56.86 -77.47
N LYS A 33 20.58 57.93 -78.09
CA LYS A 33 21.41 57.83 -79.30
C LYS A 33 22.68 57.01 -79.08
N GLU A 34 23.40 57.27 -77.99
CA GLU A 34 24.61 56.52 -77.69
C GLU A 34 24.27 55.07 -77.40
N ILE A 35 23.15 54.82 -76.72
CA ILE A 35 22.77 53.44 -76.42
C ILE A 35 22.55 52.65 -77.70
N LEU A 36 21.75 53.21 -78.59
CA LEU A 36 21.45 52.57 -79.89
C LEU A 36 22.57 52.60 -80.93
N LEU A 37 23.38 53.64 -80.97
CA LEU A 37 24.50 53.66 -81.90
C LEU A 37 25.40 52.57 -81.42
N LYS A 38 25.45 52.40 -80.10
CA LYS A 38 26.17 51.29 -79.55
C LYS A 38 25.44 50.03 -79.99
N ASN A 39 24.11 50.08 -79.99
CA ASN A 39 23.27 48.91 -80.23
C ASN A 39 22.32 48.88 -81.45
N GLN A 40 22.76 49.31 -82.63
CA GLN A 40 21.85 49.23 -83.78
C GLN A 40 21.50 47.77 -84.12
N SER A 41 22.36 46.84 -83.71
CA SER A 41 22.23 45.42 -84.07
C SER A 41 21.29 44.47 -83.32
N ALA A 42 20.68 44.88 -82.21
CA ALA A 42 19.86 43.94 -81.42
C ALA A 42 18.72 43.28 -82.20
N ILE A 43 18.64 41.95 -82.10
CA ILE A 43 17.62 41.17 -82.81
C ILE A 43 16.20 41.50 -82.35
N TYR A 44 16.09 41.99 -81.12
CA TYR A 44 14.80 42.41 -80.58
C TYR A 44 14.30 43.61 -81.38
N LEU A 45 15.26 44.44 -81.77
CA LEU A 45 15.04 45.65 -82.56
C LEU A 45 14.70 45.38 -84.03
N GLN A 46 15.28 44.34 -84.61
CA GLN A 46 15.03 44.02 -86.02
C GLN A 46 13.54 43.82 -86.20
N ASN A 47 12.93 43.16 -85.22
CA ASN A 47 11.50 42.88 -85.23
C ASN A 47 10.70 44.15 -85.02
N CYS A 48 11.35 45.20 -84.52
CA CYS A 48 10.69 46.48 -84.32
C CYS A 48 10.88 47.42 -85.53
N GLY A 49 11.86 47.13 -86.38
CA GLY A 49 12.12 47.96 -87.55
C GLY A 49 13.20 49.03 -87.50
N LEU A 50 14.15 48.88 -86.59
CA LEU A 50 15.23 49.86 -86.38
C LEU A 50 16.46 49.79 -87.30
N ASN A 51 17.03 50.97 -87.58
CA ASN A 51 18.30 51.10 -88.31
C ASN A 51 19.12 52.27 -87.71
N GLY A 52 18.46 53.11 -86.92
CA GLY A 52 19.07 54.25 -86.25
C GLY A 52 18.99 55.59 -86.94
N ASN A 53 19.87 56.52 -86.55
CA ASN A 53 20.02 57.86 -87.16
C ASN A 53 18.68 58.48 -87.53
N ALA A 54 18.53 58.78 -88.83
CA ALA A 54 17.28 59.31 -89.37
C ALA A 54 16.95 60.64 -88.68
N THR A 55 15.69 61.07 -88.75
CA THR A 55 15.29 62.31 -88.09
C THR A 55 14.01 62.26 -87.24
N ASP A 56 13.46 61.07 -87.04
CA ASP A 56 12.29 60.92 -86.16
C ASP A 56 12.58 59.73 -85.25
N PRO A 57 13.79 59.71 -84.66
CA PRO A 57 14.34 58.61 -83.86
C PRO A 57 13.66 58.26 -82.55
N GLU A 58 13.44 59.25 -81.71
CA GLU A 58 12.76 59.07 -80.45
C GLU A 58 11.31 58.74 -80.71
N GLU A 59 10.75 59.42 -81.71
CA GLU A 59 9.37 59.19 -82.09
C GLU A 59 9.25 57.78 -82.64
N ALA A 60 10.25 57.38 -83.41
CA ALA A 60 10.26 56.04 -83.98
C ALA A 60 10.35 54.97 -82.90
N PHE A 61 11.26 55.13 -81.94
CA PHE A 61 11.41 54.13 -80.89
C PHE A 61 10.14 54.02 -80.07
N LYS A 62 9.55 55.16 -79.72
CA LYS A 62 8.32 55.18 -78.92
C LYS A 62 7.09 54.65 -79.65
N SER A 63 7.05 54.77 -80.98
CA SER A 63 5.88 54.29 -81.72
C SER A 63 6.05 52.89 -82.35
N MET A 64 7.29 52.43 -82.43
CA MET A 64 7.58 51.15 -83.09
C MET A 64 7.99 50.00 -82.15
N VAL A 65 8.56 50.34 -81.00
CA VAL A 65 9.05 49.31 -80.07
C VAL A 65 8.03 49.05 -78.95
N PRO A 66 7.50 47.81 -78.90
CA PRO A 66 6.50 47.41 -77.90
C PRO A 66 7.09 47.26 -76.50
N LEU A 67 6.27 47.57 -75.49
CA LEU A 67 6.69 47.43 -74.10
C LEU A 67 6.83 45.94 -73.81
N VAL A 68 7.70 45.57 -72.86
CA VAL A 68 7.94 44.16 -72.60
C VAL A 68 7.99 43.78 -71.11
N THR A 69 7.73 42.50 -70.84
CA THR A 69 7.78 41.99 -69.47
C THR A 69 8.91 40.98 -69.27
N ASP A 70 9.10 40.61 -68.02
CA ASP A 70 10.14 39.69 -67.60
C ASP A 70 10.08 38.32 -68.28
N VAL A 71 8.86 37.82 -68.48
CA VAL A 71 8.68 36.53 -69.13
C VAL A 71 9.18 36.53 -70.56
N GLU A 72 8.83 37.59 -71.30
CA GLU A 72 9.25 37.73 -72.68
C GLU A 72 10.75 37.94 -72.83
N LEU A 73 11.32 38.75 -71.95
CA LEU A 73 12.76 38.98 -72.01
C LEU A 73 13.51 37.75 -71.54
N GLU A 74 12.84 36.85 -70.81
CA GLU A 74 13.51 35.69 -70.21
C GLU A 74 14.21 34.74 -71.18
N PRO A 75 13.51 34.26 -72.22
CA PRO A 75 14.23 33.32 -73.09
C PRO A 75 15.47 33.93 -73.72
N TYR A 76 15.43 35.18 -74.15
CA TYR A 76 16.56 35.81 -74.82
C TYR A 76 17.85 35.97 -74.01
N ILE A 77 17.77 36.63 -72.84
CA ILE A 77 18.97 36.75 -71.99
C ILE A 77 19.36 35.35 -71.52
N LYS A 78 18.36 34.47 -71.39
CA LYS A 78 18.60 33.08 -70.98
C LYS A 78 19.46 32.44 -72.04
N ARG A 79 19.13 32.76 -73.29
CA ARG A 79 19.84 32.27 -74.45
C ARG A 79 21.27 32.73 -74.33
N MET A 80 21.45 33.96 -73.84
CA MET A 80 22.80 34.48 -73.68
C MET A 80 23.63 33.72 -72.64
N VAL A 81 23.01 33.38 -71.53
CA VAL A 81 23.68 32.67 -70.42
C VAL A 81 24.10 31.18 -70.51
N ASP A 82 23.24 30.33 -71.06
CA ASP A 82 23.46 28.87 -71.10
C ASP A 82 24.21 28.19 -72.24
N GLY A 83 25.51 28.38 -72.33
CA GLY A 83 26.32 27.67 -73.31
C GLY A 83 26.19 28.28 -74.69
N ASP A 84 25.12 29.02 -74.88
CA ASP A 84 24.97 29.79 -76.09
C ASP A 84 25.47 31.10 -75.55
N THR A 85 26.77 31.27 -75.55
CA THR A 85 27.40 32.46 -74.97
C THR A 85 27.04 33.69 -75.77
N SER A 86 26.19 33.48 -76.77
CA SER A 86 25.75 34.47 -77.73
C SER A 86 24.95 35.67 -77.23
N PRO A 87 25.10 36.83 -77.91
CA PRO A 87 24.49 38.15 -77.69
C PRO A 87 23.06 38.34 -78.23
N ILE A 88 22.20 39.14 -77.56
CA ILE A 88 20.79 39.26 -78.01
C ILE A 88 19.96 40.57 -77.79
N LEU A 89 19.62 40.92 -76.55
CA LEU A 89 18.74 42.06 -76.24
C LEU A 89 19.43 43.42 -76.28
N THR A 90 20.65 43.47 -75.78
CA THR A 90 21.43 44.69 -75.92
C THR A 90 22.29 44.21 -77.01
N GLY A 91 23.39 43.64 -76.58
CA GLY A 91 24.28 43.07 -77.53
C GLY A 91 25.24 42.07 -77.00
N HIS A 92 26.48 42.51 -76.82
CA HIS A 92 27.57 41.64 -76.47
C HIS A 92 27.29 40.72 -75.34
N PRO A 93 27.91 39.55 -75.41
CA PRO A 93 27.76 38.64 -74.29
C PRO A 93 28.28 39.49 -73.16
N VAL A 94 27.49 39.63 -72.13
CA VAL A 94 27.89 40.46 -71.02
C VAL A 94 28.71 39.74 -69.96
N PRO A 95 29.61 40.50 -69.32
CA PRO A 95 30.47 39.94 -68.27
C PRO A 95 29.67 39.48 -67.04
N ALA A 96 28.40 39.88 -66.92
CA ALA A 96 27.56 39.42 -65.81
C ALA A 96 26.07 39.51 -66.12
N ILE A 97 25.25 38.94 -65.27
CA ILE A 97 23.81 38.89 -65.46
C ILE A 97 23.04 39.07 -64.13
N SER A 98 21.81 39.61 -64.17
CA SER A 98 20.96 39.82 -63.01
C SER A 98 19.67 39.06 -62.90
N LEU A 99 19.03 39.25 -61.76
CA LEU A 99 17.72 38.73 -61.46
C LEU A 99 16.94 39.90 -60.91
N SER A 100 15.62 39.82 -60.94
CA SER A 100 14.80 40.94 -60.51
C SER A 100 13.76 40.54 -59.46
N SER A 101 13.65 41.37 -58.45
CA SER A 101 12.73 41.15 -57.34
C SER A 101 11.32 41.17 -57.85
N GLY A 102 10.43 40.53 -57.10
CA GLY A 102 9.09 40.32 -57.59
C GLY A 102 9.42 39.11 -58.43
N THR A 103 8.53 38.68 -59.29
CA THR A 103 8.87 37.51 -60.08
C THR A 103 8.47 37.66 -61.52
N SER A 104 8.96 36.74 -62.34
CA SER A 104 8.55 36.68 -63.72
C SER A 104 7.69 35.45 -63.78
N GLN A 105 6.39 35.62 -63.56
CA GLN A 105 5.47 34.49 -63.51
C GLN A 105 5.95 33.50 -62.47
N GLY A 106 6.42 34.02 -61.35
CA GLY A 106 6.89 33.21 -60.23
C GLY A 106 8.30 32.71 -60.50
N ARG A 107 8.67 32.66 -61.78
CA ARG A 107 9.99 32.22 -62.14
C ARG A 107 10.92 33.42 -62.40
N PRO A 108 12.24 33.17 -62.49
CA PRO A 108 13.38 34.07 -62.67
C PRO A 108 13.56 34.91 -63.95
N LYS A 109 14.16 36.09 -63.76
CA LYS A 109 14.40 37.08 -64.82
C LYS A 109 15.87 37.54 -64.91
N PHE A 110 16.49 37.47 -66.10
CA PHE A 110 17.88 37.87 -66.31
C PHE A 110 18.10 39.28 -66.87
N ILE A 111 19.16 39.98 -66.46
CA ILE A 111 19.48 41.30 -67.02
C ILE A 111 21.01 41.47 -67.27
N PRO A 112 21.41 41.95 -68.47
CA PRO A 112 22.84 42.10 -68.82
C PRO A 112 23.66 43.14 -68.04
N PHE A 113 24.96 42.85 -67.86
CA PHE A 113 25.87 43.78 -67.18
C PHE A 113 27.01 44.16 -68.10
N THR A 114 27.34 45.44 -68.14
CA THR A 114 28.46 45.90 -68.94
C THR A 114 29.20 46.98 -68.16
N ASP A 115 30.43 47.29 -68.58
CA ASP A 115 31.31 48.25 -67.93
C ASP A 115 30.66 49.63 -67.78
N GLU A 116 29.70 49.94 -68.65
CA GLU A 116 29.03 51.24 -68.60
C GLU A 116 28.40 51.42 -67.24
N LEU A 117 27.79 50.35 -66.74
CA LEU A 117 27.11 50.37 -65.46
C LEU A 117 28.10 50.72 -64.35
N MET A 118 29.35 50.32 -64.55
CA MET A 118 30.43 50.65 -63.61
C MET A 118 30.72 52.13 -63.70
N GLU A 119 30.69 52.65 -64.93
CA GLU A 119 30.95 54.07 -65.13
C GLU A 119 29.86 54.85 -64.39
N ASN A 120 28.63 54.39 -64.56
CA ASN A 120 27.47 54.99 -63.93
C ASN A 120 27.66 54.95 -62.42
N THR A 121 28.30 53.86 -61.98
CA THR A 121 28.55 53.63 -60.57
C THR A 121 29.51 54.61 -59.94
N LEU A 122 30.67 54.74 -60.57
CA LEU A 122 31.65 55.66 -60.05
C LEU A 122 31.08 57.05 -60.12
N GLN A 123 30.44 57.41 -61.23
CA GLN A 123 29.90 58.76 -61.36
C GLN A 123 28.80 59.15 -60.37
N LEU A 124 27.81 58.28 -60.15
CA LEU A 124 26.73 58.60 -59.22
C LEU A 124 27.31 58.69 -57.81
N PHE A 125 28.25 57.80 -57.51
CA PHE A 125 28.88 57.85 -56.19
C PHE A 125 29.75 59.07 -56.03
N ARG A 126 30.41 59.43 -57.10
CA ARG A 126 31.31 60.57 -57.17
C ARG A 126 30.57 61.87 -56.93
N THR A 127 29.51 62.07 -57.72
CA THR A 127 28.69 63.26 -57.63
C THR A 127 27.98 63.34 -56.29
N ALA A 128 27.36 62.24 -55.89
CA ALA A 128 26.64 62.19 -54.62
C ALA A 128 27.56 62.40 -53.44
N PHE A 129 28.73 61.79 -53.48
CA PHE A 129 29.70 61.95 -52.41
C PHE A 129 30.11 63.40 -52.35
N ALA A 130 30.32 64.02 -53.51
CA ALA A 130 30.71 65.43 -53.50
C ALA A 130 29.62 66.28 -52.82
N PHE A 131 28.36 66.05 -53.21
CA PHE A 131 27.23 66.79 -52.67
C PHE A 131 27.01 66.56 -51.15
N ARG A 132 27.19 65.32 -50.72
CA ARG A 132 27.07 64.97 -49.30
C ARG A 132 28.25 65.46 -48.48
N ASN A 133 29.45 65.31 -49.03
CA ASN A 133 30.66 65.78 -48.39
C ASN A 133 30.55 67.28 -48.31
N ARG A 134 29.72 67.83 -49.20
CA ARG A 134 29.40 69.24 -49.18
C ARG A 134 28.54 69.49 -47.94
N ASP A 135 27.62 68.56 -47.71
CA ASP A 135 26.72 68.65 -46.55
C ASP A 135 27.27 68.03 -45.27
N PHE A 136 28.07 66.99 -45.41
CA PHE A 136 28.70 66.29 -44.29
C PHE A 136 30.18 66.15 -44.58
N PRO A 137 30.92 67.28 -44.54
CA PRO A 137 32.36 67.26 -44.85
C PRO A 137 33.17 66.37 -43.92
N ILE A 138 33.92 65.46 -44.56
CA ILE A 138 34.75 64.51 -43.85
C ILE A 138 36.21 64.91 -43.78
N ASP A 139 36.98 64.17 -42.99
CA ASP A 139 38.40 64.38 -42.93
C ASP A 139 38.94 63.51 -44.07
N ASP A 140 39.88 64.02 -44.83
CA ASP A 140 40.40 63.28 -45.98
C ASP A 140 41.36 62.15 -45.59
N ASN A 141 41.61 61.99 -44.30
CA ASN A 141 42.54 60.96 -43.83
C ASN A 141 41.87 59.94 -42.88
N GLY A 142 40.55 59.90 -42.89
CA GLY A 142 39.84 58.97 -42.04
C GLY A 142 39.41 57.72 -42.77
N LYS A 143 38.41 57.03 -42.24
CA LYS A 143 37.87 55.83 -42.89
C LYS A 143 36.36 55.71 -42.60
N ALA A 144 35.75 54.59 -42.98
CA ALA A 144 34.31 54.45 -42.79
C ALA A 144 33.81 53.04 -42.55
N LEU A 145 32.64 52.91 -41.92
CA LEU A 145 32.05 51.60 -41.68
C LEU A 145 31.12 51.22 -42.80
N GLN A 146 31.62 50.33 -43.66
CA GLN A 146 30.85 49.83 -44.78
C GLN A 146 30.55 48.36 -44.58
N PHE A 147 29.30 48.03 -44.27
CA PHE A 147 28.97 46.62 -44.14
C PHE A 147 28.72 46.14 -45.56
N ILE A 148 29.63 46.47 -46.45
CA ILE A 148 29.56 46.08 -47.85
C ILE A 148 30.26 44.76 -48.05
N PHE A 149 29.68 43.95 -48.93
CA PHE A 149 30.19 42.63 -49.20
C PHE A 149 30.10 42.33 -50.68
N SER A 150 30.96 41.43 -51.15
CA SER A 150 30.86 40.90 -52.50
C SER A 150 31.80 39.73 -52.54
N SER A 151 31.64 38.84 -51.58
CA SER A 151 32.56 37.73 -51.47
C SER A 151 32.25 36.57 -52.41
N LYS A 152 31.13 36.63 -53.10
CA LYS A 152 30.73 35.52 -53.96
C LYS A 152 30.69 35.77 -55.46
N GLN A 153 31.12 34.76 -56.21
CA GLN A 153 31.08 34.75 -57.67
C GLN A 153 30.77 33.37 -58.20
N TYR A 154 29.69 33.26 -58.97
CA TYR A 154 29.35 32.00 -59.61
C TYR A 154 29.65 32.15 -61.09
N ILE A 155 29.77 31.03 -61.78
CA ILE A 155 29.96 31.05 -63.22
C ILE A 155 28.75 30.35 -63.81
N SER A 156 28.11 30.97 -64.79
CA SER A 156 26.91 30.37 -65.38
C SER A 156 27.27 29.05 -66.03
N THR A 157 26.25 28.24 -66.27
CA THR A 157 26.43 26.91 -66.80
C THR A 157 27.05 26.92 -68.20
N GLY A 158 27.13 28.11 -68.79
CA GLY A 158 27.70 28.24 -70.12
C GLY A 158 29.16 28.68 -70.11
N GLY A 159 29.73 28.81 -68.92
CA GLY A 159 31.10 29.27 -68.78
C GLY A 159 31.14 30.78 -68.70
N VAL A 160 29.95 31.38 -68.66
CA VAL A 160 29.80 32.83 -68.58
C VAL A 160 29.56 33.32 -67.16
N PRO A 161 30.14 34.47 -66.81
CA PRO A 161 29.90 34.98 -65.45
C PRO A 161 28.52 35.62 -65.37
N VAL A 162 27.77 35.29 -64.33
CA VAL A 162 26.45 35.85 -64.10
C VAL A 162 26.55 36.56 -62.76
N GLY A 163 26.17 37.83 -62.70
CA GLY A 163 26.38 38.52 -61.47
C GLY A 163 25.53 39.61 -60.84
N THR A 164 25.64 39.67 -59.53
CA THR A 164 24.96 40.64 -58.70
C THR A 164 25.61 42.00 -58.94
N ALA A 165 24.96 43.07 -58.51
CA ALA A 165 25.46 44.41 -58.71
C ALA A 165 26.77 44.57 -57.97
N THR A 166 26.73 44.14 -56.71
CA THR A 166 27.85 44.25 -55.80
C THR A 166 29.15 43.64 -56.14
N THR A 167 29.12 42.35 -56.37
CA THR A 167 30.33 41.62 -56.64
C THR A 167 30.95 42.11 -57.91
N ASN A 168 30.09 42.36 -58.89
CA ASN A 168 30.52 42.87 -60.17
C ASN A 168 31.17 44.22 -59.95
N VAL A 169 30.67 45.01 -59.00
CA VAL A 169 31.33 46.28 -58.74
C VAL A 169 32.67 46.11 -58.04
N TYR A 170 32.60 45.45 -56.89
CA TYR A 170 33.73 45.22 -55.99
C TYR A 170 34.86 44.36 -56.55
N ARG A 171 34.55 43.36 -57.37
CA ARG A 171 35.61 42.53 -57.92
C ARG A 171 36.01 43.02 -59.31
N ASN A 172 35.44 44.15 -59.69
CA ASN A 172 35.73 44.76 -60.97
C ASN A 172 37.17 45.25 -60.97
N PRO A 173 37.83 45.23 -62.13
CA PRO A 173 39.21 45.71 -62.21
C PRO A 173 39.35 47.20 -61.92
N ASN A 174 38.25 47.95 -61.99
CA ASN A 174 38.30 49.40 -61.77
C ASN A 174 37.75 49.88 -60.42
N PHE A 175 37.23 48.97 -59.60
CA PHE A 175 36.62 49.38 -58.34
C PHE A 175 37.54 50.03 -57.32
N LYS A 176 38.73 49.46 -57.13
CA LYS A 176 39.65 49.96 -56.13
C LYS A 176 40.24 51.34 -56.44
N ALA A 177 40.83 51.49 -57.62
CA ALA A 177 41.43 52.76 -58.02
C ALA A 177 40.38 53.86 -58.20
N GLY A 178 39.24 53.48 -58.76
CA GLY A 178 38.13 54.41 -58.97
C GLY A 178 37.48 54.88 -57.69
N MET A 179 37.31 53.99 -56.73
CA MET A 179 36.65 54.34 -55.48
C MET A 179 37.62 54.86 -54.43
N LYS A 180 38.92 54.81 -54.75
CA LYS A 180 39.94 55.22 -53.80
C LYS A 180 39.75 56.69 -53.40
N SER A 181 39.40 57.51 -54.39
CA SER A 181 39.24 58.95 -54.20
C SER A 181 37.90 59.43 -53.62
N ILE A 182 36.83 58.66 -53.86
CA ILE A 182 35.49 59.08 -53.45
C ILE A 182 34.88 58.34 -52.27
N THR A 183 35.73 57.68 -51.48
CA THR A 183 35.27 56.96 -50.31
C THR A 183 36.39 57.02 -49.29
N SER A 184 36.05 56.88 -48.01
CA SER A 184 37.07 56.85 -46.99
C SER A 184 37.48 55.39 -46.98
N PRO A 185 38.80 55.11 -46.95
CA PRO A 185 39.31 53.74 -47.11
C PRO A 185 38.65 52.69 -46.23
N SER A 186 38.37 51.55 -46.85
CA SER A 186 37.72 50.43 -46.17
C SER A 186 38.63 49.90 -45.08
N CYS A 187 38.02 49.50 -43.96
CA CYS A 187 38.77 49.00 -42.81
C CYS A 187 39.14 47.54 -42.94
N SER A 188 38.23 46.80 -43.55
CA SER A 188 38.44 45.39 -43.77
C SER A 188 39.36 45.15 -44.95
N PRO A 189 40.19 44.10 -44.85
CA PRO A 189 41.00 43.79 -46.02
C PRO A 189 40.03 43.37 -47.11
N ASP A 190 40.36 43.57 -48.38
CA ASP A 190 39.41 43.23 -49.44
C ASP A 190 39.03 41.75 -49.31
N GLU A 191 40.01 40.94 -48.92
CA GLU A 191 39.79 39.51 -48.72
C GLU A 191 38.77 39.26 -47.61
N VAL A 192 38.74 40.11 -46.59
CA VAL A 192 37.72 39.94 -45.55
C VAL A 192 36.39 40.28 -46.19
N ILE A 193 36.39 41.33 -47.01
CA ILE A 193 35.18 41.75 -47.71
C ILE A 193 34.80 40.57 -48.59
N PHE A 194 35.82 39.93 -49.18
CA PHE A 194 35.60 38.76 -50.03
C PHE A 194 35.94 37.42 -49.37
N SER A 195 35.83 37.34 -48.05
CA SER A 195 36.09 36.08 -47.37
C SER A 195 35.02 35.08 -47.74
N PRO A 196 35.38 33.78 -47.76
CA PRO A 196 34.34 32.81 -48.13
C PRO A 196 33.29 32.66 -47.04
N ASP A 197 33.39 33.47 -46.00
CA ASP A 197 32.44 33.42 -44.91
C ASP A 197 31.99 34.82 -44.50
N VAL A 198 31.05 35.42 -45.23
CA VAL A 198 30.61 36.78 -44.92
C VAL A 198 29.88 36.95 -43.59
N HIS A 199 29.34 35.90 -42.97
CA HIS A 199 28.74 36.08 -41.65
C HIS A 199 29.86 36.28 -40.63
N GLN A 200 30.92 35.48 -40.76
CA GLN A 200 32.10 35.63 -39.94
C GLN A 200 32.79 36.92 -40.37
N ALA A 201 32.75 37.19 -41.67
CA ALA A 201 33.31 38.42 -42.23
C ALA A 201 32.54 39.65 -41.76
N LEU A 202 31.24 39.51 -41.54
CA LEU A 202 30.39 40.59 -41.02
C LEU A 202 30.79 40.84 -39.59
N TYR A 203 31.14 39.75 -38.90
CA TYR A 203 31.62 39.83 -37.55
C TYR A 203 32.94 40.63 -37.62
N CYS A 204 33.70 40.31 -38.66
CA CYS A 204 34.96 40.98 -38.96
C CYS A 204 34.79 42.44 -39.37
N HIS A 205 33.72 42.75 -40.10
CA HIS A 205 33.42 44.09 -40.58
C HIS A 205 33.04 44.97 -39.44
N LEU A 206 32.24 44.41 -38.55
CA LEU A 206 31.84 45.12 -37.36
C LEU A 206 33.14 45.42 -36.67
N LEU A 207 33.99 44.39 -36.59
CA LEU A 207 35.29 44.53 -35.93
C LEU A 207 36.23 45.57 -36.55
N SER A 208 36.38 45.55 -37.87
CA SER A 208 37.22 46.47 -38.62
C SER A 208 36.75 47.92 -38.59
N GLY A 209 35.44 48.10 -38.69
CA GLY A 209 34.91 49.44 -38.67
C GLY A 209 35.09 50.02 -37.29
N ILE A 210 34.77 49.17 -36.33
CA ILE A 210 34.89 49.53 -34.94
C ILE A 210 36.40 49.82 -34.73
N LEU A 211 37.28 49.15 -35.51
CA LEU A 211 38.76 49.20 -35.44
C LEU A 211 39.40 50.59 -35.67
N PHE A 212 38.83 51.42 -36.51
CA PHE A 212 39.44 52.73 -36.72
C PHE A 212 38.47 53.88 -36.41
N ARG A 213 37.67 53.73 -35.37
CA ARG A 213 36.58 54.66 -35.08
C ARG A 213 36.84 56.16 -35.08
N ASP A 214 37.97 56.58 -34.56
CA ASP A 214 38.28 57.98 -34.44
C ASP A 214 38.44 58.65 -35.81
N GLN A 215 38.90 57.90 -36.79
CA GLN A 215 39.00 58.46 -38.12
C GLN A 215 37.73 58.12 -38.91
N VAL A 216 36.92 57.21 -38.38
CA VAL A 216 35.71 56.79 -39.09
C VAL A 216 34.73 57.96 -39.27
N GLN A 217 34.39 58.24 -40.52
CA GLN A 217 33.50 59.35 -40.83
C GLN A 217 32.04 59.05 -41.06
N TYR A 218 31.71 57.82 -41.37
CA TYR A 218 30.31 57.49 -41.54
C TYR A 218 30.02 56.04 -41.30
N VAL A 219 28.76 55.76 -41.03
CA VAL A 219 28.41 54.37 -40.84
C VAL A 219 27.59 54.07 -42.09
N PHE A 220 27.99 53.03 -42.80
CA PHE A 220 27.37 52.71 -44.06
C PHE A 220 26.84 51.32 -44.24
N ALA A 221 25.63 51.30 -44.79
CA ALA A 221 24.96 50.13 -45.27
C ALA A 221 24.05 50.75 -46.29
N VAL A 222 23.76 50.03 -47.37
CA VAL A 222 22.87 50.55 -48.37
C VAL A 222 21.52 50.80 -47.71
N PHE A 223 21.20 49.94 -46.74
CA PHE A 223 19.91 49.96 -46.07
C PHE A 223 19.90 50.12 -44.57
N ALA A 224 18.70 50.44 -44.09
CA ALA A 224 18.37 50.50 -42.70
C ALA A 224 18.36 49.07 -42.18
N HIS A 225 17.93 48.14 -43.03
CA HIS A 225 17.82 46.73 -42.68
C HIS A 225 19.18 46.16 -42.27
N GLY A 226 20.20 46.52 -43.05
CA GLY A 226 21.56 46.11 -42.81
C GLY A 226 22.19 46.72 -41.58
N LEU A 227 21.99 48.01 -41.40
CA LEU A 227 22.52 48.71 -40.24
C LEU A 227 21.89 48.14 -38.99
N VAL A 228 20.57 47.96 -39.04
CA VAL A 228 19.82 47.40 -37.92
C VAL A 228 20.31 46.00 -37.61
N HIS A 229 20.48 45.17 -38.65
CA HIS A 229 20.92 43.80 -38.43
C HIS A 229 22.29 43.79 -37.77
N ALA A 230 23.14 44.73 -38.21
CA ALA A 230 24.50 44.81 -37.69
C ALA A 230 24.49 45.12 -36.20
N PHE A 231 23.73 46.15 -35.80
CA PHE A 231 23.65 46.53 -34.39
C PHE A 231 22.87 45.58 -33.45
N ARG A 232 21.80 44.94 -33.92
CA ARG A 232 21.12 43.99 -33.04
C ARG A 232 22.12 42.85 -32.83
N THR A 233 22.91 42.60 -33.87
CA THR A 233 23.95 41.59 -33.78
C THR A 233 25.00 42.04 -32.75
N PHE A 234 25.34 43.32 -32.76
CA PHE A 234 26.33 43.85 -31.80
C PHE A 234 25.83 43.69 -30.38
N GLU A 235 24.52 43.83 -30.22
CA GLU A 235 23.89 43.70 -28.91
C GLU A 235 24.13 42.28 -28.46
N GLN A 236 24.07 41.35 -29.41
CA GLN A 236 24.34 39.95 -29.08
C GLN A 236 25.80 39.64 -28.74
N VAL A 237 26.71 40.10 -29.60
CA VAL A 237 28.13 39.75 -29.52
C VAL A 237 29.21 40.69 -28.98
N TRP A 238 28.86 41.81 -28.37
CA TRP A 238 29.90 42.76 -27.94
C TRP A 238 30.93 42.17 -26.95
N GLU A 239 30.47 41.36 -26.00
CA GLU A 239 31.35 40.74 -25.01
C GLU A 239 32.33 39.78 -25.66
N GLU A 240 31.82 39.08 -26.67
CA GLU A 240 32.58 38.13 -27.45
C GLU A 240 33.62 38.90 -28.22
N ILE A 241 33.20 40.03 -28.76
CA ILE A 241 34.06 40.92 -29.53
C ILE A 241 35.23 41.35 -28.64
N VAL A 242 34.92 41.64 -27.37
CA VAL A 242 35.94 42.01 -26.42
C VAL A 242 36.91 40.85 -26.24
N THR A 243 36.34 39.66 -26.12
CA THR A 243 37.15 38.46 -25.93
C THR A 243 38.11 38.20 -27.10
N ASP A 244 37.59 38.28 -28.32
CA ASP A 244 38.39 38.05 -29.51
C ASP A 244 39.51 39.06 -29.68
N ILE A 245 39.16 40.33 -29.53
CA ILE A 245 40.14 41.40 -29.72
C ILE A 245 41.25 41.44 -28.63
N LYS A 246 40.90 41.11 -27.39
CA LYS A 246 41.83 41.23 -26.24
C LYS A 246 43.12 40.45 -26.13
N ASP A 247 43.04 39.13 -26.25
CA ASP A 247 44.23 38.29 -26.12
C ASP A 247 45.04 38.22 -27.40
N GLY A 248 44.55 38.91 -28.43
CA GLY A 248 45.22 38.90 -29.71
C GLY A 248 44.86 37.64 -30.45
N VAL A 249 43.82 36.95 -29.97
CA VAL A 249 43.36 35.73 -30.61
C VAL A 249 41.85 35.77 -30.87
N LEU A 250 41.48 35.55 -32.13
CA LEU A 250 40.08 35.60 -32.56
C LEU A 250 39.28 34.38 -32.10
N SER A 251 37.96 34.55 -32.08
CA SER A 251 37.06 33.48 -31.62
C SER A 251 37.23 32.23 -32.47
N ASN A 252 37.10 31.07 -31.82
CA ASN A 252 37.21 29.79 -32.51
C ASN A 252 36.05 29.65 -33.50
N ARG A 253 35.11 30.60 -33.41
CA ARG A 253 33.96 30.68 -34.28
C ARG A 253 34.39 30.84 -35.74
N ILE A 254 35.51 31.51 -35.96
CA ILE A 254 36.00 31.76 -37.32
C ILE A 254 36.91 30.63 -37.80
N THR A 255 36.50 29.94 -38.88
CA THR A 255 37.27 28.81 -39.40
C THR A 255 37.95 28.97 -40.76
N VAL A 256 37.46 29.87 -41.62
CA VAL A 256 38.07 30.04 -42.95
C VAL A 256 39.48 30.59 -42.81
N PRO A 257 40.49 29.87 -43.34
CA PRO A 257 41.89 30.25 -43.22
C PRO A 257 42.31 31.58 -43.85
N SER A 258 41.75 32.04 -44.96
CA SER A 258 42.20 33.32 -45.52
C SER A 258 41.89 34.52 -44.61
N VAL A 259 40.64 34.62 -44.19
CA VAL A 259 40.21 35.67 -43.28
C VAL A 259 40.88 35.50 -41.91
N ARG A 260 40.97 34.26 -41.47
CA ARG A 260 41.59 33.95 -40.18
C ARG A 260 43.06 34.35 -40.21
N THR A 261 43.72 34.06 -41.32
CA THR A 261 45.11 34.39 -41.51
C THR A 261 45.28 35.90 -41.47
N ALA A 262 44.40 36.62 -42.16
CA ALA A 262 44.46 38.07 -42.19
C ALA A 262 44.28 38.66 -40.80
N MET A 263 43.28 38.16 -40.09
CA MET A 263 43.02 38.63 -38.73
C MET A 263 44.21 38.33 -37.83
N SER A 264 44.84 37.18 -38.03
CA SER A 264 46.02 36.82 -37.26
C SER A 264 47.14 37.79 -37.59
N LYS A 265 47.14 38.29 -38.83
CA LYS A 265 48.10 39.31 -39.22
C LYS A 265 47.75 40.60 -38.49
N LEU A 266 46.53 40.63 -37.97
CA LEU A 266 46.01 41.81 -37.29
C LEU A 266 45.85 41.70 -35.76
N LEU A 267 46.43 40.69 -35.11
CA LEU A 267 46.21 40.54 -33.66
C LEU A 267 47.41 40.31 -32.71
N THR A 268 47.44 41.06 -31.60
CA THR A 268 48.42 40.89 -30.50
C THR A 268 47.71 41.22 -29.17
N PRO A 269 48.08 40.53 -28.07
CA PRO A 269 47.39 40.64 -26.76
C PRO A 269 47.37 42.02 -26.09
N ASN A 270 46.16 42.55 -25.87
CA ASN A 270 45.92 43.86 -25.27
C ASN A 270 44.79 43.95 -24.22
N PRO A 271 45.10 43.65 -22.93
CA PRO A 271 44.13 43.66 -21.82
C PRO A 271 43.50 44.98 -21.32
N GLU A 272 44.13 46.15 -21.41
CA GLU A 272 43.52 47.36 -20.81
C GLU A 272 42.18 47.78 -21.40
N LEU A 273 42.13 47.89 -22.72
CA LEU A 273 40.99 48.41 -23.46
C LEU A 273 39.64 47.72 -23.16
N ALA A 274 39.73 46.49 -22.68
CA ALA A 274 38.55 45.69 -22.34
C ALA A 274 37.74 46.37 -21.24
N GLU A 275 38.49 46.96 -20.33
CA GLU A 275 37.92 47.65 -19.20
C GLU A 275 37.07 48.80 -19.76
N THR A 276 37.60 49.46 -20.79
CA THR A 276 36.93 50.58 -21.42
C THR A 276 35.62 50.22 -22.08
N ILE A 277 35.71 49.25 -22.99
CA ILE A 277 34.52 48.84 -23.73
C ILE A 277 33.42 48.32 -22.83
N ARG A 278 33.79 47.51 -21.84
CA ARG A 278 32.76 47.02 -20.95
C ARG A 278 32.13 48.18 -20.17
N THR A 279 32.95 49.14 -19.77
CA THR A 279 32.41 50.26 -19.01
C THR A 279 31.41 51.06 -19.82
N LYS A 280 31.79 51.47 -21.03
CA LYS A 280 30.85 52.28 -21.83
C LYS A 280 29.62 51.50 -22.24
N CYS A 281 29.83 50.28 -22.71
CA CYS A 281 28.74 49.47 -23.22
C CYS A 281 27.70 49.15 -22.17
N MET A 282 28.07 49.22 -20.89
CA MET A 282 27.07 48.94 -19.87
C MET A 282 26.31 50.23 -19.48
N SER A 283 26.85 51.38 -19.88
CA SER A 283 26.27 52.70 -19.55
C SER A 283 25.03 53.16 -20.32
N LEU A 284 24.81 52.60 -21.50
CA LEU A 284 23.72 53.01 -22.38
C LEU A 284 22.31 52.59 -21.95
N SER A 285 21.33 53.28 -22.49
CA SER A 285 19.92 52.97 -22.24
C SER A 285 19.38 52.22 -23.44
N ASN A 286 19.22 50.91 -23.27
CA ASN A 286 18.71 49.97 -24.29
C ASN A 286 19.40 50.20 -25.64
N TRP A 287 20.69 50.55 -25.55
CA TRP A 287 21.52 50.79 -26.72
C TRP A 287 21.03 51.90 -27.65
N TYR A 288 20.39 52.94 -27.10
CA TYR A 288 19.95 54.05 -27.93
C TYR A 288 21.14 54.95 -28.25
N GLY A 289 21.35 55.25 -29.53
CA GLY A 289 22.45 56.09 -29.95
C GLY A 289 23.82 55.43 -29.99
N LEU A 290 23.87 54.16 -30.36
CA LEU A 290 25.13 53.42 -30.42
C LEU A 290 26.10 53.90 -31.45
N ILE A 291 25.62 54.23 -32.63
CA ILE A 291 26.52 54.62 -33.70
C ILE A 291 27.33 55.86 -33.31
N PRO A 292 26.67 56.91 -32.77
CA PRO A 292 27.49 58.05 -32.32
C PRO A 292 28.40 57.59 -31.18
N ALA A 293 28.00 56.57 -30.44
CA ALA A 293 28.84 56.07 -29.36
C ALA A 293 30.12 55.41 -29.88
N LEU A 294 29.99 54.51 -30.86
CA LEU A 294 31.13 53.81 -31.44
C LEU A 294 32.05 54.76 -32.19
N PHE A 295 31.45 55.58 -33.04
CA PHE A 295 32.18 56.55 -33.84
C PHE A 295 31.60 57.90 -33.50
N PRO A 296 32.11 58.53 -32.43
CA PRO A 296 31.61 59.78 -31.85
C PRO A 296 31.61 60.98 -32.77
N ASN A 297 32.40 60.90 -33.82
CA ASN A 297 32.49 62.00 -34.74
C ASN A 297 31.91 61.77 -36.11
N ALA A 298 31.18 60.67 -36.26
CA ALA A 298 30.56 60.42 -37.54
C ALA A 298 29.58 61.56 -37.73
N LYS A 299 29.50 62.07 -38.95
CA LYS A 299 28.58 63.14 -39.23
C LYS A 299 27.27 62.50 -39.63
N TYR A 300 27.34 61.27 -40.12
CA TYR A 300 26.12 60.62 -40.57
C TYR A 300 26.05 59.09 -40.64
N VAL A 301 24.78 58.67 -40.73
CA VAL A 301 24.41 57.31 -40.97
C VAL A 301 23.92 57.38 -42.41
N TYR A 302 24.51 56.58 -43.30
CA TYR A 302 24.15 56.66 -44.70
C TYR A 302 23.42 55.41 -45.17
N GLY A 303 22.30 55.60 -45.85
CA GLY A 303 21.56 54.46 -46.36
C GLY A 303 20.24 54.82 -47.00
N ILE A 304 19.59 53.82 -47.58
CA ILE A 304 18.31 54.03 -48.19
C ILE A 304 17.32 53.96 -47.04
N MET A 305 16.61 55.06 -46.81
CA MET A 305 15.71 55.14 -45.67
C MET A 305 14.24 55.29 -46.01
N THR A 306 13.92 55.42 -47.29
CA THR A 306 12.54 55.65 -47.67
C THR A 306 11.80 54.41 -48.15
N GLY A 307 10.49 54.57 -48.34
CA GLY A 307 9.64 53.49 -48.78
C GLY A 307 9.57 52.34 -47.81
N SER A 308 9.94 51.15 -48.29
CA SER A 308 9.90 49.95 -47.48
C SER A 308 10.98 49.95 -46.40
N MET A 309 11.94 50.87 -46.49
CA MET A 309 12.99 50.95 -45.48
C MET A 309 12.54 51.84 -44.34
N GLU A 310 11.40 52.49 -44.50
CA GLU A 310 10.94 53.41 -43.46
C GLU A 310 10.72 52.77 -42.08
N PRO A 311 10.17 51.54 -42.00
CA PRO A 311 10.00 50.94 -40.67
C PRO A 311 11.29 50.64 -39.93
N TYR A 312 12.37 50.38 -40.66
CA TYR A 312 13.65 50.04 -40.06
C TYR A 312 14.49 51.26 -39.75
N VAL A 313 14.05 52.41 -40.24
CA VAL A 313 14.75 53.66 -39.94
C VAL A 313 14.65 53.91 -38.42
N PRO A 314 13.49 53.65 -37.77
CA PRO A 314 13.39 53.88 -36.32
C PRO A 314 14.27 52.95 -35.49
N LYS A 315 14.30 51.65 -35.78
CA LYS A 315 15.16 50.77 -35.00
C LYS A 315 16.57 51.33 -35.22
N LEU A 316 16.83 51.71 -36.46
CA LEU A 316 18.10 52.31 -36.82
C LEU A 316 18.24 53.68 -36.19
N ARG A 317 17.14 54.44 -36.16
CA ARG A 317 17.20 55.78 -35.59
C ARG A 317 17.58 55.57 -34.14
N HIS A 318 17.01 54.54 -33.54
CA HIS A 318 17.28 54.24 -32.15
C HIS A 318 18.77 53.95 -32.00
N TYR A 319 19.30 53.19 -32.95
CA TYR A 319 20.73 52.90 -32.98
C TYR A 319 21.52 54.16 -33.29
N ALA A 320 20.97 54.99 -34.18
CA ALA A 320 21.64 56.21 -34.61
C ALA A 320 21.42 57.37 -33.65
N GLY A 321 20.46 57.23 -32.75
CA GLY A 321 20.19 58.30 -31.80
C GLY A 321 19.82 59.61 -32.48
N ASP A 322 20.55 60.66 -32.15
CA ASP A 322 20.32 61.99 -32.70
C ASP A 322 21.18 62.25 -33.94
N LEU A 323 22.03 61.29 -34.30
CA LEU A 323 22.87 61.43 -35.48
C LEU A 323 21.97 61.70 -36.68
N PRO A 324 22.32 62.69 -37.51
CA PRO A 324 21.48 62.94 -38.68
C PRO A 324 21.41 61.72 -39.58
N LEU A 325 20.23 61.45 -40.12
CA LEU A 325 20.06 60.31 -41.01
C LEU A 325 20.03 60.79 -42.45
N VAL A 326 20.97 60.32 -43.26
CA VAL A 326 20.99 60.74 -44.66
C VAL A 326 20.63 59.59 -45.60
N SER A 327 19.63 59.86 -46.44
CA SER A 327 19.13 58.86 -47.38
C SER A 327 19.94 58.73 -48.66
N HIS A 328 20.17 57.49 -49.08
CA HIS A 328 20.94 57.23 -50.30
C HIS A 328 20.09 57.32 -51.58
N ASP A 329 20.78 57.41 -52.72
CA ASP A 329 20.19 57.56 -54.04
C ASP A 329 19.47 56.32 -54.59
N TYR A 330 18.88 56.49 -55.77
CA TYR A 330 18.05 55.46 -56.40
C TYR A 330 18.47 54.86 -57.75
N GLY A 331 18.83 53.58 -57.79
CA GLY A 331 19.17 52.94 -59.06
C GLY A 331 19.66 51.50 -58.97
N SER A 332 19.96 50.89 -60.12
CA SER A 332 20.48 49.53 -60.14
C SER A 332 21.08 49.11 -61.47
N SER A 333 21.57 47.87 -61.49
CA SER A 333 22.17 47.29 -62.67
C SER A 333 21.15 47.26 -63.79
N GLU A 334 19.88 47.30 -63.40
CA GLU A 334 18.80 47.34 -64.35
C GLU A 334 18.56 48.79 -64.75
N GLY A 335 19.31 49.70 -64.12
CA GLY A 335 19.26 51.11 -64.45
C GLY A 335 19.32 52.06 -63.28
N TRP A 336 20.15 53.09 -63.44
CA TRP A 336 20.29 54.14 -62.46
C TRP A 336 19.26 55.20 -62.74
N ILE A 337 18.59 55.66 -61.69
CA ILE A 337 17.55 56.66 -61.89
C ILE A 337 17.89 58.01 -61.28
N ALA A 338 17.98 58.07 -59.96
CA ALA A 338 18.16 59.33 -59.26
C ALA A 338 19.28 59.36 -58.22
N ALA A 339 19.72 60.59 -57.92
CA ALA A 339 20.73 60.83 -56.91
C ALA A 339 20.26 61.92 -55.95
N ASN A 340 20.49 61.74 -54.66
CA ASN A 340 20.13 62.79 -53.72
C ASN A 340 21.26 63.81 -53.79
N VAL A 341 20.94 65.04 -54.14
CA VAL A 341 21.95 66.09 -54.17
C VAL A 341 21.75 67.10 -53.05
N THR A 342 20.76 66.82 -52.22
CA THR A 342 20.49 67.60 -51.03
C THR A 342 20.31 66.54 -49.95
N PRO A 343 21.40 65.84 -49.61
CA PRO A 343 21.39 64.73 -48.65
C PRO A 343 21.03 65.13 -47.23
N ARG A 344 21.12 66.42 -46.91
CA ARG A 344 20.83 66.85 -45.54
C ARG A 344 19.36 66.69 -45.18
N LEU A 345 18.51 66.50 -46.20
CA LEU A 345 17.09 66.34 -45.94
C LEU A 345 16.87 65.03 -45.18
N SER A 346 15.95 65.03 -44.22
CA SER A 346 15.66 63.83 -43.44
C SER A 346 14.99 62.82 -44.36
N PRO A 347 15.04 61.53 -43.98
CA PRO A 347 14.48 60.46 -44.83
C PRO A 347 12.99 60.56 -45.16
N GLU A 348 12.16 60.97 -44.20
CA GLU A 348 10.73 61.04 -44.47
C GLU A 348 10.46 62.01 -45.61
N GLU A 349 11.25 63.08 -45.65
CA GLU A 349 11.10 64.11 -46.67
C GLU A 349 12.13 64.00 -47.79
N ALA A 350 13.05 63.03 -47.69
CA ALA A 350 14.10 62.88 -48.68
C ALA A 350 13.60 62.53 -50.08
N THR A 351 14.20 63.19 -51.08
CA THR A 351 13.87 62.96 -52.48
C THR A 351 15.18 62.91 -53.24
N PHE A 352 15.24 62.09 -54.29
CA PHE A 352 16.46 61.93 -55.07
C PHE A 352 16.26 62.38 -56.52
N ALA A 353 17.16 63.22 -57.02
CA ALA A 353 17.07 63.74 -58.39
C ALA A 353 17.77 62.86 -59.41
N VAL A 354 17.12 62.71 -60.56
CA VAL A 354 17.62 61.87 -61.64
C VAL A 354 18.87 62.31 -62.42
N ILE A 355 19.78 61.36 -62.62
CA ILE A 355 21.01 61.59 -63.40
C ILE A 355 20.76 61.08 -64.82
N PRO A 356 20.75 62.00 -65.81
CA PRO A 356 20.36 61.79 -67.21
C PRO A 356 21.17 60.94 -68.21
N ASN A 357 22.44 60.62 -68.03
CA ASN A 357 23.09 59.81 -69.08
C ASN A 357 23.22 58.32 -68.75
N LEU A 358 22.63 57.91 -67.64
CA LEU A 358 22.67 56.52 -67.21
C LEU A 358 21.65 55.66 -67.96
N GLY A 359 20.71 56.34 -68.62
CA GLY A 359 19.71 55.66 -69.43
C GLY A 359 18.70 56.62 -70.02
N TYR A 360 17.78 56.10 -70.84
CA TYR A 360 16.72 56.86 -71.47
C TYR A 360 15.39 56.36 -70.86
N PHE A 361 14.80 57.19 -70.01
CA PHE A 361 13.58 56.86 -69.24
C PHE A 361 12.23 57.47 -69.65
N GLU A 362 11.17 56.65 -69.56
CA GLU A 362 9.79 57.08 -69.88
C GLU A 362 8.84 56.74 -68.72
N PHE A 363 7.76 57.49 -68.55
CA PHE A 363 6.86 57.28 -67.40
C PHE A 363 5.36 57.08 -67.72
N LEU A 364 4.77 56.00 -67.20
CA LEU A 364 3.34 55.75 -67.41
C LEU A 364 2.51 56.26 -66.21
N PRO A 365 1.65 57.27 -66.42
CA PRO A 365 0.85 57.83 -65.33
C PRO A 365 -0.25 56.90 -64.79
N VAL A 366 -0.52 57.00 -63.48
CA VAL A 366 -1.63 56.24 -62.89
C VAL A 366 -2.87 57.13 -62.87
N SER A 367 -2.76 58.29 -63.53
CA SER A 367 -3.83 59.28 -63.55
C SER A 367 -5.01 59.02 -64.49
N GLU A 368 -5.93 58.19 -64.04
CA GLU A 368 -7.20 57.91 -64.70
C GLU A 368 -8.14 57.32 -63.68
N THR A 369 -7.66 56.26 -63.07
CA THR A 369 -8.37 55.44 -62.10
C THR A 369 -7.34 54.41 -61.62
N GLY A 370 -7.57 53.14 -61.88
CA GLY A 370 -6.61 52.11 -61.54
C GLY A 370 -6.78 50.93 -62.47
N GLU A 371 -5.94 50.81 -63.49
CA GLU A 371 -4.78 51.70 -63.72
C GLU A 371 -4.98 52.90 -64.66
N GLY A 372 -5.22 52.64 -65.95
CA GLY A 372 -5.39 53.73 -66.91
C GLY A 372 -4.59 53.60 -68.19
N GLU A 373 -5.26 53.86 -69.32
CA GLU A 373 -4.67 53.69 -70.65
C GLU A 373 -3.98 54.91 -71.27
N GLU A 374 -3.05 55.52 -70.53
CA GLU A 374 -2.32 56.68 -71.03
C GLU A 374 -0.96 56.26 -71.55
N LYS A 375 -0.55 56.85 -72.67
CA LYS A 375 0.75 56.55 -73.28
C LYS A 375 1.84 57.32 -72.55
N PRO A 376 3.08 56.83 -72.62
CA PRO A 376 4.21 57.46 -71.91
C PRO A 376 4.51 58.90 -72.40
N VAL A 377 4.83 59.76 -71.45
CA VAL A 377 5.18 61.14 -71.76
C VAL A 377 6.62 61.34 -71.30
N GLY A 378 7.31 62.35 -71.82
CA GLY A 378 8.71 62.56 -71.54
C GLY A 378 9.10 62.84 -70.09
N LEU A 379 10.39 62.70 -69.80
CA LEU A 379 10.89 62.86 -68.44
C LEU A 379 10.65 64.23 -67.82
N THR A 380 10.91 65.29 -68.56
CA THR A 380 10.68 66.63 -68.05
C THR A 380 9.26 67.06 -68.36
N GLN A 381 8.52 66.15 -68.99
CA GLN A 381 7.13 66.38 -69.33
C GLN A 381 6.24 65.71 -68.29
N VAL A 382 6.89 65.05 -67.33
CA VAL A 382 6.19 64.37 -66.25
C VAL A 382 5.51 65.45 -65.39
N LYS A 383 4.50 65.10 -64.60
CA LYS A 383 3.72 66.10 -63.85
C LYS A 383 3.94 66.13 -62.34
N ILE A 384 4.05 67.35 -61.79
CA ILE A 384 4.32 67.57 -60.37
C ILE A 384 3.24 67.08 -59.39
N GLY A 385 3.68 66.24 -58.45
CA GLY A 385 2.83 65.70 -57.39
C GLY A 385 2.03 64.46 -57.76
N GLU A 386 2.11 64.06 -59.02
CA GLU A 386 1.39 62.89 -59.50
C GLU A 386 2.29 61.66 -59.47
N GLU A 387 1.71 60.47 -59.53
CA GLU A 387 2.49 59.23 -59.49
C GLU A 387 2.51 58.51 -60.83
N TYR A 388 3.70 58.14 -61.29
CA TYR A 388 3.87 57.40 -62.54
C TYR A 388 4.75 56.18 -62.32
N GLU A 389 4.72 55.26 -63.28
CA GLU A 389 5.56 54.09 -63.23
C GLU A 389 6.75 54.31 -64.13
N VAL A 390 7.94 53.99 -63.61
CA VAL A 390 9.17 54.15 -64.37
C VAL A 390 9.33 53.05 -65.42
N VAL A 391 9.70 53.46 -66.62
CA VAL A 391 9.97 52.58 -67.73
C VAL A 391 11.40 52.90 -68.15
N ILE A 392 12.19 51.85 -68.32
CA ILE A 392 13.62 51.98 -68.58
C ILE A 392 14.17 51.53 -69.94
N THR A 393 15.09 52.32 -70.47
CA THR A 393 15.81 51.97 -71.68
C THR A 393 17.28 52.25 -71.42
N ASN A 394 18.12 51.23 -71.39
CA ASN A 394 19.55 51.48 -71.14
C ASN A 394 20.43 50.36 -71.66
N TYR A 395 21.66 50.30 -71.16
CA TYR A 395 22.63 49.31 -71.59
C TYR A 395 22.47 48.00 -70.82
N ALA A 396 21.33 47.83 -70.15
CA ALA A 396 21.08 46.67 -69.32
C ALA A 396 20.08 45.68 -69.91
N GLY A 397 19.95 45.64 -71.22
CA GLY A 397 19.01 44.74 -71.85
C GLY A 397 17.60 45.23 -71.65
N LEU A 398 17.52 46.48 -71.22
CA LEU A 398 16.24 47.09 -70.97
C LEU A 398 15.98 48.20 -71.97
N TYR A 399 14.95 47.99 -72.77
CA TYR A 399 14.52 48.95 -73.76
C TYR A 399 13.02 49.09 -73.58
N ARG A 400 12.58 50.23 -73.06
CA ARG A 400 11.16 50.49 -72.81
C ARG A 400 10.59 49.38 -71.93
N TYR A 401 11.38 48.90 -70.97
CA TYR A 401 10.95 47.80 -70.12
C TYR A 401 10.09 48.21 -68.93
N ARG A 402 9.03 47.44 -68.69
CA ARG A 402 8.14 47.69 -67.56
C ARG A 402 8.67 47.03 -66.29
N LEU A 403 9.29 47.81 -65.41
CA LEU A 403 9.77 47.29 -64.13
C LEU A 403 8.59 47.05 -63.19
N GLY A 404 7.55 47.87 -63.33
CA GLY A 404 6.37 47.77 -62.49
C GLY A 404 6.34 48.46 -61.14
N ASP A 405 6.92 49.67 -61.07
CA ASP A 405 6.96 50.42 -59.81
C ASP A 405 6.49 51.88 -59.92
N VAL A 406 5.76 52.36 -58.92
CA VAL A 406 5.22 53.72 -58.94
C VAL A 406 5.91 54.76 -58.04
N VAL A 407 6.30 55.87 -58.66
CA VAL A 407 7.03 56.96 -58.02
C VAL A 407 6.28 58.30 -58.16
N LYS A 408 6.48 59.22 -57.23
CA LYS A 408 5.78 60.51 -57.30
C LYS A 408 6.73 61.72 -57.37
N VAL A 409 6.48 62.66 -58.27
CA VAL A 409 7.39 63.81 -58.39
C VAL A 409 7.04 64.89 -57.36
N ILE A 410 7.89 65.01 -56.35
CA ILE A 410 7.73 66.05 -55.34
C ILE A 410 8.11 67.45 -55.85
N GLY A 411 9.18 67.54 -56.62
CA GLY A 411 9.64 68.83 -57.12
C GLY A 411 10.70 68.74 -58.19
N PHE A 412 11.34 69.86 -58.50
CA PHE A 412 12.38 69.91 -59.50
C PHE A 412 13.69 70.51 -58.98
N TYR A 413 14.83 69.92 -59.37
CA TYR A 413 16.12 70.53 -59.04
C TYR A 413 16.50 71.12 -60.37
N ASN A 414 16.36 72.43 -60.52
CA ASN A 414 16.64 73.08 -61.79
C ASN A 414 15.69 72.44 -62.80
N ASN A 415 16.21 71.98 -63.93
CA ASN A 415 15.34 71.36 -64.93
C ASN A 415 15.18 69.84 -64.81
N THR A 416 15.79 69.24 -63.79
CA THR A 416 15.67 67.79 -63.61
C THR A 416 14.73 67.53 -62.42
N PRO A 417 13.85 66.53 -62.56
CA PRO A 417 12.82 66.20 -61.57
C PRO A 417 13.28 65.55 -60.25
N GLN A 418 12.49 65.77 -59.21
CA GLN A 418 12.72 65.21 -57.88
C GLN A 418 11.68 64.11 -57.66
N LEU A 419 12.14 62.89 -57.43
CA LEU A 419 11.24 61.74 -57.25
C LEU A 419 11.13 61.21 -55.82
N LYS A 420 9.95 60.69 -55.49
CA LYS A 420 9.62 60.17 -54.16
C LYS A 420 9.14 58.72 -54.24
N PHE A 421 9.51 57.91 -53.24
CA PHE A 421 9.12 56.50 -53.24
C PHE A 421 8.41 56.03 -51.97
N ILE A 422 7.11 55.73 -52.11
CA ILE A 422 6.30 55.21 -51.01
C ILE A 422 5.88 53.79 -51.35
N CYS A 423 6.70 53.15 -52.18
CA CYS A 423 6.47 51.80 -52.67
C CYS A 423 7.08 50.72 -51.78
N ARG A 424 6.71 49.48 -52.02
CA ARG A 424 7.27 48.34 -51.29
C ARG A 424 7.41 47.12 -52.18
N ARG A 425 6.31 46.67 -52.77
CA ARG A 425 6.30 45.45 -53.58
C ARG A 425 5.76 45.69 -55.00
N ASN A 426 6.47 45.22 -56.03
CA ASN A 426 6.02 45.36 -57.42
C ASN A 426 5.07 44.22 -57.62
N LEU A 427 4.05 44.19 -56.76
CA LEU A 427 3.23 43.01 -56.64
C LEU A 427 1.88 42.77 -57.30
N ILE A 428 1.92 41.69 -58.06
CA ILE A 428 0.84 40.86 -58.52
C ILE A 428 1.76 39.65 -58.69
N LEU A 429 1.24 38.44 -58.64
CA LEU A 429 2.12 37.29 -58.79
C LEU A 429 1.57 36.44 -59.90
N SER A 430 2.28 35.37 -60.23
CA SER A 430 1.83 34.47 -61.27
C SER A 430 2.35 33.08 -60.90
N ILE A 431 2.02 32.08 -61.70
CA ILE A 431 2.42 30.71 -61.36
C ILE A 431 3.83 30.36 -61.86
N ASN A 432 4.58 29.82 -60.89
CA ASN A 432 6.00 29.47 -60.90
C ASN A 432 6.38 28.11 -61.51
N ILE A 433 7.65 27.71 -61.34
CA ILE A 433 8.16 26.35 -61.61
C ILE A 433 9.38 26.05 -60.71
N ASP A 434 9.90 27.06 -60.04
CA ASP A 434 11.01 26.85 -59.10
C ASP A 434 10.38 26.50 -57.77
N LYS A 435 9.29 25.74 -57.87
CA LYS A 435 8.48 25.25 -56.74
C LYS A 435 7.76 23.95 -57.13
N ASN A 436 7.30 23.10 -56.20
CA ASN A 436 7.36 23.20 -54.73
C ASN A 436 6.71 24.44 -54.13
N THR A 437 5.37 24.51 -54.13
CA THR A 437 4.60 25.67 -53.65
C THR A 437 5.34 26.56 -52.67
N GLU A 438 5.24 27.89 -52.83
CA GLU A 438 6.00 28.80 -51.99
C GLU A 438 5.76 28.43 -50.53
N ARG A 439 4.56 27.92 -50.27
CA ARG A 439 4.20 27.46 -48.95
C ARG A 439 5.05 26.24 -48.60
N ASP A 440 5.27 25.34 -49.57
CA ASP A 440 6.08 24.15 -49.36
C ASP A 440 7.52 24.50 -49.05
N LEU A 441 8.08 25.43 -49.81
CA LEU A 441 9.46 25.87 -49.61
C LEU A 441 9.68 26.62 -48.30
N GLN A 442 8.78 27.56 -48.01
CA GLN A 442 8.87 28.30 -46.76
C GLN A 442 8.75 27.30 -45.62
N LEU A 443 7.82 26.37 -45.77
CA LEU A 443 7.58 25.31 -44.78
C LEU A 443 8.81 24.44 -44.64
N SER A 444 9.54 24.29 -45.74
CA SER A 444 10.74 23.48 -45.77
C SER A 444 11.84 24.08 -44.94
N VAL A 445 12.11 25.35 -45.19
CA VAL A 445 13.11 26.04 -44.43
C VAL A 445 12.63 26.04 -42.99
N GLU A 446 11.33 26.29 -42.76
CA GLU A 446 10.79 26.35 -41.40
C GLU A 446 11.03 25.06 -40.64
N SER A 447 10.81 23.92 -41.30
CA SER A 447 11.00 22.63 -40.67
C SER A 447 12.46 22.34 -40.36
N ALA A 448 13.33 22.54 -41.34
CA ALA A 448 14.76 22.30 -41.11
C ALA A 448 15.43 23.27 -40.13
N ALA A 449 15.04 24.54 -40.23
CA ALA A 449 15.65 25.64 -39.46
C ALA A 449 15.52 25.56 -37.96
N LYS A 450 14.51 24.87 -37.45
CA LYS A 450 14.38 24.82 -36.00
C LYS A 450 15.48 23.97 -35.38
N ARG A 451 16.09 23.12 -36.21
CA ARG A 451 17.23 22.34 -35.75
C ARG A 451 18.28 23.40 -35.44
N LEU A 452 18.26 24.50 -36.19
CA LEU A 452 19.13 25.63 -35.86
C LEU A 452 18.61 26.32 -34.61
N SER A 453 17.28 26.38 -34.48
CA SER A 453 16.65 27.09 -33.37
C SER A 453 17.08 26.48 -32.05
N GLU A 454 17.57 25.24 -32.10
CA GLU A 454 18.06 24.54 -30.91
C GLU A 454 19.27 25.31 -30.37
N GLU A 455 19.78 26.23 -31.17
CA GLU A 455 21.00 26.96 -30.85
C GLU A 455 20.73 28.43 -30.58
N LYS A 456 19.47 28.77 -30.31
CA LYS A 456 19.06 30.14 -30.01
C LYS A 456 19.16 31.02 -31.26
N ILE A 457 19.47 30.37 -32.38
CA ILE A 457 19.58 31.03 -33.67
C ILE A 457 18.29 30.89 -34.44
N GLU A 458 17.88 31.97 -35.09
CA GLU A 458 16.69 31.98 -35.91
C GLU A 458 17.16 32.18 -37.33
N VAL A 459 16.44 31.63 -38.30
CA VAL A 459 16.85 31.77 -39.69
C VAL A 459 16.28 33.08 -40.21
N ILE A 460 17.15 33.97 -40.66
CA ILE A 460 16.64 35.24 -41.15
C ILE A 460 16.20 35.20 -42.61
N ASP A 461 16.84 34.36 -43.43
CA ASP A 461 16.42 34.26 -44.83
C ASP A 461 16.96 33.05 -45.61
N PHE A 462 16.35 32.78 -46.76
CA PHE A 462 16.70 31.63 -47.59
C PHE A 462 16.39 31.77 -49.09
N SER A 463 16.97 30.87 -49.89
CA SER A 463 16.77 30.83 -51.34
C SER A 463 17.19 29.47 -51.92
N SER A 464 17.05 29.30 -53.23
CA SER A 464 17.38 28.02 -53.87
C SER A 464 17.86 28.14 -55.32
N TYR A 465 18.27 27.02 -55.93
CA TYR A 465 18.75 27.01 -57.32
C TYR A 465 18.65 25.64 -58.01
N ILE A 466 18.35 25.63 -59.31
CA ILE A 466 18.32 24.39 -60.09
C ILE A 466 19.57 24.31 -60.99
N ASP A 467 20.44 23.36 -60.71
CA ASP A 467 21.67 23.18 -61.49
C ASP A 467 21.50 22.04 -62.50
N VAL A 468 21.33 22.37 -63.78
CA VAL A 468 21.16 21.34 -64.80
C VAL A 468 22.36 21.21 -65.76
N SER A 469 23.51 21.71 -65.35
CA SER A 469 24.71 21.46 -66.14
C SER A 469 25.10 20.04 -65.76
N THR A 470 24.69 19.66 -64.54
CA THR A 470 24.99 18.38 -63.91
C THR A 470 24.07 17.19 -64.24
N ASP A 471 24.64 15.99 -64.23
CA ASP A 471 23.86 14.78 -64.48
C ASP A 471 24.02 13.81 -63.29
N PRO A 472 22.91 13.53 -62.58
CA PRO A 472 21.62 14.19 -62.85
C PRO A 472 21.63 15.58 -62.22
N GLY A 473 20.76 16.47 -62.69
CA GLY A 473 20.74 17.83 -62.16
C GLY A 473 20.34 17.82 -60.72
N HIS A 474 20.62 18.91 -60.00
CA HIS A 474 20.29 18.93 -58.58
C HIS A 474 19.84 20.30 -58.09
N TYR A 475 19.29 20.30 -56.88
CA TYR A 475 18.77 21.50 -56.25
C TYR A 475 19.75 22.07 -55.25
N ALA A 476 19.79 23.39 -55.15
CA ALA A 476 20.66 24.02 -54.18
C ALA A 476 19.82 24.91 -53.27
N ILE A 477 19.92 24.72 -51.96
CA ILE A 477 19.18 25.54 -51.01
C ILE A 477 20.14 26.52 -50.34
N PHE A 478 19.77 27.79 -50.32
CA PHE A 478 20.60 28.82 -49.71
C PHE A 478 19.97 29.38 -48.46
N TRP A 479 20.78 29.51 -47.42
CA TRP A 479 20.30 29.92 -46.11
C TRP A 479 21.10 31.01 -45.43
N GLU A 480 20.41 31.98 -44.83
CA GLU A 480 21.12 33.01 -44.07
C GLU A 480 20.74 32.91 -42.60
N ILE A 481 21.73 32.62 -41.76
CA ILE A 481 21.50 32.44 -40.35
C ILE A 481 22.30 33.43 -39.50
N SER A 482 21.95 33.51 -38.22
CA SER A 482 22.53 34.48 -37.29
C SER A 482 23.94 34.18 -36.74
N GLY A 483 24.48 33.00 -37.00
CA GLY A 483 25.80 32.70 -36.48
C GLY A 483 26.52 31.52 -37.11
N GLU A 484 27.81 31.39 -36.81
CA GLU A 484 28.58 30.25 -37.28
C GLU A 484 28.23 29.05 -36.44
N THR A 485 28.01 27.92 -37.10
CA THR A 485 27.70 26.70 -36.37
C THR A 485 28.46 25.53 -36.98
N ASN A 486 28.19 24.34 -36.44
CA ASN A 486 28.81 23.12 -36.91
C ASN A 486 28.09 22.51 -38.11
N GLU A 487 28.82 21.76 -38.92
CA GLU A 487 28.24 21.16 -40.10
C GLU A 487 27.19 20.05 -39.93
N ASP A 488 27.36 19.19 -38.93
CA ASP A 488 26.48 18.03 -38.77
C ASP A 488 25.00 18.44 -38.69
N VAL A 489 24.73 19.52 -37.95
CA VAL A 489 23.36 20.02 -37.86
C VAL A 489 22.92 20.54 -39.23
N LEU A 490 23.81 21.19 -39.99
CA LEU A 490 23.48 21.72 -41.31
C LEU A 490 23.18 20.62 -42.34
N GLN A 491 23.96 19.54 -42.31
CA GLN A 491 23.73 18.41 -43.20
C GLN A 491 22.37 17.83 -42.86
N ASP A 492 22.08 17.82 -41.57
CA ASP A 492 20.80 17.30 -41.13
C ASP A 492 19.74 18.20 -41.77
N CYS A 493 19.99 19.51 -41.78
CA CYS A 493 19.02 20.46 -42.32
C CYS A 493 18.72 20.16 -43.76
N CYS A 494 19.78 19.94 -44.55
CA CYS A 494 19.59 19.68 -45.96
C CYS A 494 18.67 18.50 -46.11
N ASN A 495 18.87 17.52 -45.22
CA ASN A 495 18.02 16.35 -45.30
C ASN A 495 16.58 16.77 -45.03
N CYS A 496 16.38 17.69 -44.09
CA CYS A 496 15.02 18.14 -43.74
C CYS A 496 14.35 18.91 -44.85
N LEU A 497 15.12 19.72 -45.58
CA LEU A 497 14.56 20.46 -46.69
C LEU A 497 14.10 19.45 -47.69
N ASP A 498 14.93 18.44 -47.90
CA ASP A 498 14.59 17.37 -48.83
C ASP A 498 13.32 16.68 -48.38
N ARG A 499 13.22 16.46 -47.09
CA ARG A 499 12.07 15.77 -46.53
C ARG A 499 10.86 16.67 -46.35
N ALA A 500 11.05 17.95 -46.57
CA ALA A 500 9.99 18.91 -46.43
C ALA A 500 9.27 19.09 -47.73
N PHE A 501 9.91 18.68 -48.82
CA PHE A 501 9.27 18.75 -50.10
C PHE A 501 8.38 17.52 -50.01
N ILE A 502 7.23 17.71 -49.37
CA ILE A 502 6.28 16.64 -49.08
C ILE A 502 5.51 16.03 -50.24
N ASP A 503 5.42 16.69 -51.39
CA ASP A 503 4.63 16.13 -52.48
C ASP A 503 5.20 14.78 -52.97
N ALA A 504 4.33 13.96 -53.56
CA ALA A 504 4.67 12.64 -54.10
C ALA A 504 5.64 12.70 -55.28
N GLY A 505 5.65 13.84 -55.96
CA GLY A 505 6.49 13.97 -57.13
C GLY A 505 7.98 14.02 -56.90
N TYR A 506 8.40 14.87 -55.99
CA TYR A 506 9.79 15.06 -55.68
C TYR A 506 10.32 13.72 -55.24
N VAL A 507 9.40 12.99 -54.61
CA VAL A 507 9.66 11.67 -54.09
C VAL A 507 10.03 10.72 -55.16
N SER A 508 9.24 10.86 -56.21
CA SER A 508 9.45 10.02 -57.33
C SER A 508 10.83 10.36 -57.86
N SER A 509 11.16 11.65 -57.99
CA SER A 509 12.48 11.98 -58.60
C SER A 509 13.76 11.63 -57.90
N ARG A 510 13.94 12.21 -56.74
CA ARG A 510 15.14 11.97 -56.02
C ARG A 510 15.25 10.54 -55.53
N LYS A 511 14.13 9.92 -55.17
CA LYS A 511 14.29 8.52 -54.80
C LYS A 511 14.74 7.77 -56.04
N CYS A 512 14.23 8.15 -57.21
CA CYS A 512 14.65 7.53 -58.46
C CYS A 512 16.05 7.98 -58.88
N LYS A 513 16.54 9.10 -58.33
CA LYS A 513 17.89 9.63 -58.59
C LYS A 513 18.03 10.33 -59.94
N THR A 514 16.95 10.41 -60.71
CA THR A 514 17.00 11.07 -62.01
C THR A 514 17.03 12.59 -61.88
N ILE A 515 16.86 13.06 -60.65
CA ILE A 515 17.03 14.46 -60.32
C ILE A 515 17.97 14.28 -59.12
N GLY A 516 19.17 14.83 -59.22
CA GLY A 516 20.23 14.58 -58.26
C GLY A 516 20.04 15.06 -56.84
N ALA A 517 20.90 14.58 -55.95
CA ALA A 517 20.80 14.91 -54.54
C ALA A 517 20.79 16.41 -54.36
N LEU A 518 19.84 16.90 -53.57
CA LEU A 518 19.74 18.32 -53.31
C LEU A 518 21.02 18.77 -52.64
N GLU A 519 21.48 19.95 -53.01
CA GLU A 519 22.68 20.48 -52.41
C GLU A 519 22.35 21.63 -51.50
N LEU A 520 22.73 21.51 -50.25
CA LEU A 520 22.55 22.62 -49.34
C LEU A 520 23.90 23.26 -49.32
N ARG A 521 23.97 24.42 -49.95
CA ARG A 521 25.18 25.19 -49.93
C ARG A 521 24.77 26.29 -48.97
N VAL A 522 25.27 26.24 -47.74
CA VAL A 522 24.88 27.24 -46.76
C VAL A 522 25.69 28.52 -46.93
N VAL A 523 24.96 29.62 -47.02
CA VAL A 523 25.58 30.92 -47.19
C VAL A 523 25.62 31.71 -45.89
N ALA A 524 26.38 32.78 -45.95
CA ALA A 524 26.63 33.63 -44.81
C ALA A 524 25.76 34.89 -44.73
N LYS A 525 25.83 35.58 -43.59
CA LYS A 525 25.04 36.78 -43.30
C LYS A 525 25.25 37.91 -44.29
N GLY A 526 24.16 38.54 -44.70
CA GLY A 526 24.22 39.63 -45.64
C GLY A 526 24.00 39.26 -47.09
N THR A 527 23.76 37.98 -47.38
CA THR A 527 23.48 37.59 -48.75
C THR A 527 22.11 38.10 -49.18
N PHE A 528 21.11 37.77 -48.36
CA PHE A 528 19.75 38.20 -48.59
C PHE A 528 19.63 39.68 -48.25
N ARG A 529 20.49 40.14 -47.34
CA ARG A 529 20.58 41.55 -47.05
C ARG A 529 21.11 42.19 -48.32
N LYS A 530 22.00 41.50 -49.02
CA LYS A 530 22.54 42.02 -50.27
C LYS A 530 21.51 42.11 -51.37
N ILE A 531 20.65 41.09 -51.42
CA ILE A 531 19.58 41.05 -52.40
C ILE A 531 18.58 42.17 -52.15
N GLN A 532 18.20 42.34 -50.88
CA GLN A 532 17.29 43.41 -50.52
C GLN A 532 17.93 44.78 -50.80
N GLU A 533 19.19 44.92 -50.40
CA GLU A 533 19.90 46.18 -50.55
C GLU A 533 19.99 46.56 -52.00
N HIS A 534 20.23 45.59 -52.88
CA HIS A 534 20.27 45.97 -54.27
C HIS A 534 18.90 46.42 -54.73
N PHE A 535 17.91 45.57 -54.45
CA PHE A 535 16.58 45.77 -55.01
C PHE A 535 15.87 47.06 -54.66
N LEU A 536 15.82 47.43 -53.39
CA LEU A 536 15.11 48.67 -53.09
C LEU A 536 15.75 49.91 -53.70
N GLY A 537 17.06 49.91 -53.80
CA GLY A 537 17.76 51.03 -54.38
C GLY A 537 17.53 51.06 -55.88
N LEU A 538 17.11 49.92 -56.44
CA LEU A 538 16.96 49.79 -57.89
C LEU A 538 16.04 50.83 -58.46
N GLY A 539 16.50 51.42 -59.56
CA GLY A 539 15.82 52.53 -60.20
C GLY A 539 14.49 52.17 -60.81
N SER A 540 13.47 52.83 -60.27
CA SER A 540 12.06 52.70 -60.58
C SER A 540 11.36 53.28 -59.37
N SER A 541 10.78 52.42 -58.54
CA SER A 541 10.16 52.85 -57.30
C SER A 541 10.04 51.72 -56.30
N ALA A 542 10.59 51.94 -55.10
CA ALA A 542 10.63 50.99 -53.97
C ALA A 542 9.89 49.63 -54.03
N GLY A 543 9.02 49.41 -55.02
CA GLY A 543 8.30 48.14 -55.10
C GLY A 543 9.27 47.12 -55.65
N GLN A 544 10.22 46.73 -54.82
CA GLN A 544 11.26 45.83 -55.25
C GLN A 544 11.64 44.79 -54.19
N PHE A 545 10.72 44.44 -53.30
CA PHE A 545 11.10 43.52 -52.22
C PHE A 545 10.59 42.10 -52.12
N LYS A 546 9.84 41.62 -53.11
CA LYS A 546 9.46 40.22 -53.02
C LYS A 546 10.62 39.51 -53.68
N MET A 547 11.58 39.07 -52.87
CA MET A 547 12.74 38.36 -53.40
C MET A 547 12.32 37.01 -53.94
N PRO A 548 12.73 36.69 -55.17
CA PRO A 548 12.35 35.37 -55.67
C PRO A 548 13.03 34.28 -54.84
N ARG A 549 12.23 33.32 -54.39
CA ARG A 549 12.70 32.23 -53.53
C ARG A 549 13.55 31.07 -54.09
N CYS A 550 13.31 30.63 -55.31
CA CYS A 550 14.10 29.52 -55.87
C CYS A 550 14.52 29.83 -57.29
N VAL A 551 15.74 29.40 -57.65
CA VAL A 551 16.27 29.76 -58.95
C VAL A 551 16.35 28.72 -60.08
N LYS A 552 15.59 29.02 -61.12
CA LYS A 552 15.61 28.30 -62.39
C LYS A 552 16.84 28.93 -63.03
N PRO A 553 17.52 28.23 -63.96
CA PRO A 553 18.74 28.87 -64.49
C PRO A 553 18.51 30.20 -65.21
N SER A 554 17.61 31.03 -64.68
CA SER A 554 17.34 32.33 -65.25
C SER A 554 17.26 33.48 -64.21
N ASN A 555 17.85 33.29 -63.03
CA ASN A 555 17.92 34.32 -61.98
C ASN A 555 19.40 34.47 -61.64
N ALA A 556 19.92 35.68 -61.70
CA ALA A 556 21.35 35.88 -61.49
C ALA A 556 21.85 36.75 -60.32
N LYS A 557 21.05 37.68 -59.81
CA LYS A 557 21.52 38.52 -58.71
C LYS A 557 21.89 37.65 -57.50
N VAL A 558 20.99 36.76 -57.12
CA VAL A 558 21.26 35.83 -56.03
C VAL A 558 22.38 34.86 -56.46
N LEU A 559 22.36 34.58 -57.76
CA LEU A 559 23.25 33.59 -58.37
C LEU A 559 24.74 33.91 -58.26
N GLN A 560 25.15 35.15 -58.41
CA GLN A 560 26.57 35.45 -58.24
C GLN A 560 26.91 35.26 -56.78
N ILE A 561 25.99 35.68 -55.92
CA ILE A 561 26.17 35.60 -54.48
C ILE A 561 25.83 34.16 -54.06
N LEU A 562 25.92 33.24 -55.00
CA LEU A 562 25.65 31.84 -54.71
C LEU A 562 26.87 31.06 -54.19
N CYS A 563 27.87 30.91 -55.07
CA CYS A 563 29.06 30.07 -54.81
C CYS A 563 30.24 30.31 -53.85
N GLU A 564 30.92 31.45 -53.94
CA GLU A 564 32.16 31.62 -53.15
C GLU A 564 32.03 31.59 -51.63
N ASN A 565 30.93 32.05 -51.08
CA ASN A 565 30.80 31.99 -49.63
C ASN A 565 30.02 30.77 -49.25
N VAL A 566 30.44 29.65 -49.81
CA VAL A 566 29.82 28.43 -49.41
C VAL A 566 30.61 28.33 -48.12
N VAL A 567 29.99 28.80 -47.03
CA VAL A 567 30.60 28.67 -45.72
C VAL A 567 30.72 27.16 -45.55
N SER A 568 29.85 26.47 -46.28
CA SER A 568 29.89 25.03 -46.44
C SER A 568 28.91 24.70 -47.59
N SER A 569 29.10 23.58 -48.27
CA SER A 569 28.18 23.16 -49.33
C SER A 569 28.27 21.64 -49.42
N TYR A 570 27.13 20.95 -49.41
CA TYR A 570 27.19 19.49 -49.40
C TYR A 570 26.22 18.69 -50.26
N PHE A 571 26.60 17.44 -50.49
CA PHE A 571 25.82 16.48 -51.25
C PHE A 571 25.31 15.49 -50.21
N SER A 572 24.01 15.25 -50.21
CA SER A 572 23.38 14.47 -49.15
C SER A 572 23.94 13.06 -49.00
N THR A 573 24.42 12.79 -47.77
CA THR A 573 24.98 11.50 -47.39
C THR A 573 23.84 10.49 -47.27
N ALA A 574 22.62 11.00 -47.13
CA ALA A 574 21.46 10.15 -47.13
C ALA A 574 21.25 9.82 -48.58
N PHE A 575 20.27 8.97 -48.89
CA PHE A 575 20.01 8.63 -50.28
C PHE A 575 21.17 7.86 -50.91
N LEU B 10 -5.38 23.12 -13.24
CA LEU B 10 -4.17 23.41 -13.99
C LEU B 10 -3.19 22.29 -13.70
N PRO B 11 -2.82 21.54 -14.74
CA PRO B 11 -1.93 20.39 -14.61
C PRO B 11 -0.57 20.86 -14.13
N ILE B 12 -0.04 20.27 -13.07
CA ILE B 12 1.27 20.75 -12.63
C ILE B 12 2.36 19.75 -12.92
N LEU B 13 3.36 20.17 -13.69
CA LEU B 13 4.43 19.27 -14.08
C LEU B 13 5.74 19.53 -13.37
N LEU B 14 6.26 18.47 -12.76
CA LEU B 14 7.54 18.53 -12.09
C LEU B 14 8.51 18.07 -13.15
N ASP B 15 9.27 19.03 -13.66
CA ASP B 15 10.20 18.80 -14.77
C ASP B 15 11.62 19.28 -14.53
N TYR B 16 12.53 18.73 -15.33
CA TYR B 16 13.96 19.02 -15.28
C TYR B 16 14.35 19.50 -16.67
N TRP B 17 15.11 20.59 -16.75
CA TRP B 17 15.41 21.20 -18.04
C TRP B 17 16.09 20.23 -19.06
N PRO B 18 17.01 19.35 -18.61
CA PRO B 18 17.60 18.45 -19.60
C PRO B 18 16.98 17.07 -19.56
N SER B 19 15.80 16.93 -18.97
CA SER B 19 15.20 15.61 -18.86
C SER B 19 14.49 15.19 -20.14
N MET B 20 15.10 14.24 -20.86
CA MET B 20 14.56 13.71 -22.12
C MET B 20 13.17 13.16 -21.84
N PHE B 21 13.04 12.68 -20.62
CA PHE B 21 11.81 12.13 -20.07
C PHE B 21 10.81 13.23 -19.73
N GLY B 22 11.31 14.30 -19.11
CA GLY B 22 10.46 15.43 -18.79
C GLY B 22 9.97 15.96 -20.13
N MET B 23 10.85 15.88 -21.12
CA MET B 23 10.51 16.30 -22.47
C MET B 23 9.44 15.40 -23.06
N ARG B 24 9.48 14.12 -22.71
CA ARG B 24 8.46 13.20 -23.19
C ARG B 24 7.11 13.67 -22.67
N ALA B 25 7.11 14.14 -21.42
CA ALA B 25 5.88 14.63 -20.82
C ALA B 25 5.39 15.94 -21.45
N ARG B 26 6.27 16.92 -21.53
CA ARG B 26 5.95 18.24 -22.07
C ARG B 26 5.49 18.14 -23.52
N VAL B 27 6.22 17.35 -24.31
CA VAL B 27 5.88 17.14 -25.70
C VAL B 27 4.52 16.46 -25.78
N ALA B 28 4.26 15.48 -24.92
CA ALA B 28 2.98 14.78 -24.97
C ALA B 28 1.80 15.71 -24.70
N LEU B 29 1.90 16.45 -23.61
CA LEU B 29 0.83 17.37 -23.24
C LEU B 29 0.63 18.50 -24.26
N ARG B 30 1.73 19.13 -24.70
CA ARG B 30 1.61 20.20 -25.69
C ARG B 30 1.06 19.67 -27.00
N GLU B 31 1.39 18.42 -27.31
CA GLU B 31 0.93 17.77 -28.53
C GLU B 31 -0.57 17.65 -28.44
N LYS B 32 -1.04 17.29 -27.26
CA LYS B 32 -2.47 17.11 -27.11
C LYS B 32 -3.30 18.39 -27.19
N GLY B 33 -2.96 19.39 -26.39
CA GLY B 33 -3.68 20.66 -26.43
C GLY B 33 -4.06 21.15 -25.03
N VAL B 34 -3.16 20.92 -24.09
CA VAL B 34 -3.34 21.35 -22.72
C VAL B 34 -2.54 22.59 -22.37
N GLU B 35 -3.09 23.43 -21.51
CA GLU B 35 -2.36 24.58 -21.03
C GLU B 35 -1.94 24.10 -19.64
N PHE B 36 -0.63 24.08 -19.37
CA PHE B 36 -0.13 23.55 -18.11
C PHE B 36 1.06 24.30 -17.55
N GLU B 37 1.39 24.02 -16.29
CA GLU B 37 2.51 24.67 -15.63
C GLU B 37 3.69 23.75 -15.36
N TYR B 38 4.85 24.32 -15.66
CA TYR B 38 6.15 23.70 -15.54
C TYR B 38 6.88 24.18 -14.29
N ARG B 39 7.48 23.25 -13.55
CA ARG B 39 8.29 23.63 -12.42
C ARG B 39 9.66 22.96 -12.55
N GLU B 40 10.71 23.75 -12.57
CA GLU B 40 12.06 23.20 -12.71
C GLU B 40 12.54 22.66 -11.38
N GLU B 41 13.20 21.51 -11.42
CA GLU B 41 13.63 20.90 -10.18
C GLU B 41 15.11 20.95 -9.89
N ASP B 42 15.40 21.21 -8.61
CA ASP B 42 16.76 21.17 -8.13
C ASP B 42 16.74 19.82 -7.49
N PHE B 43 17.31 18.82 -8.14
CA PHE B 43 17.28 17.48 -7.57
C PHE B 43 18.08 17.41 -6.28
N SER B 44 18.85 18.47 -6.01
CA SER B 44 19.56 18.57 -4.76
C SER B 44 18.52 18.86 -3.68
N ASN B 45 17.42 19.51 -4.08
CA ASN B 45 16.33 19.82 -3.16
C ASN B 45 15.00 19.44 -3.79
N LYS B 46 14.72 18.15 -3.85
CA LYS B 46 13.48 17.70 -4.47
C LYS B 46 12.33 18.27 -3.66
N SER B 47 11.44 18.99 -4.35
CA SER B 47 10.33 19.72 -3.75
C SER B 47 9.30 18.89 -2.98
N PRO B 48 8.64 19.53 -2.00
CA PRO B 48 7.66 18.88 -1.11
C PRO B 48 6.51 18.19 -1.84
N LEU B 49 6.06 18.72 -2.97
CA LEU B 49 5.00 18.04 -3.71
C LEU B 49 5.60 16.82 -4.43
N LEU B 50 6.85 16.93 -4.88
CA LEU B 50 7.53 15.81 -5.53
C LEU B 50 7.84 14.70 -4.54
N LEU B 51 8.27 15.05 -3.33
CA LEU B 51 8.60 14.04 -2.33
C LEU B 51 7.34 13.25 -1.92
N GLN B 52 6.18 13.82 -2.19
CA GLN B 52 4.86 13.21 -1.97
C GLN B 52 4.35 12.54 -3.26
N SER B 53 4.84 12.99 -4.40
CA SER B 53 4.45 12.36 -5.65
C SER B 53 5.11 10.98 -5.78
N ASN B 54 6.42 10.94 -5.55
CA ASN B 54 7.21 9.71 -5.57
C ASN B 54 8.27 9.77 -4.48
N PRO B 55 7.90 9.39 -3.25
CA PRO B 55 8.79 9.49 -2.08
C PRO B 55 9.99 8.54 -2.09
N ILE B 56 10.05 7.63 -3.06
CA ILE B 56 11.16 6.69 -3.14
C ILE B 56 12.00 6.87 -4.41
N HIS B 57 11.37 6.85 -5.59
CA HIS B 57 12.12 7.05 -6.83
C HIS B 57 12.64 8.48 -6.80
N LYS B 58 11.74 9.37 -6.42
CA LYS B 58 11.99 10.80 -6.36
C LYS B 58 12.38 11.27 -7.75
N LYS B 59 11.76 10.67 -8.75
CA LYS B 59 12.07 10.98 -10.15
C LYS B 59 10.93 11.67 -10.90
N ILE B 60 11.32 12.43 -11.92
CA ILE B 60 10.42 13.17 -12.78
C ILE B 60 10.45 12.48 -14.15
N PRO B 61 9.55 12.85 -15.09
CA PRO B 61 8.48 13.87 -15.02
C PRO B 61 7.30 13.49 -14.16
N VAL B 62 6.67 14.48 -13.54
CA VAL B 62 5.49 14.21 -12.74
C VAL B 62 4.35 15.17 -13.06
N LEU B 63 3.30 14.66 -13.70
CA LEU B 63 2.16 15.51 -13.99
C LEU B 63 1.15 15.31 -12.87
N VAL B 64 0.62 16.39 -12.33
CA VAL B 64 -0.33 16.27 -11.25
C VAL B 64 -1.68 16.77 -11.72
N HIS B 65 -2.66 15.85 -11.70
CA HIS B 65 -4.04 16.13 -12.09
C HIS B 65 -5.01 15.65 -11.02
N ASN B 66 -6.00 16.47 -10.69
CA ASN B 66 -7.00 16.13 -9.68
C ASN B 66 -6.32 15.88 -8.33
N GLY B 67 -5.12 16.43 -8.17
CA GLY B 67 -4.34 16.27 -6.95
C GLY B 67 -3.82 14.85 -6.87
N LYS B 68 -3.68 14.24 -8.04
CA LYS B 68 -3.19 12.89 -8.15
C LYS B 68 -1.95 12.85 -9.03
N PRO B 69 -0.80 12.51 -8.41
CA PRO B 69 0.50 12.46 -9.08
C PRO B 69 0.57 11.35 -10.12
N VAL B 70 1.02 11.71 -11.32
CA VAL B 70 1.16 10.76 -12.39
C VAL B 70 2.66 10.72 -12.68
N CYS B 71 3.24 9.51 -12.62
CA CYS B 71 4.68 9.33 -12.72
C CYS B 71 5.15 8.46 -13.89
N GLU B 72 6.42 8.62 -14.25
CA GLU B 72 7.12 7.91 -15.33
C GLU B 72 6.71 8.50 -16.67
N SER B 73 7.69 8.78 -17.52
CA SER B 73 7.45 9.46 -18.78
C SER B 73 6.50 8.78 -19.77
N LEU B 74 6.74 7.50 -20.05
CA LEU B 74 5.85 6.79 -20.97
C LEU B 74 4.48 6.64 -20.35
N ASN B 75 4.46 6.43 -19.03
CA ASN B 75 3.21 6.30 -18.33
C ASN B 75 2.51 7.64 -18.50
N VAL B 76 3.25 8.72 -18.29
CA VAL B 76 2.70 10.07 -18.37
C VAL B 76 2.11 10.40 -19.75
N VAL B 77 2.80 10.02 -20.82
CA VAL B 77 2.29 10.29 -22.17
C VAL B 77 1.01 9.49 -22.47
N GLN B 78 0.95 8.22 -22.06
CA GLN B 78 -0.32 7.53 -22.30
C GLN B 78 -1.40 8.10 -21.37
N TYR B 79 -0.97 8.71 -20.27
CA TYR B 79 -1.86 9.40 -19.35
C TYR B 79 -2.42 10.56 -20.13
N VAL B 80 -1.55 11.13 -20.96
CA VAL B 80 -1.88 12.25 -21.81
C VAL B 80 -2.99 11.76 -22.74
N ASP B 81 -2.83 10.58 -23.34
CA ASP B 81 -3.84 10.06 -24.26
C ASP B 81 -5.19 9.84 -23.65
N GLU B 82 -5.21 9.13 -22.52
CA GLU B 82 -6.44 8.83 -21.83
C GLU B 82 -7.13 10.00 -21.12
N ALA B 83 -6.38 11.06 -20.81
CA ALA B 83 -6.91 12.22 -20.09
C ALA B 83 -7.85 13.13 -20.90
N TRP B 84 -7.67 13.14 -22.21
CA TRP B 84 -8.45 13.96 -23.13
C TRP B 84 -8.69 13.16 -24.40
N PRO B 85 -9.49 12.09 -24.33
CA PRO B 85 -9.70 11.23 -25.50
C PRO B 85 -10.73 11.73 -26.50
N GLU B 86 -10.54 12.91 -27.08
CA GLU B 86 -11.47 13.43 -28.07
C GLU B 86 -10.83 14.03 -29.33
N LYS B 87 -9.60 14.50 -29.22
CA LYS B 87 -8.96 15.18 -30.34
C LYS B 87 -7.75 14.50 -30.99
N ASN B 88 -6.61 14.55 -30.31
CA ASN B 88 -5.36 13.99 -30.82
C ASN B 88 -4.95 12.66 -30.21
N PRO B 89 -5.31 11.53 -30.86
CA PRO B 89 -4.87 10.23 -30.34
C PRO B 89 -3.49 9.88 -30.87
N PHE B 90 -2.65 9.27 -30.04
CA PHE B 90 -1.30 8.91 -30.50
C PHE B 90 -1.24 7.50 -31.10
N PHE B 91 -2.11 6.61 -30.64
CA PHE B 91 -2.18 5.25 -31.17
C PHE B 91 -3.15 5.17 -32.33
N PRO B 92 -3.09 4.08 -33.12
CA PRO B 92 -4.08 3.90 -34.18
C PRO B 92 -5.29 3.17 -33.59
N SER B 93 -6.27 2.82 -34.42
CA SER B 93 -7.47 2.14 -33.93
C SER B 93 -7.29 0.69 -33.45
N ASP B 94 -6.38 -0.05 -34.08
CA ASP B 94 -6.19 -1.47 -33.78
C ASP B 94 -5.32 -1.78 -32.55
N PRO B 95 -5.63 -2.89 -31.87
CA PRO B 95 -4.87 -3.34 -30.70
C PRO B 95 -3.43 -3.68 -31.07
N TYR B 96 -3.23 -4.33 -32.22
CA TYR B 96 -1.88 -4.70 -32.66
C TYR B 96 -1.01 -3.48 -32.92
N GLY B 97 -1.59 -2.42 -33.47
CA GLY B 97 -0.84 -1.21 -33.75
C GLY B 97 -0.34 -0.62 -32.44
N ARG B 98 -1.21 -0.68 -31.44
CA ARG B 98 -0.90 -0.21 -30.10
C ARG B 98 0.24 -1.03 -29.53
N ALA B 99 0.17 -2.35 -29.77
CA ALA B 99 1.20 -3.25 -29.29
C ALA B 99 2.55 -2.94 -29.94
N GLN B 100 2.51 -2.57 -31.22
CA GLN B 100 3.71 -2.24 -31.98
C GLN B 100 4.37 -0.98 -31.43
N ALA B 101 3.52 0.01 -31.16
CA ALA B 101 3.97 1.30 -30.64
C ALA B 101 4.56 1.16 -29.24
N ARG B 102 3.89 0.41 -28.38
CA ARG B 102 4.41 0.15 -27.04
C ARG B 102 5.72 -0.64 -27.14
N PHE B 103 5.76 -1.58 -28.07
CA PHE B 103 6.92 -2.44 -28.28
C PHE B 103 8.15 -1.58 -28.57
N TRP B 104 7.97 -0.69 -29.54
CA TRP B 104 9.00 0.23 -29.95
C TRP B 104 9.27 1.21 -28.78
N ALA B 105 8.26 1.52 -27.97
CA ALA B 105 8.50 2.41 -26.83
C ALA B 105 9.48 1.77 -25.85
N ASP B 106 9.29 0.48 -25.65
CA ASP B 106 10.14 -0.30 -24.78
C ASP B 106 11.53 -0.29 -25.40
N PHE B 107 11.55 -0.32 -26.74
CA PHE B 107 12.81 -0.31 -27.47
C PHE B 107 13.60 0.95 -27.18
N VAL B 108 12.94 2.11 -27.26
CA VAL B 108 13.61 3.38 -27.02
C VAL B 108 14.15 3.43 -25.59
N ASP B 109 13.38 2.84 -24.68
CA ASP B 109 13.73 2.87 -23.27
C ASP B 109 14.96 2.05 -22.83
N LYS B 110 15.29 0.98 -23.54
CA LYS B 110 16.40 0.13 -23.09
C LYS B 110 17.80 0.42 -23.68
N LYS B 111 18.24 -0.39 -24.65
CA LYS B 111 19.59 -0.29 -25.20
C LYS B 111 19.89 1.09 -25.76
N PHE B 112 18.87 1.75 -26.28
CA PHE B 112 19.02 3.07 -26.86
C PHE B 112 19.44 4.12 -25.81
N THR B 113 18.69 4.17 -24.71
CA THR B 113 18.97 5.12 -23.63
C THR B 113 20.30 4.86 -22.95
N ASP B 114 20.57 3.59 -22.66
CA ASP B 114 21.82 3.20 -22.03
C ASP B 114 23.01 3.48 -22.95
N ALA B 115 22.85 3.18 -24.23
CA ALA B 115 23.92 3.41 -25.22
C ALA B 115 24.26 4.88 -25.35
N GLN B 116 23.26 5.74 -25.39
CA GLN B 116 23.55 7.16 -25.45
C GLN B 116 24.22 7.57 -24.15
N PHE B 117 23.72 7.00 -23.07
CA PHE B 117 24.23 7.30 -21.74
C PHE B 117 25.72 6.98 -21.72
N LYS B 118 26.10 5.92 -22.44
CA LYS B 118 27.48 5.51 -22.59
C LYS B 118 28.29 6.47 -23.47
N VAL B 119 27.69 6.91 -24.57
CA VAL B 119 28.40 7.78 -25.50
C VAL B 119 28.72 9.15 -24.91
N TRP B 120 27.82 9.76 -24.14
CA TRP B 120 28.09 11.09 -23.60
C TRP B 120 28.44 11.11 -22.12
N GLY B 121 28.16 10.02 -21.40
CA GLY B 121 28.49 9.93 -19.99
C GLY B 121 29.78 9.22 -19.64
N LYS B 122 30.26 8.34 -20.53
CA LYS B 122 31.47 7.55 -20.30
C LYS B 122 32.46 7.62 -21.46
N LYS B 123 33.69 7.16 -21.22
CA LYS B 123 34.76 7.23 -22.21
C LYS B 123 35.60 5.95 -22.32
N GLY B 124 36.34 5.85 -23.42
CA GLY B 124 37.19 4.70 -23.70
C GLY B 124 36.55 3.37 -24.03
N GLU B 125 36.85 2.35 -23.21
CA GLU B 125 36.36 0.99 -23.43
C GLU B 125 34.83 0.94 -23.38
N GLU B 126 34.27 1.66 -22.42
CA GLU B 126 32.83 1.77 -22.28
C GLU B 126 32.26 2.51 -23.49
N GLN B 127 32.99 3.55 -23.86
CA GLN B 127 32.56 4.44 -24.92
C GLN B 127 32.37 3.77 -26.27
N GLU B 128 33.36 3.03 -26.73
CA GLU B 128 33.25 2.37 -28.04
C GLU B 128 32.06 1.40 -28.10
N ALA B 129 31.86 0.66 -27.02
CA ALA B 129 30.76 -0.28 -26.95
C ALA B 129 29.45 0.48 -27.07
N GLY B 130 29.35 1.58 -26.32
CA GLY B 130 28.15 2.40 -26.38
C GLY B 130 27.94 3.00 -27.76
N LYS B 131 29.03 3.32 -28.44
CA LYS B 131 28.96 3.92 -29.78
C LYS B 131 28.42 2.95 -30.83
N LYS B 132 28.96 1.73 -30.86
CA LYS B 132 28.46 0.75 -31.83
C LYS B 132 27.02 0.41 -31.43
N GLU B 133 26.74 0.56 -30.15
CA GLU B 133 25.39 0.32 -29.66
C GLU B 133 24.37 1.33 -30.19
N PHE B 134 24.68 2.63 -30.09
CA PHE B 134 23.75 3.64 -30.61
C PHE B 134 23.68 3.59 -32.14
N ILE B 135 24.79 3.31 -32.83
CA ILE B 135 24.69 3.22 -34.30
C ILE B 135 23.81 2.03 -34.68
N GLU B 136 23.92 0.93 -33.94
CA GLU B 136 23.09 -0.23 -34.22
C GLU B 136 21.63 0.11 -33.97
N ALA B 137 21.37 0.78 -32.84
CA ALA B 137 20.01 1.16 -32.49
C ALA B 137 19.40 2.11 -33.50
N VAL B 138 20.16 3.14 -33.91
CA VAL B 138 19.68 4.09 -34.90
C VAL B 138 19.48 3.34 -36.21
N LYS B 139 20.20 2.23 -36.43
CA LYS B 139 20.02 1.45 -37.67
C LYS B 139 18.73 0.65 -37.73
N ILE B 140 18.45 -0.11 -36.68
CA ILE B 140 17.23 -0.90 -36.60
C ILE B 140 16.10 0.11 -36.67
N LEU B 141 16.38 1.25 -36.06
CA LEU B 141 15.45 2.36 -35.96
C LEU B 141 15.08 2.90 -37.33
N GLU B 142 16.13 3.12 -38.11
CA GLU B 142 16.04 3.59 -39.45
C GLU B 142 15.27 2.62 -40.32
N SER B 143 15.49 1.34 -40.06
CA SER B 143 14.79 0.30 -40.80
C SER B 143 13.29 0.29 -40.50
N GLU B 144 12.93 0.41 -39.23
CA GLU B 144 11.52 0.40 -38.86
C GLU B 144 10.80 1.69 -39.23
N LEU B 145 11.54 2.81 -39.28
CA LEU B 145 10.93 4.07 -39.71
C LEU B 145 10.56 3.83 -41.16
N GLY B 146 11.47 3.18 -41.88
CA GLY B 146 11.23 2.77 -43.23
C GLY B 146 10.83 3.88 -44.18
N ASP B 147 9.67 4.46 -43.92
CA ASP B 147 9.11 5.44 -44.82
C ASP B 147 8.10 6.42 -44.20
N LYS B 148 7.47 5.99 -43.11
CA LYS B 148 6.42 6.75 -42.42
C LYS B 148 6.87 8.13 -41.92
N PRO B 149 5.99 9.14 -41.99
CA PRO B 149 6.38 10.47 -41.52
C PRO B 149 6.67 10.41 -40.03
N TYR B 150 5.96 9.53 -39.37
CA TYR B 150 6.07 9.34 -37.93
C TYR B 150 6.30 7.89 -37.53
N PHE B 151 5.67 7.46 -36.44
CA PHE B 151 5.90 6.12 -35.93
C PHE B 151 4.67 5.37 -35.41
N GLY B 152 3.91 6.03 -34.54
CA GLY B 152 2.80 5.37 -33.85
C GLY B 152 1.45 5.34 -34.54
N GLY B 153 1.33 6.00 -35.69
CA GLY B 153 0.09 6.07 -36.42
C GLY B 153 0.40 6.75 -37.75
N ASP B 154 -0.62 7.14 -38.50
CA ASP B 154 -0.36 7.82 -39.77
C ASP B 154 0.08 9.26 -39.51
N SER B 155 -0.13 9.75 -38.29
CA SER B 155 0.27 11.11 -37.95
C SER B 155 1.16 11.08 -36.70
N PHE B 156 1.33 12.23 -36.04
CA PHE B 156 2.21 12.30 -34.87
C PHE B 156 1.75 11.27 -33.84
N GLY B 157 2.69 10.42 -33.39
CA GLY B 157 2.38 9.33 -32.49
C GLY B 157 2.84 9.36 -31.05
N TYR B 158 2.67 8.22 -30.40
CA TYR B 158 3.08 7.99 -29.00
C TYR B 158 4.59 7.96 -28.84
N VAL B 159 5.18 7.13 -29.68
CA VAL B 159 6.60 6.91 -29.69
C VAL B 159 7.27 8.11 -30.34
N ASP B 160 6.52 8.82 -31.18
CA ASP B 160 7.07 9.99 -31.84
C ASP B 160 7.56 10.90 -30.73
N ILE B 161 6.68 11.01 -29.73
CA ILE B 161 6.93 11.77 -28.52
C ILE B 161 8.08 11.13 -27.77
N SER B 162 8.06 9.81 -27.73
CA SER B 162 9.10 9.11 -26.97
C SER B 162 10.54 9.26 -27.45
N LEU B 163 10.80 9.12 -28.76
CA LEU B 163 12.19 9.26 -29.22
C LEU B 163 12.57 10.62 -29.80
N ILE B 164 11.61 11.49 -30.08
CA ILE B 164 11.98 12.79 -30.65
C ILE B 164 12.84 13.60 -29.69
N THR B 165 12.51 13.52 -28.41
CA THR B 165 13.18 14.31 -27.41
C THR B 165 14.68 14.01 -27.30
N PHE B 166 15.11 12.87 -27.82
CA PHE B 166 16.52 12.50 -27.80
C PHE B 166 17.32 13.30 -28.82
N SER B 167 16.63 13.95 -29.74
CA SER B 167 17.25 14.65 -30.86
C SER B 167 17.81 16.04 -30.57
N SER B 168 17.83 16.45 -29.31
CA SER B 168 18.49 17.70 -28.98
C SER B 168 19.83 17.34 -28.34
N TRP B 169 19.96 16.06 -28.00
CA TRP B 169 21.20 15.51 -27.44
C TRP B 169 22.07 14.93 -28.53
N PHE B 170 21.52 14.88 -29.74
CA PHE B 170 22.25 14.30 -30.85
C PHE B 170 23.54 15.08 -31.02
N GLN B 171 23.47 16.38 -30.77
CA GLN B 171 24.64 17.24 -30.88
C GLN B 171 25.75 16.83 -29.90
N ALA B 172 25.35 16.49 -28.68
CA ALA B 172 26.28 16.06 -27.64
C ALA B 172 26.94 14.73 -28.00
N TYR B 173 26.14 13.85 -28.61
CA TYR B 173 26.62 12.55 -29.04
C TYR B 173 27.60 12.71 -30.19
N GLU B 174 27.27 13.63 -31.09
CA GLU B 174 28.10 13.89 -32.25
C GLU B 174 29.44 14.45 -31.83
N LYS B 175 29.47 15.22 -30.75
CA LYS B 175 30.74 15.84 -30.35
C LYS B 175 31.61 15.02 -29.40
N PHE B 176 31.07 14.55 -28.27
CA PHE B 176 31.91 13.72 -27.39
C PHE B 176 32.25 12.46 -28.16
N GLY B 177 31.27 11.91 -28.86
CA GLY B 177 31.50 10.73 -29.66
C GLY B 177 32.44 11.09 -30.80
N ASN B 178 32.45 12.38 -31.15
CA ASN B 178 33.20 12.97 -32.26
C ASN B 178 32.80 12.27 -33.56
N PHE B 179 31.56 11.78 -33.54
CA PHE B 179 30.95 11.07 -34.64
C PHE B 179 30.13 11.96 -35.56
N SER B 180 29.23 11.32 -36.28
CA SER B 180 28.25 11.95 -37.14
C SER B 180 27.23 10.87 -37.43
N ILE B 181 26.20 10.79 -36.59
CA ILE B 181 25.20 9.72 -36.68
C ILE B 181 24.29 9.80 -37.90
N GLU B 182 24.52 10.78 -38.76
CA GLU B 182 23.67 10.96 -39.92
C GLU B 182 24.19 10.25 -41.18
N SER B 183 25.50 10.17 -41.37
CA SER B 183 26.02 9.48 -42.54
C SER B 183 25.81 7.96 -42.47
N GLU B 184 25.64 7.44 -41.26
CA GLU B 184 25.42 6.02 -41.08
C GLU B 184 23.92 5.74 -41.04
N SER B 185 23.16 6.72 -40.54
CA SER B 185 21.70 6.64 -40.47
C SER B 185 21.11 8.05 -40.43
N PRO B 186 20.87 8.64 -41.60
CA PRO B 186 20.38 10.02 -41.73
C PRO B 186 18.89 10.21 -41.59
N LYS B 187 18.09 9.31 -42.13
CA LYS B 187 16.64 9.47 -42.16
C LYS B 187 16.06 9.66 -40.77
N LEU B 188 16.83 9.25 -39.76
CA LEU B 188 16.41 9.39 -38.37
C LEU B 188 16.49 10.78 -37.75
N ILE B 189 17.69 11.38 -37.73
CA ILE B 189 17.84 12.77 -37.26
C ILE B 189 17.05 13.63 -38.21
N ALA B 190 17.00 13.16 -39.43
CA ALA B 190 16.26 13.83 -40.45
C ALA B 190 14.79 13.90 -40.05
N TRP B 191 14.26 12.74 -39.67
CA TRP B 191 12.87 12.65 -39.25
C TRP B 191 12.73 13.54 -38.01
N ALA B 192 13.81 13.64 -37.23
CA ALA B 192 13.83 14.39 -35.98
C ALA B 192 13.59 15.88 -36.14
N LYS B 193 14.30 16.50 -37.08
CA LYS B 193 14.08 17.93 -37.31
C LYS B 193 12.80 18.06 -38.10
N ARG B 194 12.28 16.94 -38.57
CA ARG B 194 10.96 17.03 -39.16
C ARG B 194 9.98 17.20 -38.01
N CYS B 195 10.17 16.37 -37.00
CA CYS B 195 9.32 16.34 -35.83
C CYS B 195 9.44 17.59 -34.98
N MET B 196 10.45 18.40 -35.25
CA MET B 196 10.62 19.64 -34.51
C MET B 196 9.58 20.70 -34.91
N GLU B 197 8.95 20.53 -36.08
CA GLU B 197 7.95 21.49 -36.57
C GLU B 197 6.64 21.42 -35.80
N LYS B 198 6.47 20.39 -34.97
CA LYS B 198 5.27 20.30 -34.16
C LYS B 198 5.47 21.22 -32.96
N GLU B 199 4.45 22.01 -32.67
CA GLU B 199 4.50 23.00 -31.60
C GLU B 199 4.69 22.33 -30.23
N SER B 200 4.41 21.04 -30.18
CA SER B 200 4.57 20.29 -28.95
C SER B 200 6.01 20.25 -28.46
N VAL B 201 6.93 20.04 -29.39
CA VAL B 201 8.34 19.94 -29.06
C VAL B 201 9.13 21.22 -29.38
N SER B 202 8.54 22.06 -30.22
CA SER B 202 9.19 23.30 -30.63
C SER B 202 9.16 24.35 -29.53
N LYS B 203 8.49 24.04 -28.43
CA LYS B 203 8.40 24.97 -27.31
C LYS B 203 8.70 24.29 -25.98
N SER B 204 8.78 22.96 -25.99
CA SER B 204 9.07 22.20 -24.78
C SER B 204 10.55 21.92 -24.60
N LEU B 205 11.28 21.85 -25.70
CA LEU B 205 12.69 21.47 -25.65
C LEU B 205 13.73 22.59 -25.66
N PRO B 206 14.60 22.58 -24.64
CA PRO B 206 15.69 23.54 -24.45
C PRO B 206 16.76 23.41 -25.52
N ASP B 207 17.62 24.41 -25.57
CA ASP B 207 18.68 24.45 -26.55
C ASP B 207 19.74 23.36 -26.37
N SER B 208 20.19 22.84 -27.51
CA SER B 208 21.19 21.77 -27.59
C SER B 208 22.61 22.16 -27.20
N GLU B 209 22.99 23.42 -27.39
CA GLU B 209 24.32 23.85 -27.02
C GLU B 209 24.40 23.78 -25.50
N LYS B 210 23.29 24.12 -24.85
CA LYS B 210 23.17 24.07 -23.40
C LYS B 210 23.20 22.62 -22.95
N ILE B 211 22.47 21.76 -23.66
CA ILE B 211 22.43 20.34 -23.35
C ILE B 211 23.84 19.73 -23.48
N VAL B 212 24.54 20.13 -24.52
CA VAL B 212 25.89 19.70 -24.78
C VAL B 212 26.75 20.13 -23.62
N ALA B 213 26.51 21.36 -23.17
CA ALA B 213 27.24 21.96 -22.06
C ALA B 213 26.97 21.19 -20.77
N TYR B 214 25.76 20.68 -20.62
CA TYR B 214 25.41 19.90 -19.45
C TYR B 214 26.17 18.58 -19.48
N ALA B 215 26.25 18.01 -20.67
CA ALA B 215 26.96 16.76 -20.87
C ALA B 215 28.43 17.01 -20.54
N ALA B 216 28.89 18.20 -20.93
CA ALA B 216 30.25 18.66 -20.71
C ALA B 216 30.54 18.85 -19.23
N GLU B 217 29.55 19.33 -18.48
CA GLU B 217 29.67 19.54 -17.04
C GLU B 217 29.75 18.18 -16.35
N TYR B 218 28.92 17.27 -16.84
CA TYR B 218 28.87 15.93 -16.30
C TYR B 218 30.22 15.27 -16.52
N ARG B 219 30.75 15.43 -17.72
CA ARG B 219 32.05 14.89 -18.10
C ARG B 219 33.20 15.50 -17.29
N LYS B 220 33.18 16.82 -17.13
CA LYS B 220 34.24 17.51 -16.41
C LYS B 220 34.22 17.07 -14.95
N ASN B 221 33.05 16.72 -14.44
CA ASN B 221 32.95 16.29 -13.04
C ASN B 221 33.42 14.86 -12.78
N ASN B 222 33.40 14.04 -13.82
CA ASN B 222 33.69 12.60 -13.69
C ASN B 222 34.66 11.95 -14.72
N LEU B 223 35.95 12.29 -14.54
CA LEU B 223 37.06 11.83 -15.41
C LEU B 223 38.07 10.97 -14.65
N LEU C 10 -4.82 -21.00 -34.62
CA LEU C 10 -4.75 -20.75 -33.19
C LEU C 10 -3.47 -19.97 -32.88
N PRO C 11 -3.56 -18.98 -31.97
CA PRO C 11 -2.41 -18.12 -31.64
C PRO C 11 -1.21 -18.93 -31.16
N ILE C 12 -0.02 -18.61 -31.67
CA ILE C 12 1.18 -19.36 -31.28
C ILE C 12 2.07 -18.63 -30.28
N LEU C 13 2.26 -19.24 -29.12
CA LEU C 13 3.09 -18.63 -28.09
C LEU C 13 4.48 -19.27 -28.07
N LEU C 14 5.49 -18.43 -28.23
CA LEU C 14 6.87 -18.88 -28.16
C LEU C 14 7.17 -18.56 -26.71
N ASP C 15 7.54 -19.59 -25.96
CA ASP C 15 7.70 -19.47 -24.51
C ASP C 15 8.79 -20.37 -23.93
N TYR C 16 9.09 -20.17 -22.65
CA TYR C 16 10.08 -20.99 -21.97
C TYR C 16 9.43 -21.48 -20.69
N TRP C 17 9.43 -22.79 -20.47
CA TRP C 17 8.67 -23.37 -19.35
C TRP C 17 9.01 -22.83 -17.95
N PRO C 18 10.28 -22.46 -17.67
CA PRO C 18 10.50 -21.95 -16.31
C PRO C 18 10.42 -20.44 -16.23
N SER C 19 10.27 -19.78 -17.39
CA SER C 19 10.26 -18.32 -17.44
C SER C 19 8.96 -17.71 -16.92
N MET C 20 9.10 -16.88 -15.89
CA MET C 20 7.97 -16.21 -15.25
C MET C 20 7.20 -15.30 -16.20
N PHE C 21 7.93 -14.57 -17.02
CA PHE C 21 7.31 -13.65 -17.97
C PHE C 21 6.46 -14.44 -18.98
N GLY C 22 6.97 -15.61 -19.33
CA GLY C 22 6.28 -16.49 -20.26
C GLY C 22 4.99 -16.93 -19.61
N MET C 23 5.10 -17.19 -18.31
CA MET C 23 3.96 -17.60 -17.52
C MET C 23 2.96 -16.47 -17.57
N ARG C 24 3.45 -15.22 -17.60
CA ARG C 24 2.56 -14.06 -17.64
C ARG C 24 1.68 -14.14 -18.87
N ALA C 25 2.31 -14.44 -20.01
CA ALA C 25 1.55 -14.54 -21.27
C ALA C 25 0.50 -15.67 -21.20
N ARG C 26 0.94 -16.81 -20.65
CA ARG C 26 0.04 -17.95 -20.51
C ARG C 26 -1.16 -17.59 -19.63
N VAL C 27 -0.87 -16.82 -18.58
CA VAL C 27 -1.86 -16.39 -17.61
C VAL C 27 -2.91 -15.52 -18.27
N ALA C 28 -2.48 -14.60 -19.13
CA ALA C 28 -3.46 -13.73 -19.76
C ALA C 28 -4.38 -14.55 -20.67
N LEU C 29 -3.79 -15.41 -21.50
CA LEU C 29 -4.67 -16.20 -22.39
C LEU C 29 -5.63 -17.13 -21.64
N ARG C 30 -5.16 -17.79 -20.59
CA ARG C 30 -6.04 -18.68 -19.82
C ARG C 30 -7.10 -17.93 -19.02
N GLU C 31 -6.74 -16.77 -18.49
CA GLU C 31 -7.70 -15.96 -17.73
C GLU C 31 -8.82 -15.53 -18.67
N LYS C 32 -8.46 -15.20 -19.91
CA LYS C 32 -9.46 -14.78 -20.89
C LYS C 32 -10.39 -15.88 -21.40
N GLY C 33 -9.83 -16.93 -21.98
CA GLY C 33 -10.62 -17.99 -22.57
C GLY C 33 -10.18 -18.28 -23.99
N VAL C 34 -9.06 -17.66 -24.37
CA VAL C 34 -8.49 -17.85 -25.69
C VAL C 34 -7.81 -19.23 -25.76
N GLU C 35 -8.01 -19.94 -26.86
CA GLU C 35 -7.43 -21.26 -27.04
C GLU C 35 -6.20 -21.15 -27.93
N PHE C 36 -5.09 -21.76 -27.50
CA PHE C 36 -3.84 -21.58 -28.22
C PHE C 36 -2.93 -22.80 -28.17
N GLU C 37 -1.87 -22.71 -28.96
CA GLU C 37 -0.86 -23.75 -29.04
C GLU C 37 0.42 -23.28 -28.37
N TYR C 38 0.89 -24.05 -27.41
CA TYR C 38 2.12 -23.73 -26.68
C TYR C 38 3.37 -24.23 -27.39
N ARG C 39 4.42 -23.41 -27.40
CA ARG C 39 5.66 -23.80 -28.05
C ARG C 39 6.87 -23.62 -27.14
N GLU C 40 7.67 -24.67 -27.05
CA GLU C 40 8.88 -24.62 -26.25
C GLU C 40 10.05 -24.35 -27.18
N GLU C 41 10.82 -23.32 -26.87
CA GLU C 41 11.99 -22.99 -27.68
C GLU C 41 13.25 -23.48 -27.02
N ASP C 42 14.26 -23.74 -27.84
CA ASP C 42 15.55 -24.09 -27.30
C ASP C 42 16.41 -22.90 -27.67
N PHE C 43 16.74 -22.08 -26.69
CA PHE C 43 17.52 -20.87 -26.96
C PHE C 43 18.90 -21.27 -27.44
N SER C 44 19.17 -22.57 -27.34
CA SER C 44 20.36 -23.16 -27.88
C SER C 44 20.15 -23.33 -29.39
N ASN C 45 18.95 -23.76 -29.77
CA ASN C 45 18.56 -23.96 -31.16
C ASN C 45 17.19 -23.35 -31.45
N LYS C 46 17.13 -22.02 -31.40
CA LYS C 46 15.87 -21.31 -31.60
C LYS C 46 15.26 -21.62 -32.96
N SER C 47 13.95 -21.86 -32.97
CA SER C 47 13.24 -22.17 -34.19
C SER C 47 13.20 -20.97 -35.12
N PRO C 48 13.01 -21.21 -36.44
CA PRO C 48 12.97 -20.11 -37.41
C PRO C 48 11.83 -19.15 -37.12
N LEU C 49 10.83 -19.59 -36.39
CA LEU C 49 9.72 -18.70 -36.04
C LEU C 49 10.13 -17.65 -35.02
N LEU C 50 10.99 -18.04 -34.06
CA LEU C 50 11.48 -17.10 -33.07
C LEU C 50 12.43 -16.12 -33.71
N LEU C 51 13.28 -16.62 -34.62
CA LEU C 51 14.21 -15.77 -35.35
C LEU C 51 13.51 -14.84 -36.35
N GLN C 52 12.41 -15.30 -36.95
CA GLN C 52 11.68 -14.52 -37.93
C GLN C 52 10.65 -13.57 -37.33
N SER C 53 10.26 -13.83 -36.08
CA SER C 53 9.31 -12.95 -35.41
C SER C 53 10.05 -11.81 -34.73
N ASN C 54 11.15 -12.17 -34.09
CA ASN C 54 11.95 -11.24 -33.32
C ASN C 54 13.43 -11.25 -33.72
N PRO C 55 13.76 -10.62 -34.86
CA PRO C 55 15.13 -10.62 -35.38
C PRO C 55 16.12 -9.85 -34.51
N ILE C 56 15.63 -9.11 -33.51
CA ILE C 56 16.53 -8.31 -32.70
C ILE C 56 16.94 -8.95 -31.38
N HIS C 57 15.99 -8.99 -30.46
CA HIS C 57 16.17 -9.58 -29.14
C HIS C 57 16.21 -11.11 -29.07
N LYS C 58 15.42 -11.77 -29.91
CA LYS C 58 15.37 -13.24 -29.95
C LYS C 58 14.86 -13.80 -28.63
N LYS C 59 14.17 -12.93 -27.89
CA LYS C 59 13.60 -13.25 -26.59
C LYS C 59 12.14 -13.69 -26.62
N ILE C 60 11.67 -14.13 -25.46
CA ILE C 60 10.32 -14.65 -25.30
C ILE C 60 9.62 -14.02 -24.08
N PRO C 61 8.28 -14.07 -24.06
CA PRO C 61 7.39 -14.69 -25.05
C PRO C 61 7.10 -13.90 -26.31
N VAL C 62 6.62 -14.60 -27.32
CA VAL C 62 6.19 -13.97 -28.57
C VAL C 62 4.86 -14.62 -28.96
N LEU C 63 3.85 -13.82 -29.26
CA LEU C 63 2.56 -14.39 -29.66
C LEU C 63 2.27 -14.10 -31.12
N VAL C 64 2.03 -15.12 -31.91
CA VAL C 64 1.70 -14.90 -33.30
C VAL C 64 0.21 -15.10 -33.47
N HIS C 65 -0.48 -13.97 -33.62
CA HIS C 65 -1.91 -13.93 -33.85
C HIS C 65 -2.16 -13.06 -35.07
N ASN C 66 -3.08 -13.49 -35.93
CA ASN C 66 -3.45 -12.75 -37.14
C ASN C 66 -2.27 -12.69 -38.12
N GLY C 67 -1.29 -13.57 -37.93
CA GLY C 67 -0.09 -13.56 -38.76
C GLY C 67 0.77 -12.37 -38.39
N LYS C 68 0.55 -11.89 -37.17
CA LYS C 68 1.27 -10.75 -36.62
C LYS C 68 1.86 -11.12 -35.26
N PRO C 69 3.17 -10.88 -35.08
CA PRO C 69 3.87 -11.20 -33.83
C PRO C 69 3.82 -10.11 -32.75
N VAL C 70 3.69 -10.55 -31.50
CA VAL C 70 3.70 -9.66 -30.34
C VAL C 70 4.78 -10.13 -29.37
N CYS C 71 5.86 -9.37 -29.25
CA CYS C 71 6.95 -9.75 -28.36
C CYS C 71 6.87 -9.06 -27.00
N GLU C 72 7.56 -9.65 -26.02
CA GLU C 72 7.65 -9.17 -24.63
C GLU C 72 6.42 -9.65 -23.87
N SER C 73 6.59 -9.98 -22.59
CA SER C 73 5.51 -10.53 -21.78
C SER C 73 4.36 -9.60 -21.39
N LEU C 74 4.67 -8.44 -20.83
CA LEU C 74 3.63 -7.47 -20.47
C LEU C 74 2.98 -6.88 -21.71
N ASN C 75 3.80 -6.66 -22.74
CA ASN C 75 3.33 -6.11 -24.00
C ASN C 75 2.28 -7.08 -24.53
N VAL C 76 2.58 -8.37 -24.35
CA VAL C 76 1.68 -9.43 -24.75
C VAL C 76 0.41 -9.36 -23.90
N VAL C 77 0.54 -9.13 -22.60
CA VAL C 77 -0.64 -9.09 -21.73
C VAL C 77 -1.61 -7.97 -22.13
N GLN C 78 -1.04 -6.81 -22.41
CA GLN C 78 -1.82 -5.66 -22.85
C GLN C 78 -2.39 -5.92 -24.24
N TYR C 79 -1.68 -6.74 -25.02
CA TYR C 79 -2.15 -7.13 -26.35
C TYR C 79 -3.37 -8.04 -26.21
N VAL C 80 -3.34 -8.92 -25.21
CA VAL C 80 -4.43 -9.84 -24.93
C VAL C 80 -5.66 -9.10 -24.40
N ASP C 81 -5.47 -8.16 -23.48
CA ASP C 81 -6.59 -7.38 -22.97
C ASP C 81 -7.20 -6.55 -24.10
N GLU C 82 -6.34 -5.92 -24.90
CA GLU C 82 -6.79 -5.10 -26.03
C GLU C 82 -7.46 -5.90 -27.15
N ALA C 83 -6.96 -7.11 -27.42
CA ALA C 83 -7.53 -8.00 -28.42
C ALA C 83 -8.87 -8.56 -27.99
N TRP C 84 -9.03 -8.82 -26.69
CA TRP C 84 -10.26 -9.40 -26.18
C TRP C 84 -10.89 -8.57 -25.06
N PRO C 85 -11.52 -7.45 -25.44
CA PRO C 85 -12.19 -6.53 -24.51
C PRO C 85 -13.68 -6.85 -24.41
N GLU C 86 -14.03 -8.12 -24.24
CA GLU C 86 -15.44 -8.49 -24.22
C GLU C 86 -15.96 -9.12 -22.92
N LYS C 87 -15.11 -9.86 -22.23
CA LYS C 87 -15.54 -10.61 -21.05
C LYS C 87 -14.83 -10.29 -19.73
N ASN C 88 -13.60 -10.77 -19.59
CA ASN C 88 -12.82 -10.52 -18.40
C ASN C 88 -11.86 -9.35 -18.62
N PRO C 89 -12.26 -8.14 -18.16
CA PRO C 89 -11.38 -6.99 -18.39
C PRO C 89 -10.26 -6.91 -17.35
N PHE C 90 -9.03 -6.86 -17.84
CA PHE C 90 -7.85 -6.76 -16.98
C PHE C 90 -7.61 -5.42 -16.28
N PHE C 91 -7.91 -4.32 -16.95
CA PHE C 91 -7.63 -3.00 -16.37
C PHE C 91 -8.90 -2.34 -15.85
N PRO C 92 -8.75 -1.32 -15.00
CA PRO C 92 -9.97 -0.60 -14.61
C PRO C 92 -10.36 0.30 -15.78
N SER C 93 -11.55 0.88 -15.74
CA SER C 93 -12.02 1.74 -16.82
C SER C 93 -11.29 3.09 -16.89
N ASP C 94 -11.05 3.66 -15.72
CA ASP C 94 -10.41 4.96 -15.60
C ASP C 94 -8.96 5.01 -16.06
N PRO C 95 -8.52 6.18 -16.53
CA PRO C 95 -7.13 6.35 -16.95
C PRO C 95 -6.15 6.17 -15.79
N TYR C 96 -6.48 6.76 -14.65
CA TYR C 96 -5.64 6.74 -13.45
C TYR C 96 -5.45 5.37 -12.81
N GLY C 97 -6.49 4.53 -12.80
CA GLY C 97 -6.36 3.19 -12.22
C GLY C 97 -5.41 2.30 -13.01
N ARG C 98 -5.54 2.34 -14.33
CA ARG C 98 -4.67 1.63 -15.25
C ARG C 98 -3.31 2.27 -15.12
N ALA C 99 -3.31 3.55 -14.82
CA ALA C 99 -2.08 4.31 -14.67
C ALA C 99 -1.24 3.80 -13.52
N GLN C 100 -1.91 3.62 -12.38
CA GLN C 100 -1.27 3.07 -11.21
C GLN C 100 -0.86 1.65 -11.52
N ALA C 101 -1.69 0.96 -12.29
CA ALA C 101 -1.39 -0.43 -12.65
C ALA C 101 -0.10 -0.50 -13.45
N ARG C 102 0.09 0.40 -14.40
CA ARG C 102 1.30 0.41 -15.22
C ARG C 102 2.52 0.78 -14.37
N PHE C 103 2.31 1.71 -13.44
CA PHE C 103 3.37 2.14 -12.53
C PHE C 103 3.86 0.91 -11.76
N TRP C 104 2.91 0.18 -11.20
CA TRP C 104 3.20 -1.04 -10.47
C TRP C 104 3.77 -2.19 -11.30
N ALA C 105 3.30 -2.33 -12.54
CA ALA C 105 3.79 -3.39 -13.40
C ALA C 105 5.26 -3.12 -13.67
N ASP C 106 5.61 -1.85 -13.83
CA ASP C 106 7.01 -1.50 -14.05
C ASP C 106 7.80 -1.80 -12.80
N PHE C 107 7.23 -1.49 -11.63
CA PHE C 107 7.98 -1.71 -10.40
C PHE C 107 8.29 -3.20 -10.18
N VAL C 108 7.31 -4.07 -10.36
CA VAL C 108 7.55 -5.50 -10.22
C VAL C 108 8.53 -5.95 -11.30
N ASP C 109 8.33 -5.41 -12.50
CA ASP C 109 9.17 -5.76 -13.65
C ASP C 109 10.64 -5.44 -13.45
N LYS C 110 10.96 -4.34 -12.78
CA LYS C 110 12.37 -3.96 -12.62
C LYS C 110 12.98 -4.30 -11.26
N LYS C 111 12.79 -3.43 -10.26
CA LYS C 111 13.44 -3.63 -8.96
C LYS C 111 13.10 -4.97 -8.31
N PHE C 112 11.85 -5.40 -8.43
CA PHE C 112 11.46 -6.68 -7.84
C PHE C 112 12.18 -7.82 -8.57
N THR C 113 12.18 -7.74 -9.89
CA THR C 113 12.85 -8.73 -10.73
C THR C 113 14.36 -8.69 -10.55
N ASP C 114 14.90 -7.49 -10.37
CA ASP C 114 16.33 -7.37 -10.15
C ASP C 114 16.70 -8.00 -8.81
N ALA C 115 15.97 -7.62 -7.77
CA ALA C 115 16.24 -8.13 -6.43
C ALA C 115 16.12 -9.65 -6.36
N GLN C 116 15.05 -10.17 -6.97
CA GLN C 116 14.83 -11.62 -6.97
C GLN C 116 15.92 -12.33 -7.75
N PHE C 117 16.32 -11.76 -8.89
CA PHE C 117 17.37 -12.34 -9.73
C PHE C 117 18.65 -12.40 -8.93
N LYS C 118 18.87 -11.39 -8.11
CA LYS C 118 20.03 -11.37 -7.23
C LYS C 118 19.85 -12.40 -6.11
N VAL C 119 18.60 -12.75 -5.82
CA VAL C 119 18.34 -13.80 -4.82
C VAL C 119 18.64 -15.21 -5.36
N TRP C 120 18.12 -15.57 -6.54
CA TRP C 120 18.34 -16.91 -7.08
C TRP C 120 19.59 -17.13 -7.94
N GLY C 121 20.02 -16.12 -8.70
CA GLY C 121 21.17 -16.32 -9.56
C GLY C 121 22.54 -15.87 -9.07
N LYS C 122 22.60 -15.29 -7.87
CA LYS C 122 23.85 -14.73 -7.36
C LYS C 122 24.27 -15.19 -5.95
N LYS C 123 25.53 -14.91 -5.61
CA LYS C 123 26.11 -15.29 -4.32
C LYS C 123 26.71 -14.13 -3.53
N GLY C 124 26.94 -14.37 -2.24
CA GLY C 124 27.54 -13.43 -1.31
C GLY C 124 26.87 -12.12 -0.92
N GLU C 125 27.64 -11.04 -0.99
CA GLU C 125 27.17 -9.70 -0.60
C GLU C 125 25.99 -9.20 -1.40
N GLU C 126 26.02 -9.46 -2.71
CA GLU C 126 24.94 -9.06 -3.60
C GLU C 126 23.69 -9.85 -3.27
N GLN C 127 23.85 -11.09 -2.82
CA GLN C 127 22.70 -11.89 -2.44
C GLN C 127 22.07 -11.30 -1.19
N GLU C 128 22.87 -10.93 -0.19
CA GLU C 128 22.34 -10.32 1.04
C GLU C 128 21.66 -8.99 0.72
N ALA C 129 22.31 -8.18 -0.10
CA ALA C 129 21.78 -6.88 -0.48
C ALA C 129 20.46 -7.13 -1.19
N GLY C 130 20.48 -8.07 -2.12
CA GLY C 130 19.32 -8.45 -2.92
C GLY C 130 18.20 -8.95 -2.03
N LYS C 131 18.55 -9.62 -0.94
CA LYS C 131 17.59 -10.12 0.04
C LYS C 131 16.90 -8.95 0.74
N LYS C 132 17.70 -8.00 1.22
CA LYS C 132 17.17 -6.83 1.90
C LYS C 132 16.25 -6.06 0.95
N GLU C 133 16.67 -6.00 -0.29
CA GLU C 133 15.90 -5.35 -1.33
C GLU C 133 14.61 -6.09 -1.60
N PHE C 134 14.68 -7.43 -1.61
CA PHE C 134 13.49 -8.23 -1.87
C PHE C 134 12.47 -8.10 -0.75
N ILE C 135 12.92 -8.16 0.50
CA ILE C 135 12.00 -8.03 1.64
C ILE C 135 11.41 -6.62 1.70
N GLU C 136 12.20 -5.60 1.38
CA GLU C 136 11.60 -4.27 1.36
C GLU C 136 10.61 -4.18 0.20
N ALA C 137 10.94 -4.78 -0.94
CA ALA C 137 10.07 -4.73 -2.12
C ALA C 137 8.73 -5.43 -1.87
N VAL C 138 8.78 -6.56 -1.17
CA VAL C 138 7.57 -7.29 -0.80
C VAL C 138 6.81 -6.43 0.22
N LYS C 139 7.55 -5.67 1.03
CA LYS C 139 6.94 -4.76 2.00
C LYS C 139 6.16 -3.66 1.29
N ILE C 140 6.75 -3.10 0.24
CA ILE C 140 6.13 -2.05 -0.56
C ILE C 140 4.92 -2.57 -1.32
N LEU C 141 5.01 -3.81 -1.81
CA LEU C 141 3.89 -4.41 -2.50
C LEU C 141 2.76 -4.55 -1.51
N GLU C 142 3.08 -5.14 -0.38
CA GLU C 142 2.13 -5.39 0.69
C GLU C 142 1.45 -4.10 1.16
N SER C 143 2.22 -3.02 1.23
CA SER C 143 1.70 -1.71 1.60
C SER C 143 0.82 -1.07 0.53
N GLU C 144 1.23 -1.18 -0.74
CA GLU C 144 0.45 -0.58 -1.82
C GLU C 144 -0.92 -1.19 -1.85
N LEU C 145 -1.00 -2.51 -1.68
CA LEU C 145 -2.29 -3.12 -1.73
C LEU C 145 -3.10 -2.61 -0.56
N GLY C 146 -2.43 -2.00 0.42
CA GLY C 146 -3.11 -1.54 1.63
C GLY C 146 -3.43 -2.84 2.33
N ASP C 147 -4.12 -3.67 1.56
CA ASP C 147 -4.52 -5.07 1.73
C ASP C 147 -5.69 -5.27 0.78
N LYS C 148 -5.30 -5.51 -0.48
CA LYS C 148 -6.12 -5.64 -1.69
C LYS C 148 -6.11 -7.09 -2.18
N PRO C 149 -7.28 -7.68 -2.49
CA PRO C 149 -7.25 -9.10 -2.88
C PRO C 149 -6.44 -9.37 -4.13
N TYR C 150 -6.60 -8.48 -5.10
CA TYR C 150 -5.91 -8.56 -6.38
C TYR C 150 -5.14 -7.26 -6.60
N PHE C 151 -4.86 -6.94 -7.85
CA PHE C 151 -4.08 -5.75 -8.18
C PHE C 151 -4.57 -4.88 -9.35
N GLY C 152 -5.25 -5.49 -10.31
CA GLY C 152 -5.65 -4.74 -11.51
C GLY C 152 -7.10 -4.45 -11.80
N GLY C 153 -8.00 -4.88 -10.93
CA GLY C 153 -9.43 -4.64 -11.12
C GLY C 153 -10.22 -5.36 -10.07
N ASP C 154 -11.55 -5.24 -10.09
CA ASP C 154 -12.39 -5.90 -9.09
C ASP C 154 -12.17 -7.42 -9.08
N SER C 155 -11.65 -7.94 -10.18
CA SER C 155 -11.35 -9.37 -10.29
C SER C 155 -9.85 -9.55 -10.46
N PHE C 156 -9.44 -10.57 -11.20
CA PHE C 156 -8.01 -10.77 -11.41
C PHE C 156 -7.55 -9.67 -12.35
N GLY C 157 -6.48 -8.99 -11.94
CA GLY C 157 -6.02 -7.84 -12.69
C GLY C 157 -4.69 -7.93 -13.43
N TYR C 158 -4.33 -6.82 -14.06
CA TYR C 158 -3.13 -6.69 -14.88
C TYR C 158 -1.78 -7.01 -14.21
N VAL C 159 -1.45 -6.31 -13.13
CA VAL C 159 -0.20 -6.53 -12.48
C VAL C 159 -0.36 -7.72 -11.53
N ASP C 160 -1.58 -8.21 -11.36
CA ASP C 160 -1.78 -9.44 -10.62
C ASP C 160 -1.09 -10.47 -11.50
N ILE C 161 -1.36 -10.37 -12.79
CA ILE C 161 -0.78 -11.25 -13.79
C ILE C 161 0.73 -11.03 -13.84
N SER C 162 1.14 -9.77 -13.77
CA SER C 162 2.58 -9.47 -13.88
C SER C 162 3.39 -10.07 -12.73
N LEU C 163 2.86 -9.98 -11.51
CA LEU C 163 3.54 -10.49 -10.33
C LEU C 163 3.34 -11.98 -9.98
N ILE C 164 2.17 -12.53 -10.30
CA ILE C 164 1.82 -13.89 -9.88
C ILE C 164 2.80 -14.96 -10.34
N THR C 165 3.42 -14.76 -11.50
CA THR C 165 4.35 -15.74 -12.02
C THR C 165 5.57 -15.89 -11.13
N PHE C 166 5.80 -14.91 -10.28
CA PHE C 166 6.92 -14.94 -9.37
C PHE C 166 6.56 -15.81 -8.15
N SER C 167 5.27 -16.14 -8.04
CA SER C 167 4.78 -16.98 -6.95
C SER C 167 5.25 -18.42 -7.14
N SER C 168 5.60 -18.74 -8.38
CA SER C 168 6.10 -20.06 -8.70
C SER C 168 7.56 -20.13 -8.28
N TRP C 169 8.15 -18.94 -8.11
CA TRP C 169 9.54 -18.80 -7.69
C TRP C 169 9.67 -18.40 -6.22
N PHE C 170 8.54 -18.22 -5.53
CA PHE C 170 8.58 -17.89 -4.11
C PHE C 170 9.31 -18.98 -3.35
N GLN C 171 9.15 -20.23 -3.79
CA GLN C 171 9.83 -21.35 -3.16
C GLN C 171 11.33 -21.26 -3.39
N ALA C 172 11.73 -20.90 -4.61
CA ALA C 172 13.13 -20.76 -4.98
C ALA C 172 13.82 -19.67 -4.15
N TYR C 173 13.10 -18.58 -3.93
CA TYR C 173 13.61 -17.47 -3.12
C TYR C 173 13.59 -17.82 -1.63
N GLU C 174 12.57 -18.58 -1.22
CA GLU C 174 12.48 -18.98 0.19
C GLU C 174 13.69 -19.85 0.48
N LYS C 175 14.01 -20.78 -0.42
CA LYS C 175 15.18 -21.64 -0.25
C LYS C 175 16.56 -20.99 -0.43
N PHE C 176 16.78 -20.25 -1.51
CA PHE C 176 18.07 -19.61 -1.76
C PHE C 176 18.34 -18.38 -0.91
N GLY C 177 17.31 -17.57 -0.71
CA GLY C 177 17.43 -16.35 0.06
C GLY C 177 17.31 -16.61 1.55
N ASN C 178 16.90 -17.82 1.90
CA ASN C 178 16.79 -18.24 3.28
C ASN C 178 15.84 -17.37 4.10
N PHE C 179 14.84 -16.81 3.42
CA PHE C 179 13.85 -15.95 4.08
C PHE C 179 12.45 -16.48 3.96
N SER C 180 11.59 -16.07 4.88
CA SER C 180 10.20 -16.48 4.79
C SER C 180 9.45 -15.22 4.39
N ILE C 181 8.90 -15.24 3.18
CA ILE C 181 8.11 -14.12 2.66
C ILE C 181 6.68 -14.33 3.15
N GLU C 182 6.47 -15.39 3.91
CA GLU C 182 5.15 -15.67 4.49
C GLU C 182 5.17 -15.26 5.96
N SER C 183 6.27 -15.51 6.64
CA SER C 183 6.39 -15.09 8.02
C SER C 183 6.44 -13.57 8.07
N GLU C 184 7.10 -12.98 7.09
CA GLU C 184 7.25 -11.53 7.03
C GLU C 184 6.15 -10.86 6.22
N SER C 185 5.58 -11.59 5.26
CA SER C 185 4.48 -11.08 4.46
C SER C 185 3.52 -12.18 4.07
N PRO C 186 2.75 -12.71 5.04
CA PRO C 186 1.87 -13.84 4.72
C PRO C 186 0.87 -13.45 3.65
N LYS C 187 0.58 -12.16 3.60
CA LYS C 187 -0.42 -11.56 2.73
C LYS C 187 -0.11 -11.66 1.24
N LEU C 188 1.14 -11.48 0.86
CA LEU C 188 1.57 -11.59 -0.54
C LEU C 188 1.67 -13.03 -1.05
N ILE C 189 2.26 -13.90 -0.22
CA ILE C 189 2.40 -15.31 -0.59
C ILE C 189 1.00 -15.90 -0.68
N ALA C 190 0.18 -15.57 0.31
CA ALA C 190 -1.20 -16.00 0.36
C ALA C 190 -2.04 -15.33 -0.72
N TRP C 191 -1.60 -14.16 -1.18
CA TRP C 191 -2.27 -13.48 -2.29
C TRP C 191 -2.09 -14.40 -3.47
N ALA C 192 -0.87 -14.92 -3.55
CA ALA C 192 -0.54 -15.84 -4.61
C ALA C 192 -1.31 -17.15 -4.48
N LYS C 193 -1.36 -17.72 -3.28
CA LYS C 193 -2.08 -18.97 -3.04
C LYS C 193 -3.60 -18.81 -3.21
N ARG C 194 -4.10 -17.59 -3.17
CA ARG C 194 -5.51 -17.38 -3.50
C ARG C 194 -5.59 -17.46 -4.99
N CYS C 195 -4.69 -16.74 -5.65
CA CYS C 195 -4.67 -16.74 -7.10
C CYS C 195 -4.45 -18.15 -7.65
N MET C 196 -3.94 -19.03 -6.81
CA MET C 196 -3.66 -20.42 -7.15
C MET C 196 -4.91 -21.28 -7.34
N GLU C 197 -6.06 -20.78 -6.88
CA GLU C 197 -7.30 -21.52 -7.05
C GLU C 197 -7.78 -21.38 -8.49
N LYS C 198 -7.24 -20.39 -9.19
CA LYS C 198 -7.62 -20.14 -10.57
C LYS C 198 -6.79 -20.99 -11.50
N GLU C 199 -7.41 -21.51 -12.56
CA GLU C 199 -6.71 -22.36 -13.52
C GLU C 199 -5.63 -21.59 -14.24
N SER C 200 -5.80 -20.27 -14.32
CA SER C 200 -4.82 -19.41 -14.97
C SER C 200 -3.51 -19.50 -14.18
N VAL C 201 -3.63 -19.84 -12.90
CA VAL C 201 -2.47 -20.03 -12.06
C VAL C 201 -2.35 -21.52 -11.69
N SER C 202 -3.49 -22.22 -11.70
CA SER C 202 -3.47 -23.65 -11.38
C SER C 202 -2.98 -24.54 -12.53
N LYS C 203 -2.78 -23.97 -13.71
CA LYS C 203 -2.29 -24.76 -14.85
C LYS C 203 -1.13 -24.15 -15.64
N SER C 204 -0.85 -22.86 -15.46
CA SER C 204 0.20 -22.19 -16.24
C SER C 204 1.59 -22.10 -15.59
N LEU C 205 1.62 -21.90 -14.28
CA LEU C 205 2.87 -21.79 -13.54
C LEU C 205 3.34 -23.20 -13.23
N PRO C 206 4.48 -23.60 -13.80
CA PRO C 206 4.99 -24.97 -13.63
C PRO C 206 5.24 -25.26 -12.17
N ASP C 207 5.38 -26.53 -11.83
CA ASP C 207 5.54 -26.91 -10.44
C ASP C 207 6.75 -26.22 -9.83
N SER C 208 6.59 -25.77 -8.59
CA SER C 208 7.62 -25.04 -7.89
C SER C 208 8.84 -25.92 -7.68
N GLU C 209 8.61 -27.22 -7.63
CA GLU C 209 9.71 -28.17 -7.47
C GLU C 209 10.62 -28.14 -8.69
N LYS C 210 10.01 -28.06 -9.87
CA LYS C 210 10.75 -28.04 -11.11
C LYS C 210 11.57 -26.76 -11.19
N ILE C 211 10.94 -25.63 -10.88
CA ILE C 211 11.64 -24.36 -10.92
C ILE C 211 12.80 -24.31 -9.95
N VAL C 212 12.57 -24.83 -8.75
CA VAL C 212 13.59 -24.81 -7.72
C VAL C 212 14.82 -25.60 -8.17
N ALA C 213 14.57 -26.80 -8.71
CA ALA C 213 15.66 -27.62 -9.22
C ALA C 213 16.33 -26.96 -10.41
N TYR C 214 15.55 -26.22 -11.19
CA TYR C 214 16.07 -25.54 -12.37
C TYR C 214 16.99 -24.36 -12.04
N ALA C 215 16.54 -23.49 -11.13
CA ALA C 215 17.34 -22.33 -10.72
C ALA C 215 18.60 -22.79 -10.05
N ALA C 216 18.49 -23.88 -9.30
CA ALA C 216 19.66 -24.44 -8.64
C ALA C 216 20.62 -24.98 -9.69
N GLU C 217 20.05 -25.62 -10.71
CA GLU C 217 20.83 -26.19 -11.80
C GLU C 217 21.55 -25.08 -12.59
N TYR C 218 20.92 -23.92 -12.66
CA TYR C 218 21.52 -22.75 -13.30
C TYR C 218 22.71 -22.37 -12.45
N ARG C 219 22.49 -22.38 -11.14
CA ARG C 219 23.55 -22.05 -10.20
C ARG C 219 24.72 -23.03 -10.38
N LYS C 220 24.40 -24.25 -10.84
CA LYS C 220 25.42 -25.26 -11.12
C LYS C 220 26.23 -24.89 -12.35
N ASN C 221 25.55 -24.49 -13.42
CA ASN C 221 26.23 -24.16 -14.67
C ASN C 221 27.16 -22.93 -14.68
N ASN C 222 26.74 -21.85 -14.05
CA ASN C 222 27.54 -20.62 -14.05
C ASN C 222 28.13 -20.20 -12.71
N LEU C 223 29.38 -19.75 -12.74
CA LEU C 223 30.07 -19.28 -11.53
C LEU C 223 30.24 -17.77 -11.55
N THR D 7 7.24 11.51 16.32
CA THR D 7 7.80 12.12 17.51
C THR D 7 6.76 12.98 18.21
N PHE D 8 6.46 12.61 19.44
CA PHE D 8 5.44 13.27 20.24
C PHE D 8 5.72 14.73 20.63
N ASP D 9 4.68 15.54 20.54
CA ASP D 9 4.66 16.91 21.01
C ASP D 9 3.19 17.17 21.23
N MET D 10 2.88 18.18 22.03
CA MET D 10 1.49 18.46 22.37
C MET D 10 0.75 19.42 21.45
N ASN D 11 1.26 20.64 21.31
CA ASN D 11 0.60 21.68 20.52
C ASN D 11 0.43 21.35 19.03
N ARG D 12 1.47 20.79 18.43
CA ARG D 12 1.43 20.43 17.02
C ARG D 12 0.46 19.29 16.76
N VAL D 13 0.43 18.30 17.65
CA VAL D 13 -0.45 17.16 17.48
C VAL D 13 -1.93 17.58 17.55
N ILE D 14 -2.28 18.37 18.56
CA ILE D 14 -3.65 18.81 18.71
C ILE D 14 -3.99 19.70 17.52
N ASP D 15 -3.06 20.53 17.07
CA ASP D 15 -3.34 21.41 15.94
C ASP D 15 -3.64 20.62 14.67
N GLU D 16 -2.84 19.60 14.39
CA GLU D 16 -3.13 18.78 13.22
C GLU D 16 -4.48 18.13 13.41
N PHE D 17 -4.77 17.72 14.64
CA PHE D 17 -6.06 17.10 14.96
C PHE D 17 -7.24 18.05 14.76
N ASP D 18 -7.09 19.30 15.17
CA ASP D 18 -8.11 20.34 15.05
C ASP D 18 -8.34 20.67 13.58
N GLU D 19 -7.23 20.83 12.86
CA GLU D 19 -7.25 21.13 11.44
C GLU D 19 -7.98 19.96 10.77
N MET D 20 -7.71 18.76 11.27
CA MET D 20 -8.27 17.52 10.77
C MET D 20 -9.79 17.42 11.00
N THR D 21 -10.21 17.83 12.19
CA THR D 21 -11.61 17.82 12.57
C THR D 21 -12.41 18.81 11.77
N ARG D 22 -11.79 19.92 11.44
CA ARG D 22 -12.49 20.93 10.66
C ARG D 22 -12.44 20.56 9.18
N ASN D 23 -11.50 19.68 8.85
CA ASN D 23 -11.35 19.16 7.49
C ASN D 23 -12.13 17.86 7.41
N ALA D 24 -12.99 17.64 8.40
CA ALA D 24 -13.66 16.35 8.62
C ALA D 24 -14.19 15.72 7.35
N HIS D 25 -14.84 16.53 6.53
CA HIS D 25 -15.40 16.04 5.29
C HIS D 25 -14.32 15.59 4.30
N GLN D 26 -13.30 16.42 4.11
CA GLN D 26 -12.23 16.08 3.17
C GLN D 26 -11.48 14.83 3.55
N VAL D 27 -11.10 14.76 4.81
CA VAL D 27 -10.38 13.61 5.32
C VAL D 27 -11.29 12.37 5.22
N GLN D 28 -12.58 12.53 5.50
CA GLN D 28 -13.50 11.39 5.40
C GLN D 28 -13.59 10.89 3.97
N LYS D 29 -13.81 11.82 3.05
CA LYS D 29 -13.94 11.55 1.63
C LYS D 29 -12.65 11.01 1.01
N GLN D 30 -11.54 11.60 1.42
CA GLN D 30 -10.24 11.18 0.98
C GLN D 30 -10.00 9.80 1.54
N THR D 31 -10.48 9.56 2.76
CA THR D 31 -10.35 8.26 3.38
C THR D 31 -11.10 7.23 2.54
N LEU D 32 -12.26 7.61 2.01
CA LEU D 32 -13.01 6.67 1.19
C LEU D 32 -12.19 6.38 -0.06
N LYS D 33 -11.55 7.42 -0.58
CA LYS D 33 -10.72 7.21 -1.77
C LYS D 33 -9.61 6.27 -1.37
N GLU D 34 -8.93 6.55 -0.28
CA GLU D 34 -7.78 5.76 0.15
C GLU D 34 -8.04 4.28 0.40
N ILE D 35 -9.05 3.94 1.19
CA ILE D 35 -9.31 2.52 1.42
C ILE D 35 -9.78 1.84 0.14
N LEU D 36 -10.67 2.47 -0.60
CA LEU D 36 -11.10 1.83 -1.86
C LEU D 36 -9.98 1.79 -2.93
N LEU D 37 -9.20 2.84 -3.04
CA LEU D 37 -8.09 2.90 -3.99
C LEU D 37 -7.09 1.81 -3.71
N LYS D 38 -6.71 1.68 -2.44
CA LYS D 38 -5.75 0.66 -2.07
C LYS D 38 -6.38 -0.71 -2.30
N ASN D 39 -7.70 -0.75 -2.27
CA ASN D 39 -8.46 -1.99 -2.32
C ASN D 39 -9.49 -2.13 -3.44
N GLN D 40 -9.25 -1.47 -4.57
CA GLN D 40 -10.23 -1.47 -5.67
C GLN D 40 -10.51 -2.87 -6.23
N SER D 41 -9.64 -3.82 -5.92
CA SER D 41 -9.75 -5.18 -6.42
C SER D 41 -10.71 -6.07 -5.64
N ALA D 42 -11.35 -5.52 -4.61
CA ALA D 42 -12.24 -6.36 -3.82
C ALA D 42 -13.33 -7.03 -4.67
N ILE D 43 -13.45 -8.34 -4.51
CA ILE D 43 -14.43 -9.14 -5.27
C ILE D 43 -15.85 -8.78 -4.88
N TYR D 44 -16.02 -8.32 -3.64
CA TYR D 44 -17.31 -7.87 -3.14
C TYR D 44 -17.74 -6.70 -4.00
N LEU D 45 -16.77 -5.87 -4.34
CA LEU D 45 -16.95 -4.71 -5.20
C LEU D 45 -17.31 -5.13 -6.64
N GLN D 46 -16.76 -6.26 -7.09
CA GLN D 46 -17.05 -6.76 -8.44
C GLN D 46 -18.53 -7.06 -8.55
N ASN D 47 -19.07 -7.68 -7.50
CA ASN D 47 -20.48 -8.03 -7.46
C ASN D 47 -21.34 -6.76 -7.46
N CYS D 48 -20.70 -5.62 -7.16
CA CYS D 48 -21.40 -4.33 -7.14
C CYS D 48 -21.11 -3.45 -8.35
N GLY D 49 -20.01 -3.69 -9.07
CA GLY D 49 -19.70 -2.86 -10.22
C GLY D 49 -18.65 -1.78 -10.08
N LEU D 50 -17.79 -1.89 -9.07
CA LEU D 50 -16.78 -0.87 -8.81
C LEU D 50 -15.47 -1.08 -9.57
N ASN D 51 -14.85 0.04 -9.95
CA ASN D 51 -13.56 0.04 -10.61
C ASN D 51 -12.65 1.12 -10.03
N GLY D 52 -13.27 2.14 -9.45
CA GLY D 52 -12.58 3.26 -8.85
C GLY D 52 -12.76 4.57 -9.58
N ASN D 53 -11.97 5.58 -9.20
CA ASN D 53 -11.97 6.90 -9.85
C ASN D 53 -13.38 7.47 -9.98
N ALA D 54 -13.81 7.67 -11.23
CA ALA D 54 -15.15 8.17 -11.54
C ALA D 54 -15.32 9.60 -11.05
N THR D 55 -16.51 10.15 -11.23
CA THR D 55 -16.80 11.49 -10.70
C THR D 55 -18.04 11.48 -9.82
N ASP D 56 -18.65 10.31 -9.68
CA ASP D 56 -19.79 10.13 -8.79
C ASP D 56 -19.43 8.93 -7.90
N PRO D 57 -18.15 8.86 -7.45
CA PRO D 57 -17.59 7.71 -6.75
C PRO D 57 -18.22 7.39 -5.40
N GLU D 58 -18.38 8.40 -4.55
CA GLU D 58 -19.02 8.23 -3.25
C GLU D 58 -20.46 7.85 -3.46
N GLU D 59 -21.08 8.51 -4.42
CA GLU D 59 -22.46 8.28 -4.78
C GLU D 59 -22.56 6.84 -5.27
N ALA D 60 -21.59 6.45 -6.09
CA ALA D 60 -21.56 5.11 -6.65
C ALA D 60 -21.45 4.04 -5.56
N PHE D 61 -20.63 4.30 -4.55
CA PHE D 61 -20.48 3.35 -3.45
C PHE D 61 -21.79 3.21 -2.68
N LYS D 62 -22.41 4.33 -2.37
CA LYS D 62 -23.69 4.31 -1.65
C LYS D 62 -24.86 3.72 -2.44
N SER D 63 -24.86 3.91 -3.75
CA SER D 63 -25.95 3.44 -4.61
C SER D 63 -25.83 2.01 -5.15
N MET D 64 -24.62 1.53 -5.38
CA MET D 64 -24.43 0.20 -5.95
C MET D 64 -24.09 -0.89 -4.93
N VAL D 65 -23.54 -0.49 -3.79
CA VAL D 65 -23.13 -1.43 -2.76
C VAL D 65 -24.20 -1.56 -1.66
N PRO D 66 -24.63 -2.81 -1.38
CA PRO D 66 -25.67 -3.05 -0.37
C PRO D 66 -25.16 -3.11 1.07
N LEU D 67 -26.08 -2.87 2.00
CA LEU D 67 -25.79 -2.97 3.42
C LEU D 67 -25.58 -4.44 3.71
N VAL D 68 -24.70 -4.78 4.64
CA VAL D 68 -24.38 -6.18 4.88
C VAL D 68 -24.39 -6.60 6.34
N THR D 69 -24.64 -7.88 6.57
CA THR D 69 -24.65 -8.42 7.93
C THR D 69 -23.48 -9.37 8.10
N ASP D 70 -23.25 -9.74 9.35
CA ASP D 70 -22.16 -10.61 9.75
C ASP D 70 -22.20 -12.00 9.14
N VAL D 71 -23.39 -12.57 8.99
CA VAL D 71 -23.52 -13.87 8.35
C VAL D 71 -23.08 -13.77 6.89
N GLU D 72 -23.48 -12.70 6.24
CA GLU D 72 -23.14 -12.47 4.84
C GLU D 72 -21.64 -12.33 4.65
N LEU D 73 -20.96 -11.69 5.61
CA LEU D 73 -19.52 -11.51 5.54
C LEU D 73 -18.76 -12.73 6.07
N GLU D 74 -19.47 -13.58 6.82
CA GLU D 74 -18.83 -14.70 7.50
C GLU D 74 -18.10 -15.68 6.61
N PRO D 75 -18.75 -16.18 5.53
CA PRO D 75 -18.02 -17.19 4.76
C PRO D 75 -16.72 -16.70 4.15
N TYR D 76 -16.69 -15.47 3.63
CA TYR D 76 -15.48 -14.94 2.99
C TYR D 76 -14.26 -14.73 3.91
N ILE D 77 -14.46 -14.05 5.02
CA ILE D 77 -13.35 -13.82 5.93
C ILE D 77 -13.00 -15.18 6.54
N LYS D 78 -14.00 -16.06 6.58
CA LYS D 78 -13.80 -17.42 7.06
C LYS D 78 -12.86 -18.12 6.08
N ARG D 79 -13.00 -17.75 4.80
CA ARG D 79 -12.16 -18.33 3.75
C ARG D 79 -10.74 -17.94 4.04
N MET D 80 -10.52 -16.69 4.46
CA MET D 80 -9.13 -16.23 4.66
C MET D 80 -8.27 -17.02 5.63
N VAL D 81 -8.85 -17.30 6.79
CA VAL D 81 -8.17 -17.99 7.88
C VAL D 81 -7.79 -19.48 7.84
N ASP D 82 -8.71 -20.32 7.35
CA ASP D 82 -8.55 -21.77 7.37
C ASP D 82 -7.90 -22.52 6.20
N GLY D 83 -6.59 -22.38 6.05
CA GLY D 83 -5.88 -23.13 5.03
C GLY D 83 -5.97 -22.42 3.70
N ASP D 84 -7.10 -21.80 3.45
CA ASP D 84 -7.21 -21.01 2.24
C ASP D 84 -6.76 -19.67 2.76
N THR D 85 -5.49 -19.36 2.53
CA THR D 85 -4.91 -18.15 3.07
C THR D 85 -5.27 -16.95 2.20
N SER D 86 -6.39 -17.09 1.50
CA SER D 86 -6.89 -16.13 0.51
C SER D 86 -7.60 -14.86 0.95
N PRO D 87 -7.41 -13.76 0.20
CA PRO D 87 -8.02 -12.44 0.37
C PRO D 87 -9.48 -12.38 -0.15
N ILE D 88 -10.36 -11.64 0.52
CA ILE D 88 -11.79 -11.69 0.17
C ILE D 88 -12.73 -10.47 0.12
N LEU D 89 -13.03 -9.87 1.27
CA LEU D 89 -13.98 -8.76 1.39
C LEU D 89 -13.28 -7.43 1.33
N THR D 90 -12.06 -7.40 1.84
CA THR D 90 -11.26 -6.21 1.70
C THR D 90 -10.30 -6.62 0.68
N GLY D 91 -9.17 -7.03 1.19
CA GLY D 91 -8.11 -7.48 0.36
C GLY D 91 -7.21 -8.54 0.89
N HIS D 92 -5.92 -8.23 0.80
CA HIS D 92 -4.85 -9.16 1.13
C HIS D 92 -5.09 -9.85 2.45
N PRO D 93 -4.65 -11.12 2.52
CA PRO D 93 -4.87 -11.89 3.74
C PRO D 93 -4.28 -11.14 4.89
N VAL D 94 -5.07 -11.01 5.94
CA VAL D 94 -4.64 -10.31 7.10
C VAL D 94 -3.73 -11.16 7.99
N PRO D 95 -2.74 -10.51 8.63
CA PRO D 95 -1.86 -11.22 9.53
C PRO D 95 -2.62 -11.63 10.80
N ALA D 96 -3.80 -11.05 11.00
CA ALA D 96 -4.66 -11.40 12.14
C ALA D 96 -6.15 -11.10 11.86
N ILE D 97 -7.03 -11.65 12.71
CA ILE D 97 -8.49 -11.56 12.52
C ILE D 97 -9.31 -11.28 13.81
N SER D 98 -10.48 -10.65 13.62
CA SER D 98 -11.43 -10.25 14.64
C SER D 98 -12.61 -11.17 14.90
N LEU D 99 -13.25 -10.89 16.06
CA LEU D 99 -14.46 -11.52 16.58
C LEU D 99 -15.41 -10.41 17.03
N SER D 100 -16.71 -10.62 16.92
CA SER D 100 -17.70 -9.61 17.29
C SER D 100 -18.68 -10.07 18.38
N SER D 101 -18.91 -9.19 19.36
CA SER D 101 -19.78 -9.46 20.49
C SER D 101 -21.20 -9.49 20.01
N GLY D 102 -22.01 -10.30 20.68
CA GLY D 102 -23.33 -10.56 20.17
C GLY D 102 -22.87 -11.61 19.18
N THR D 103 -23.74 -12.12 18.34
CA THR D 103 -23.29 -13.15 17.43
C THR D 103 -23.82 -13.01 16.02
N SER D 104 -23.26 -13.81 15.14
CA SER D 104 -23.72 -13.88 13.78
C SER D 104 -24.62 -15.11 13.82
N GLN D 105 -25.88 -14.88 14.20
CA GLN D 105 -26.86 -15.94 14.33
C GLN D 105 -26.52 -16.95 15.43
N GLY D 106 -26.00 -16.46 16.53
CA GLY D 106 -25.56 -17.30 17.63
C GLY D 106 -24.18 -17.82 17.30
N ARG D 107 -23.73 -17.46 16.11
CA ARG D 107 -22.46 -17.91 15.59
C ARG D 107 -21.42 -16.80 15.40
N PRO D 108 -20.15 -17.22 15.27
CA PRO D 108 -18.92 -16.46 15.12
C PRO D 108 -18.71 -15.63 13.84
N LYS D 109 -17.91 -14.57 14.01
CA LYS D 109 -17.53 -13.69 12.91
C LYS D 109 -16.01 -13.50 12.85
N PHE D 110 -15.54 -13.38 11.62
CA PHE D 110 -14.15 -13.16 11.30
C PHE D 110 -14.06 -11.78 10.70
N ILE D 111 -13.06 -10.99 11.09
CA ILE D 111 -12.93 -9.68 10.46
C ILE D 111 -11.43 -9.32 10.30
N PRO D 112 -11.05 -8.76 9.15
CA PRO D 112 -9.64 -8.47 8.81
C PRO D 112 -8.83 -7.46 9.66
N PHE D 113 -7.52 -7.71 9.77
CA PHE D 113 -6.61 -6.81 10.48
C PHE D 113 -5.43 -6.37 9.62
N THR D 114 -5.16 -5.07 9.56
CA THR D 114 -4.00 -4.58 8.83
C THR D 114 -3.16 -3.71 9.80
N ASP D 115 -1.90 -3.47 9.44
CA ASP D 115 -0.95 -2.70 10.25
C ASP D 115 -1.44 -1.28 10.55
N GLU D 116 -2.30 -0.80 9.67
CA GLU D 116 -2.90 0.52 9.80
C GLU D 116 -3.75 0.64 11.04
N LEU D 117 -4.39 -0.44 11.45
CA LEU D 117 -5.19 -0.42 12.66
C LEU D 117 -4.24 -0.07 13.81
N MET D 118 -2.99 -0.54 13.66
CA MET D 118 -1.91 -0.22 14.57
C MET D 118 -1.60 1.27 14.40
N GLU D 119 -1.61 1.74 13.15
CA GLU D 119 -1.33 3.16 12.87
C GLU D 119 -2.37 4.06 13.55
N ASN D 120 -3.63 3.63 13.45
CA ASN D 120 -4.79 4.31 14.02
C ASN D 120 -4.56 4.38 15.50
N THR D 121 -4.03 3.28 16.02
CA THR D 121 -3.77 3.16 17.43
C THR D 121 -2.70 4.12 17.96
N LEU D 122 -1.57 4.14 17.29
CA LEU D 122 -0.49 5.02 17.70
C LEU D 122 -0.96 6.47 17.58
N GLN D 123 -1.69 6.75 16.51
CA GLN D 123 -2.20 8.09 16.27
C GLN D 123 -3.28 8.56 17.25
N LEU D 124 -4.29 7.72 17.46
CA LEU D 124 -5.41 8.04 18.35
C LEU D 124 -4.95 8.17 19.77
N PHE D 125 -4.09 7.27 20.21
CA PHE D 125 -3.53 7.34 21.55
C PHE D 125 -2.60 8.54 21.72
N ARG D 126 -1.84 8.83 20.68
CA ARG D 126 -0.92 9.95 20.71
C ARG D 126 -1.74 11.23 20.92
N THR D 127 -2.80 11.34 20.13
CA THR D 127 -3.73 12.45 20.20
C THR D 127 -4.47 12.52 21.54
N ALA D 128 -4.96 11.36 21.98
CA ALA D 128 -5.74 11.25 23.21
C ALA D 128 -4.93 11.65 24.43
N PHE D 129 -3.77 11.02 24.58
CA PHE D 129 -2.90 11.34 25.69
C PHE D 129 -2.49 12.80 25.59
N ALA D 130 -2.28 13.30 24.38
CA ALA D 130 -1.85 14.70 24.27
C ALA D 130 -2.90 15.63 24.87
N PHE D 131 -4.17 15.40 24.50
CA PHE D 131 -5.26 16.21 25.01
C PHE D 131 -5.42 16.06 26.53
N ARG D 132 -5.35 14.83 27.01
CA ARG D 132 -5.48 14.61 28.45
C ARG D 132 -4.32 15.19 29.25
N ASN D 133 -3.10 15.05 28.75
CA ASN D 133 -1.93 15.62 29.42
C ASN D 133 -2.07 17.14 29.37
N ARG D 134 -2.88 17.62 28.42
CA ARG D 134 -3.19 19.03 28.36
C ARG D 134 -4.07 19.32 29.58
N ASP D 135 -4.94 18.36 29.90
CA ASP D 135 -5.81 18.48 31.09
C ASP D 135 -5.20 17.88 32.36
N PHE D 136 -4.45 16.80 32.21
CA PHE D 136 -3.80 16.11 33.33
C PHE D 136 -2.31 15.91 33.05
N PRO D 137 -1.52 16.99 33.03
CA PRO D 137 -0.09 16.88 32.72
C PRO D 137 0.67 15.93 33.64
N ILE D 138 1.55 15.15 33.04
CA ILE D 138 2.31 14.14 33.77
C ILE D 138 3.80 14.46 33.84
N ASP D 139 4.50 13.76 34.73
CA ASP D 139 5.94 13.93 34.84
C ASP D 139 6.59 13.04 33.80
N ASP D 140 7.54 13.62 33.08
CA ASP D 140 8.25 12.92 32.02
C ASP D 140 9.09 11.73 32.48
N ASN D 141 9.42 11.68 33.77
CA ASN D 141 10.22 10.58 34.29
C ASN D 141 9.47 9.62 35.23
N GLY D 142 8.14 9.72 35.25
CA GLY D 142 7.33 8.86 36.10
C GLY D 142 6.82 7.64 35.37
N LYS D 143 5.87 6.93 35.98
CA LYS D 143 5.30 5.75 35.36
C LYS D 143 3.81 5.67 35.64
N ALA D 144 3.18 4.55 35.29
CA ALA D 144 1.75 4.41 35.45
C ALA D 144 1.30 2.98 35.71
N LEU D 145 0.09 2.87 36.25
CA LEU D 145 -0.51 1.58 36.52
C LEU D 145 -1.47 1.25 35.39
N GLN D 146 -1.12 0.21 34.64
CA GLN D 146 -1.96 -0.25 33.54
C GLN D 146 -2.20 -1.73 33.70
N PHE D 147 -3.45 -2.11 33.92
CA PHE D 147 -3.76 -3.52 34.03
C PHE D 147 -3.98 -4.01 32.60
N ILE D 148 -2.89 -4.13 31.85
CA ILE D 148 -3.01 -4.58 30.47
C ILE D 148 -2.25 -5.85 30.19
N PHE D 149 -2.90 -6.76 29.47
CA PHE D 149 -2.26 -8.02 29.08
C PHE D 149 -2.68 -8.42 27.70
N SER D 150 -1.79 -9.16 27.06
CA SER D 150 -2.06 -9.72 25.75
C SER D 150 -1.12 -10.90 25.65
N SER D 151 -1.21 -11.75 26.65
CA SER D 151 -0.33 -12.88 26.84
C SER D 151 -0.50 -14.04 25.86
N LYS D 152 -1.61 -14.05 25.14
CA LYS D 152 -1.93 -15.17 24.26
C LYS D 152 -1.80 -14.98 22.74
N GLN D 153 -1.31 -16.04 22.12
CA GLN D 153 -1.16 -16.10 20.69
C GLN D 153 -1.44 -17.48 20.11
N TYR D 154 -2.59 -17.61 19.46
CA TYR D 154 -2.98 -18.85 18.82
C TYR D 154 -2.75 -18.77 17.32
N ILE D 155 -2.46 -19.92 16.73
CA ILE D 155 -2.26 -20.03 15.30
C ILE D 155 -3.46 -20.75 14.73
N SER D 156 -4.15 -20.15 13.76
CA SER D 156 -5.35 -20.78 13.21
C SER D 156 -5.03 -22.06 12.45
N THR D 157 -6.08 -22.81 12.13
CA THR D 157 -5.96 -24.11 11.48
C THR D 157 -5.18 -24.03 10.17
N GLY D 158 -5.24 -22.88 9.51
CA GLY D 158 -4.50 -22.69 8.27
C GLY D 158 -3.09 -22.23 8.50
N GLY D 159 -2.77 -21.88 9.74
CA GLY D 159 -1.45 -21.40 10.06
C GLY D 159 -1.40 -19.89 10.02
N VAL D 160 -2.57 -19.27 9.89
CA VAL D 160 -2.63 -17.82 9.86
C VAL D 160 -3.05 -17.32 11.23
N PRO D 161 -2.23 -16.45 11.83
CA PRO D 161 -2.58 -15.94 13.14
C PRO D 161 -3.84 -15.10 13.05
N VAL D 162 -4.65 -15.20 14.07
CA VAL D 162 -5.86 -14.42 14.22
C VAL D 162 -5.69 -13.85 15.61
N GLY D 163 -6.09 -12.62 15.84
CA GLY D 163 -5.86 -12.06 17.16
C GLY D 163 -6.72 -10.94 17.66
N THR D 164 -6.68 -10.76 18.97
CA THR D 164 -7.42 -9.73 19.67
C THR D 164 -6.80 -8.37 19.48
N ALA D 165 -7.56 -7.35 19.86
CA ALA D 165 -7.12 -5.99 19.78
C ALA D 165 -5.89 -5.91 20.63
N THR D 166 -5.96 -6.53 21.80
CA THR D 166 -4.87 -6.49 22.76
C THR D 166 -3.55 -7.12 22.35
N THR D 167 -3.56 -8.38 21.93
CA THR D 167 -2.31 -9.03 21.55
C THR D 167 -1.70 -8.33 20.36
N ASN D 168 -2.56 -7.94 19.43
CA ASN D 168 -2.13 -7.22 18.26
C ASN D 168 -1.59 -5.82 18.58
N VAL D 169 -2.13 -5.12 19.58
CA VAL D 169 -1.56 -3.83 19.89
C VAL D 169 -0.20 -4.09 20.51
N TYR D 170 -0.25 -4.86 21.58
CA TYR D 170 0.91 -5.17 22.40
C TYR D 170 2.03 -6.01 21.75
N ARG D 171 1.68 -7.01 20.96
CA ARG D 171 2.72 -7.86 20.33
C ARG D 171 3.06 -7.45 18.92
N ASN D 172 2.56 -6.29 18.50
CA ASN D 172 2.91 -5.76 17.20
C ASN D 172 4.36 -5.33 17.30
N PRO D 173 5.15 -5.51 16.23
CA PRO D 173 6.57 -5.15 16.27
C PRO D 173 6.75 -3.65 16.49
N ASN D 174 5.68 -2.89 16.30
CA ASN D 174 5.73 -1.45 16.42
C ASN D 174 5.19 -0.91 17.75
N PHE D 175 4.76 -1.80 18.64
CA PHE D 175 4.18 -1.37 19.89
C PHE D 175 5.08 -0.58 20.85
N LYS D 176 6.30 -1.07 21.07
CA LYS D 176 7.22 -0.42 21.99
C LYS D 176 7.72 0.93 21.50
N ALA D 177 8.17 1.00 20.25
CA ALA D 177 8.67 2.26 19.69
C ALA D 177 7.55 3.29 19.70
N GLY D 178 6.34 2.81 19.43
CA GLY D 178 5.16 3.66 19.43
C GLY D 178 4.75 4.11 20.82
N MET D 179 5.10 3.32 21.84
CA MET D 179 4.65 3.60 23.21
C MET D 179 5.60 4.31 24.19
N LYS D 180 6.89 4.35 23.92
CA LYS D 180 7.83 4.97 24.85
C LYS D 180 7.58 6.46 25.13
N SER D 181 7.32 7.21 24.06
CA SER D 181 7.09 8.65 24.07
C SER D 181 5.79 9.28 24.59
N ILE D 182 4.65 8.62 24.41
CA ILE D 182 3.36 9.24 24.80
C ILE D 182 2.73 8.71 26.07
N THR D 183 3.53 8.01 26.86
CA THR D 183 3.07 7.43 28.11
C THR D 183 4.24 7.36 29.07
N SER D 184 3.92 7.05 30.31
CA SER D 184 4.95 6.87 31.29
C SER D 184 5.20 5.36 31.30
N PRO D 185 6.47 4.94 31.44
CA PRO D 185 6.86 3.53 31.30
C PRO D 185 6.06 2.57 32.17
N SER D 186 5.87 1.37 31.64
CA SER D 186 5.04 0.38 32.32
C SER D 186 5.68 -0.10 33.61
N CYS D 187 4.84 -0.24 34.62
CA CYS D 187 5.25 -0.77 35.91
C CYS D 187 5.65 -2.21 35.72
N SER D 188 5.09 -2.77 34.67
CA SER D 188 5.27 -4.16 34.35
C SER D 188 6.31 -4.39 33.27
N PRO D 189 7.19 -5.36 33.51
CA PRO D 189 8.13 -5.76 32.48
C PRO D 189 7.29 -6.45 31.43
N ASP D 190 7.71 -6.48 30.17
CA ASP D 190 6.87 -7.09 29.16
C ASP D 190 6.58 -8.57 29.44
N GLU D 191 7.54 -9.26 30.04
CA GLU D 191 7.34 -10.68 30.31
C GLU D 191 6.15 -10.95 31.23
N VAL D 192 5.94 -10.11 32.25
CA VAL D 192 4.78 -10.27 33.12
C VAL D 192 3.50 -9.87 32.35
N ILE D 193 3.57 -8.83 31.53
CA ILE D 193 2.41 -8.40 30.75
C ILE D 193 2.01 -9.52 29.81
N PHE D 194 3.00 -10.08 29.12
CA PHE D 194 2.78 -11.17 28.18
C PHE D 194 3.00 -12.52 28.84
N SER D 195 2.91 -12.54 30.17
CA SER D 195 3.08 -13.78 30.93
C SER D 195 1.96 -14.76 30.67
N PRO D 196 2.31 -16.03 30.41
CA PRO D 196 1.30 -17.05 30.09
C PRO D 196 0.30 -17.27 31.22
N ASP D 197 0.54 -16.65 32.37
CA ASP D 197 -0.34 -16.77 33.53
C ASP D 197 -0.75 -15.39 34.02
N VAL D 198 -1.69 -14.77 33.31
CA VAL D 198 -2.13 -13.41 33.68
C VAL D 198 -2.96 -13.27 34.96
N HIS D 199 -3.51 -14.31 35.54
CA HIS D 199 -4.21 -14.11 36.81
C HIS D 199 -3.11 -13.81 37.83
N GLN D 200 -2.06 -14.61 37.74
CA GLN D 200 -0.85 -14.46 38.52
C GLN D 200 -0.11 -13.21 38.10
N ALA D 201 -0.07 -12.99 36.78
CA ALA D 201 0.59 -11.83 36.22
C ALA D 201 -0.10 -10.54 36.62
N LEU D 202 -1.43 -10.53 36.63
CA LEU D 202 -2.21 -9.36 37.04
C LEU D 202 -1.94 -9.12 38.49
N TYR D 203 -1.82 -10.21 39.24
CA TYR D 203 -1.51 -10.09 40.65
C TYR D 203 -0.17 -9.36 40.77
N CYS D 204 0.74 -9.74 39.88
CA CYS D 204 2.06 -9.16 39.76
C CYS D 204 2.02 -7.77 39.19
N HIS D 205 0.99 -7.50 38.42
CA HIS D 205 0.74 -6.22 37.79
C HIS D 205 0.34 -5.23 38.86
N LEU D 206 -0.46 -5.71 39.82
CA LEU D 206 -0.86 -4.93 40.98
C LEU D 206 0.43 -4.62 41.70
N LEU D 207 1.21 -5.69 41.81
CA LEU D 207 2.50 -5.69 42.48
C LEU D 207 3.47 -4.75 41.76
N SER D 208 3.33 -4.70 40.44
CA SER D 208 4.12 -3.83 39.58
C SER D 208 3.72 -2.36 39.65
N GLY D 209 2.43 -2.06 39.61
CA GLY D 209 2.01 -0.67 39.70
C GLY D 209 2.41 -0.11 41.05
N ILE D 210 2.10 -0.91 42.06
CA ILE D 210 2.44 -0.49 43.39
C ILE D 210 3.97 -0.35 43.49
N LEU D 211 4.78 -1.17 42.81
CA LEU D 211 6.22 -1.02 43.03
C LEU D 211 6.73 0.43 42.76
N PHE D 212 6.22 1.08 41.74
CA PHE D 212 6.66 2.45 41.48
C PHE D 212 5.56 3.44 41.78
N ARG D 213 4.70 3.11 42.75
CA ARG D 213 3.52 3.92 43.06
C ARG D 213 3.81 5.42 43.16
N ASP D 214 4.99 5.78 43.64
CA ASP D 214 5.35 7.18 43.81
C ASP D 214 5.49 7.94 42.50
N GLN D 215 6.06 7.31 41.48
CA GLN D 215 6.20 8.01 40.21
C GLN D 215 4.99 7.78 39.31
N VAL D 216 3.99 7.09 39.84
CA VAL D 216 2.79 6.75 39.08
C VAL D 216 1.83 7.91 38.85
N GLN D 217 1.54 8.17 37.58
CA GLN D 217 0.63 9.24 37.18
C GLN D 217 -0.84 8.86 37.12
N TYR D 218 -1.13 7.62 36.76
CA TYR D 218 -2.52 7.21 36.67
C TYR D 218 -2.75 5.72 36.87
N VAL D 219 -4.02 5.37 37.07
CA VAL D 219 -4.45 4.00 37.24
C VAL D 219 -5.37 3.72 36.07
N PHE D 220 -5.07 2.65 35.35
CA PHE D 220 -5.85 2.37 34.17
C PHE D 220 -6.23 0.93 33.91
N ALA D 221 -7.42 0.80 33.37
CA ALA D 221 -7.98 -0.40 32.82
C ALA D 221 -8.88 0.19 31.76
N VAL D 222 -9.06 -0.52 30.66
CA VAL D 222 -9.91 -0.01 29.60
C VAL D 222 -11.30 0.22 30.20
N PHE D 223 -11.67 -0.69 31.10
CA PHE D 223 -12.96 -0.62 31.76
C PHE D 223 -12.89 -0.44 33.25
N ALA D 224 -13.92 0.22 33.79
CA ALA D 224 -14.05 0.43 35.21
C ALA D 224 -14.20 -0.93 35.87
N HIS D 225 -14.84 -1.87 35.17
CA HIS D 225 -15.04 -3.21 35.71
C HIS D 225 -13.66 -3.81 35.95
N GLY D 226 -12.71 -3.45 35.09
CA GLY D 226 -11.35 -3.93 35.19
C GLY D 226 -10.64 -3.38 36.42
N LEU D 227 -10.77 -2.08 36.64
CA LEU D 227 -10.16 -1.44 37.81
C LEU D 227 -10.81 -1.97 39.10
N VAL D 228 -12.14 -2.07 39.07
CA VAL D 228 -12.91 -2.59 40.20
C VAL D 228 -12.48 -4.03 40.46
N HIS D 229 -12.24 -4.76 39.38
CA HIS D 229 -11.85 -6.16 39.44
C HIS D 229 -10.51 -6.21 40.14
N ALA D 230 -9.64 -5.28 39.79
CA ALA D 230 -8.32 -5.22 40.38
C ALA D 230 -8.40 -4.97 41.89
N PHE D 231 -9.19 -3.98 42.27
CA PHE D 231 -9.30 -3.62 43.69
C PHE D 231 -10.12 -4.56 44.60
N ARG D 232 -11.06 -5.34 44.08
CA ARG D 232 -11.79 -6.28 44.96
C ARG D 232 -10.75 -7.29 45.42
N THR D 233 -9.93 -7.70 44.45
CA THR D 233 -8.85 -8.62 44.70
C THR D 233 -7.81 -7.95 45.60
N PHE D 234 -7.57 -6.65 45.43
CA PHE D 234 -6.59 -5.99 46.28
C PHE D 234 -7.03 -6.09 47.74
N GLU D 235 -8.34 -5.98 47.94
CA GLU D 235 -8.94 -6.09 49.25
C GLU D 235 -8.73 -7.50 49.76
N GLN D 236 -8.79 -8.46 48.84
CA GLN D 236 -8.64 -9.85 49.24
C GLN D 236 -7.23 -10.28 49.67
N VAL D 237 -6.29 -10.03 48.79
CA VAL D 237 -4.94 -10.54 48.93
C VAL D 237 -3.83 -9.59 49.41
N TRP D 238 -4.15 -8.42 49.92
CA TRP D 238 -3.05 -7.53 50.31
C TRP D 238 -2.09 -8.13 51.38
N GLU D 239 -2.61 -8.76 52.43
CA GLU D 239 -1.73 -9.34 53.46
C GLU D 239 -0.80 -10.43 52.88
N GLU D 240 -1.34 -11.19 51.94
CA GLU D 240 -0.61 -12.25 51.25
C GLU D 240 0.49 -11.69 50.35
N ILE D 241 0.15 -10.63 49.60
CA ILE D 241 1.12 -10.01 48.72
C ILE D 241 2.23 -9.42 49.58
N VAL D 242 1.88 -8.90 50.76
CA VAL D 242 2.90 -8.30 51.62
C VAL D 242 3.87 -9.38 52.05
N THR D 243 3.32 -10.54 52.40
CA THR D 243 4.15 -11.66 52.82
C THR D 243 5.11 -11.98 51.68
N ASP D 244 4.60 -11.90 50.45
CA ASP D 244 5.40 -12.15 49.23
C ASP D 244 6.54 -11.13 48.97
N ILE D 245 6.26 -9.84 49.05
CA ILE D 245 7.32 -8.84 48.83
C ILE D 245 8.34 -8.81 49.96
N LYS D 246 7.89 -9.19 51.14
CA LYS D 246 8.70 -9.13 52.35
C LYS D 246 9.94 -10.00 52.47
N ASP D 247 9.79 -11.29 52.23
CA ASP D 247 10.88 -12.23 52.38
C ASP D 247 11.85 -12.24 51.21
N GLY D 248 11.54 -11.47 50.18
CA GLY D 248 12.35 -11.49 48.98
C GLY D 248 12.02 -12.78 48.26
N VAL D 249 10.87 -13.37 48.62
CA VAL D 249 10.41 -14.60 48.02
C VAL D 249 8.97 -14.48 47.54
N LEU D 250 8.73 -14.85 46.28
CA LEU D 250 7.39 -14.76 45.73
C LEU D 250 6.48 -15.79 46.36
N SER D 251 5.19 -15.47 46.49
CA SER D 251 4.25 -16.37 47.13
C SER D 251 4.16 -17.67 46.37
N ASN D 252 3.80 -18.74 47.07
CA ASN D 252 3.76 -20.08 46.49
C ASN D 252 2.65 -20.22 45.46
N ARG D 253 1.83 -19.18 45.33
CA ARG D 253 0.74 -19.14 44.36
C ARG D 253 1.19 -19.18 42.91
N ILE D 254 2.31 -18.53 42.61
CA ILE D 254 2.78 -18.38 41.22
C ILE D 254 3.60 -19.59 40.75
N THR D 255 3.19 -20.18 39.62
CA THR D 255 3.84 -21.41 39.13
C THR D 255 4.55 -21.41 37.77
N VAL D 256 4.26 -20.45 36.89
CA VAL D 256 4.92 -20.42 35.59
C VAL D 256 6.37 -19.97 35.79
N PRO D 257 7.33 -20.73 35.22
CA PRO D 257 8.76 -20.45 35.39
C PRO D 257 9.31 -19.14 34.84
N SER D 258 8.99 -18.73 33.61
CA SER D 258 9.57 -17.50 33.05
C SER D 258 9.25 -16.25 33.90
N VAL D 259 8.01 -16.18 34.35
CA VAL D 259 7.59 -15.10 35.22
C VAL D 259 8.34 -15.21 36.54
N ARG D 260 8.47 -16.42 37.05
CA ARG D 260 9.18 -16.63 38.30
C ARG D 260 10.60 -16.13 38.19
N THR D 261 11.19 -16.32 37.01
CA THR D 261 12.54 -15.85 36.76
C THR D 261 12.54 -14.33 36.84
N ALA D 262 11.59 -13.68 36.17
CA ALA D 262 11.55 -12.21 36.18
C ALA D 262 11.30 -11.60 37.57
N MET D 263 10.32 -12.16 38.28
CA MET D 263 9.97 -11.66 39.60
C MET D 263 11.14 -11.90 40.53
N SER D 264 11.85 -13.01 40.33
CA SER D 264 13.00 -13.32 41.16
C SER D 264 14.07 -12.27 40.91
N LYS D 265 14.18 -11.85 39.65
CA LYS D 265 15.14 -10.82 39.27
C LYS D 265 14.76 -9.57 40.03
N LEU D 266 13.50 -9.54 40.47
CA LEU D 266 13.01 -8.39 41.20
C LEU D 266 13.01 -8.46 42.74
N LEU D 267 13.44 -9.53 43.41
CA LEU D 267 13.30 -9.63 44.91
C LEU D 267 14.49 -9.81 45.89
N THR D 268 14.50 -9.03 46.98
CA THR D 268 15.49 -9.14 48.08
C THR D 268 14.75 -8.85 49.42
N PRO D 269 15.24 -9.39 50.56
CA PRO D 269 14.52 -9.26 51.86
C PRO D 269 14.41 -7.87 52.52
N ASN D 270 13.18 -7.35 52.62
CA ASN D 270 12.89 -6.01 53.20
C ASN D 270 11.72 -5.95 54.21
N PRO D 271 12.00 -6.07 55.53
CA PRO D 271 11.02 -6.06 56.64
C PRO D 271 10.16 -4.82 56.97
N GLU D 272 10.70 -3.61 56.92
CA GLU D 272 9.98 -2.40 57.37
C GLU D 272 8.68 -1.94 56.66
N LEU D 273 8.71 -1.99 55.34
CA LEU D 273 7.59 -1.53 54.56
C LEU D 273 6.32 -2.32 54.88
N ALA D 274 6.47 -3.59 55.28
CA ALA D 274 5.31 -4.41 55.64
C ALA D 274 4.57 -3.74 56.78
N GLU D 275 5.39 -3.17 57.66
CA GLU D 275 4.92 -2.49 58.83
C GLU D 275 4.07 -1.35 58.32
N THR D 276 4.56 -0.68 57.28
CA THR D 276 3.78 0.45 56.76
C THR D 276 2.43 0.07 56.09
N ILE D 277 2.48 -0.88 55.16
CA ILE D 277 1.28 -1.27 54.42
C ILE D 277 0.17 -1.79 55.31
N ARG D 278 0.53 -2.61 56.30
CA ARG D 278 -0.53 -3.16 57.15
C ARG D 278 -1.34 -2.06 57.85
N THR D 279 -0.62 -1.06 58.37
CA THR D 279 -1.26 0.05 59.06
C THR D 279 -2.16 0.83 58.10
N LYS D 280 -1.64 1.12 56.91
CA LYS D 280 -2.45 1.91 55.98
C LYS D 280 -3.69 1.18 55.51
N CYS D 281 -3.51 -0.06 55.13
CA CYS D 281 -4.58 -0.89 54.62
C CYS D 281 -5.67 -1.09 55.65
N MET D 282 -5.31 -1.15 56.92
CA MET D 282 -6.35 -1.31 57.94
C MET D 282 -6.94 0.03 58.40
N SER D 283 -6.30 1.14 58.03
CA SER D 283 -6.83 2.45 58.44
C SER D 283 -7.95 2.99 57.53
N LEU D 284 -8.08 2.44 56.33
CA LEU D 284 -9.12 2.85 55.40
C LEU D 284 -10.49 2.31 55.82
N SER D 285 -11.55 2.89 55.27
CA SER D 285 -12.90 2.45 55.62
C SER D 285 -13.57 1.84 54.39
N ASN D 286 -13.73 0.51 54.43
CA ASN D 286 -14.32 -0.29 53.36
C ASN D 286 -13.57 -0.03 52.06
N TRP D 287 -12.28 0.27 52.19
CA TRP D 287 -11.40 0.49 51.06
C TRP D 287 -11.78 1.69 50.20
N TYR D 288 -12.68 2.54 50.70
CA TYR D 288 -13.06 3.71 49.91
C TYR D 288 -11.88 4.63 49.69
N GLY D 289 -11.69 5.07 48.45
CA GLY D 289 -10.59 5.93 48.12
C GLY D 289 -9.25 5.25 48.21
N LEU D 290 -9.24 3.92 48.04
CA LEU D 290 -7.98 3.17 48.11
C LEU D 290 -7.04 3.60 46.99
N ILE D 291 -7.57 4.07 45.88
CA ILE D 291 -6.71 4.44 44.75
C ILE D 291 -5.80 5.63 45.11
N PRO D 292 -6.37 6.77 45.58
CA PRO D 292 -5.43 7.83 45.98
C PRO D 292 -4.67 7.40 47.23
N ALA D 293 -5.21 6.43 47.95
CA ALA D 293 -4.50 5.93 49.11
C ALA D 293 -3.19 5.31 48.63
N LEU D 294 -3.21 4.63 47.49
CA LEU D 294 -2.00 3.96 47.01
C LEU D 294 -0.99 4.94 46.39
N PHE D 295 -1.21 5.34 45.14
CA PHE D 295 -0.35 6.35 44.51
C PHE D 295 -1.16 7.64 44.56
N PRO D 296 -1.05 8.38 45.68
CA PRO D 296 -1.84 9.58 46.02
C PRO D 296 -1.71 10.75 45.10
N ASN D 297 -0.65 10.73 44.33
CA ASN D 297 -0.38 11.81 43.43
C ASN D 297 -0.80 11.55 42.00
N ALA D 298 -1.55 10.48 41.80
CA ALA D 298 -2.08 10.18 40.49
C ALA D 298 -3.11 11.24 40.18
N LYS D 299 -3.00 11.84 39.00
CA LYS D 299 -3.93 12.87 38.56
C LYS D 299 -5.31 12.32 38.24
N TYR D 300 -5.37 11.08 37.75
CA TYR D 300 -6.64 10.52 37.35
C TYR D 300 -6.75 9.01 37.28
N VAL D 301 -8.00 8.56 37.17
CA VAL D 301 -8.33 7.16 36.98
C VAL D 301 -8.83 7.13 35.55
N TYR D 302 -8.27 6.27 34.70
CA TYR D 302 -8.63 6.25 33.29
C TYR D 302 -9.33 4.99 32.80
N GLY D 303 -10.44 5.17 32.10
CA GLY D 303 -11.16 4.02 31.58
C GLY D 303 -12.39 4.38 30.75
N ILE D 304 -13.04 3.38 30.18
CA ILE D 304 -14.26 3.62 29.43
C ILE D 304 -15.36 3.60 30.48
N MET D 305 -16.09 4.71 30.61
CA MET D 305 -17.10 4.82 31.64
C MET D 305 -18.54 4.98 31.17
N THR D 306 -18.79 4.85 29.87
CA THR D 306 -20.15 5.07 29.38
C THR D 306 -20.83 3.78 28.98
N GLY D 307 -22.16 3.75 29.06
CA GLY D 307 -22.93 2.57 28.72
C GLY D 307 -22.87 1.43 29.73
N SER D 308 -22.35 0.28 29.29
CA SER D 308 -22.33 -0.92 30.13
C SER D 308 -21.46 -0.92 31.37
N MET D 309 -20.46 -0.05 31.42
CA MET D 309 -19.59 0.00 32.60
C MET D 309 -20.11 1.10 33.51
N GLU D 310 -21.27 1.65 33.16
CA GLU D 310 -21.86 2.69 34.00
C GLU D 310 -22.16 2.08 35.38
N PRO D 311 -22.54 0.78 35.44
CA PRO D 311 -22.75 0.24 36.79
C PRO D 311 -21.44 0.17 37.58
N TYR D 312 -20.30 0.16 36.89
CA TYR D 312 -18.99 0.08 37.54
C TYR D 312 -18.34 1.43 37.89
N VAL D 313 -18.89 2.54 37.42
CA VAL D 313 -18.30 3.82 37.76
C VAL D 313 -18.37 4.05 39.28
N PRO D 314 -19.50 3.72 39.96
CA PRO D 314 -19.52 3.98 41.41
C PRO D 314 -18.56 3.13 42.23
N LYS D 315 -18.49 1.83 41.99
CA LYS D 315 -17.57 1.00 42.75
C LYS D 315 -16.17 1.52 42.47
N LEU D 316 -15.91 1.85 41.21
CA LEU D 316 -14.63 2.45 40.88
C LEU D 316 -14.55 3.77 41.59
N ARG D 317 -15.66 4.51 41.63
CA ARG D 317 -15.69 5.78 42.34
C ARG D 317 -15.46 5.49 43.81
N HIS D 318 -16.06 4.39 44.28
CA HIS D 318 -15.90 4.01 45.67
C HIS D 318 -14.42 3.81 45.86
N TYR D 319 -13.82 3.08 44.92
CA TYR D 319 -12.38 2.87 44.93
C TYR D 319 -11.60 4.15 44.64
N ALA D 320 -12.13 5.00 43.77
CA ALA D 320 -11.43 6.22 43.36
C ALA D 320 -11.51 7.39 44.34
N GLY D 321 -12.38 7.28 45.34
CA GLY D 321 -12.52 8.37 46.29
C GLY D 321 -12.97 9.63 45.55
N ASP D 322 -12.26 10.72 45.77
CA ASP D 322 -12.60 11.99 45.11
C ASP D 322 -11.80 12.16 43.82
N LEU D 323 -11.00 11.16 43.46
CA LEU D 323 -10.20 11.22 42.23
C LEU D 323 -11.09 11.25 41.00
N PRO D 324 -10.76 12.11 40.03
CA PRO D 324 -11.53 12.27 38.79
C PRO D 324 -11.47 11.04 37.90
N LEU D 325 -12.60 10.70 37.29
CA LEU D 325 -12.63 9.56 36.38
C LEU D 325 -12.70 10.05 34.95
N VAL D 326 -11.63 9.79 34.19
CA VAL D 326 -11.58 10.22 32.80
C VAL D 326 -12.02 9.08 31.91
N SER D 327 -12.89 9.41 30.96
CA SER D 327 -13.46 8.43 30.07
C SER D 327 -12.58 8.28 28.84
N HIS D 328 -12.35 7.04 28.45
CA HIS D 328 -11.54 6.77 27.27
C HIS D 328 -12.29 6.96 25.95
N ASP D 329 -11.50 7.07 24.89
CA ASP D 329 -11.96 7.28 23.53
C ASP D 329 -12.71 6.06 23.02
N TYR D 330 -13.25 6.16 21.82
CA TYR D 330 -14.07 5.10 21.24
C TYR D 330 -13.58 4.50 19.93
N GLY D 331 -13.28 3.20 19.91
CA GLY D 331 -12.86 2.60 18.64
C GLY D 331 -12.51 1.13 18.67
N SER D 332 -12.20 0.58 17.50
CA SER D 332 -11.80 -0.82 17.39
C SER D 332 -11.33 -1.21 16.00
N SER D 333 -11.22 -2.53 15.83
CA SER D 333 -10.79 -3.17 14.59
C SER D 333 -11.77 -2.87 13.50
N GLU D 334 -13.04 -2.93 13.83
CA GLU D 334 -14.07 -2.66 12.86
C GLU D 334 -14.01 -1.20 12.48
N GLY D 335 -13.06 -0.50 13.10
CA GLY D 335 -12.85 0.90 12.87
C GLY D 335 -12.82 1.65 14.18
N TRP D 336 -11.87 2.56 14.26
CA TRP D 336 -11.74 3.45 15.40
C TRP D 336 -12.75 4.54 15.12
N ILE D 337 -13.39 5.08 16.15
CA ILE D 337 -14.36 6.14 15.89
C ILE D 337 -14.01 7.51 16.42
N ALA D 338 -14.05 7.64 17.74
CA ALA D 338 -13.94 8.91 18.43
C ALA D 338 -12.83 9.03 19.46
N ALA D 339 -12.50 10.28 19.77
CA ALA D 339 -11.51 10.60 20.80
C ALA D 339 -12.08 11.60 21.80
N ASN D 340 -11.78 11.41 23.07
CA ASN D 340 -12.23 12.36 24.08
C ASN D 340 -11.13 13.41 24.13
N VAL D 341 -11.40 14.57 23.56
CA VAL D 341 -10.42 15.65 23.49
C VAL D 341 -10.61 16.71 24.57
N THR D 342 -11.67 16.52 25.35
CA THR D 342 -11.92 17.35 26.52
C THR D 342 -12.17 16.31 27.59
N PRO D 343 -11.14 15.53 27.96
CA PRO D 343 -11.30 14.44 28.92
C PRO D 343 -11.72 14.89 30.31
N ARG D 344 -11.62 16.18 30.59
CA ARG D 344 -11.95 16.70 31.91
C ARG D 344 -13.42 16.57 32.28
N LEU D 345 -14.28 16.35 31.28
CA LEU D 345 -15.71 16.24 31.57
C LEU D 345 -15.99 14.92 32.30
N SER D 346 -16.93 14.96 33.25
CA SER D 346 -17.27 13.82 34.07
C SER D 346 -17.82 12.66 33.24
N PRO D 347 -17.73 11.42 33.77
CA PRO D 347 -18.22 10.25 33.05
C PRO D 347 -19.71 10.27 32.69
N GLU D 348 -20.56 10.79 33.56
CA GLU D 348 -21.98 10.85 33.23
C GLU D 348 -22.24 11.84 32.10
N GLU D 349 -21.36 12.82 31.93
CA GLU D 349 -21.51 13.81 30.87
C GLU D 349 -20.55 13.53 29.71
N ALA D 350 -19.85 12.39 29.79
CA ALA D 350 -18.83 12.04 28.79
C ALA D 350 -19.31 11.83 27.37
N THR D 351 -18.64 12.50 26.43
CA THR D 351 -18.87 12.35 24.99
C THR D 351 -17.52 12.28 24.27
N PHE D 352 -17.44 11.50 23.19
CA PHE D 352 -16.19 11.32 22.44
C PHE D 352 -16.26 11.87 20.99
N ALA D 353 -15.16 12.45 20.52
CA ALA D 353 -15.10 13.09 19.18
C ALA D 353 -14.38 12.25 18.11
N VAL D 354 -15.10 11.97 17.02
CA VAL D 354 -14.57 11.14 15.95
C VAL D 354 -13.30 11.58 15.21
N ILE D 355 -12.37 10.66 14.99
CA ILE D 355 -11.16 10.95 14.21
C ILE D 355 -11.42 10.40 12.80
N PRO D 356 -11.46 11.31 11.82
CA PRO D 356 -11.87 11.11 10.43
C PRO D 356 -11.03 10.29 9.42
N ASN D 357 -9.75 10.00 9.61
CA ASN D 357 -9.06 9.20 8.59
C ASN D 357 -9.00 7.71 8.93
N LEU D 358 -9.67 7.35 10.00
CA LEU D 358 -9.68 5.97 10.46
C LEU D 358 -10.73 5.15 9.73
N GLY D 359 -11.50 5.81 8.86
CA GLY D 359 -12.51 5.12 8.08
C GLY D 359 -13.53 6.07 7.47
N TYR D 360 -14.47 5.50 6.73
CA TYR D 360 -15.56 6.23 6.12
C TYR D 360 -16.84 5.70 6.76
N PHE D 361 -17.50 6.57 7.53
CA PHE D 361 -18.67 6.21 8.32
C PHE D 361 -20.03 6.79 7.92
N GLU D 362 -21.07 5.95 7.92
CA GLU D 362 -22.43 6.41 7.59
C GLU D 362 -23.39 5.94 8.68
N PHE D 363 -24.41 6.74 8.99
CA PHE D 363 -25.33 6.41 10.09
C PHE D 363 -26.80 6.26 9.66
N LEU D 364 -27.47 5.23 10.17
CA LEU D 364 -28.88 4.97 9.85
C LEU D 364 -29.84 5.43 10.94
N PRO D 365 -30.72 6.39 10.61
CA PRO D 365 -31.67 6.97 11.56
C PRO D 365 -32.78 6.03 12.02
N VAL D 366 -33.11 6.11 13.30
CA VAL D 366 -34.19 5.33 13.90
C VAL D 366 -35.46 6.20 13.96
N SER D 367 -35.39 7.37 13.34
CA SER D 367 -36.45 8.37 13.44
C SER D 367 -37.70 8.17 12.59
N GLU D 368 -38.65 7.42 13.14
CA GLU D 368 -39.97 7.16 12.54
C GLU D 368 -40.88 6.47 13.54
N THR D 369 -40.26 5.56 14.30
CA THR D 369 -40.91 4.74 15.32
C THR D 369 -39.87 3.73 15.81
N GLY D 370 -40.14 2.45 15.56
CA GLY D 370 -39.22 1.36 15.77
C GLY D 370 -39.54 0.47 14.59
N GLU D 371 -38.71 0.47 13.54
CA GLU D 371 -37.45 1.20 13.46
C GLU D 371 -37.51 2.48 12.62
N GLY D 372 -37.89 2.34 11.36
CA GLY D 372 -37.96 3.48 10.46
C GLY D 372 -37.19 3.24 9.16
N GLU D 373 -37.85 3.52 8.04
CA GLU D 373 -37.30 3.27 6.71
C GLU D 373 -36.51 4.43 6.10
N GLU D 374 -35.58 5.00 6.87
CA GLU D 374 -34.78 6.10 6.36
C GLU D 374 -33.42 5.64 5.86
N LYS D 375 -32.98 6.20 4.73
CA LYS D 375 -31.70 5.92 4.12
C LYS D 375 -30.63 6.75 4.84
N PRO D 376 -29.38 6.21 4.92
CA PRO D 376 -28.31 6.89 5.66
C PRO D 376 -27.80 8.24 5.12
N VAL D 377 -27.48 9.13 6.06
CA VAL D 377 -26.92 10.44 5.77
C VAL D 377 -25.49 10.52 6.28
N GLY D 378 -24.75 11.54 5.85
CA GLY D 378 -23.35 11.70 6.26
C GLY D 378 -23.11 12.05 7.71
N LEU D 379 -21.86 11.89 8.14
CA LEU D 379 -21.46 12.10 9.54
C LEU D 379 -21.81 13.47 10.09
N THR D 380 -21.53 14.52 9.31
CA THR D 380 -21.86 15.88 9.70
C THR D 380 -23.21 16.26 9.14
N GLN D 381 -23.86 15.29 8.51
CA GLN D 381 -25.22 15.44 8.02
C GLN D 381 -26.15 14.85 9.06
N VAL D 382 -25.57 14.13 10.01
CA VAL D 382 -26.33 13.56 11.12
C VAL D 382 -26.86 14.70 11.98
N LYS D 383 -28.06 14.53 12.52
CA LYS D 383 -28.71 15.59 13.27
C LYS D 383 -28.50 15.53 14.77
N ILE D 384 -28.21 16.68 15.35
CA ILE D 384 -27.95 16.82 16.78
C ILE D 384 -29.19 16.42 17.61
N GLY D 385 -28.94 15.64 18.66
CA GLY D 385 -29.98 15.18 19.56
C GLY D 385 -30.62 13.89 19.09
N GLU D 386 -30.46 13.58 17.80
CA GLU D 386 -31.03 12.36 17.24
C GLU D 386 -30.04 11.21 17.31
N GLU D 387 -30.56 10.00 17.44
CA GLU D 387 -29.72 8.82 17.56
C GLU D 387 -29.74 7.97 16.31
N TYR D 388 -28.55 7.60 15.85
CA TYR D 388 -28.43 6.78 14.64
C TYR D 388 -27.60 5.52 14.90
N GLU D 389 -27.72 4.53 14.01
CA GLU D 389 -26.92 3.32 14.13
C GLU D 389 -25.73 3.46 13.19
N VAL D 390 -24.53 3.15 13.68
CA VAL D 390 -23.35 3.33 12.86
C VAL D 390 -23.06 2.16 11.92
N VAL D 391 -22.90 2.49 10.65
CA VAL D 391 -22.55 1.54 9.61
C VAL D 391 -21.16 1.96 9.16
N ILE D 392 -20.24 1.00 9.25
CA ILE D 392 -18.83 1.23 9.01
C ILE D 392 -18.21 0.78 7.66
N THR D 393 -17.28 1.60 7.16
CA THR D 393 -16.46 1.26 5.99
C THR D 393 -15.00 1.65 6.24
N ASN D 394 -14.07 0.70 6.20
CA ASN D 394 -12.66 1.03 6.41
C ASN D 394 -11.78 -0.08 5.82
N TYR D 395 -10.49 -0.09 6.15
CA TYR D 395 -9.59 -1.10 5.59
C TYR D 395 -9.58 -2.42 6.37
N ALA D 396 -10.38 -2.51 7.43
CA ALA D 396 -10.37 -3.68 8.31
C ALA D 396 -11.35 -4.79 7.91
N GLY D 397 -11.80 -4.73 6.65
CA GLY D 397 -12.66 -5.73 6.05
C GLY D 397 -14.17 -5.60 6.04
N LEU D 398 -14.73 -4.55 6.64
CA LEU D 398 -16.17 -4.40 6.57
C LEU D 398 -16.49 -3.16 5.76
N TYR D 399 -17.33 -3.32 4.75
CA TYR D 399 -17.71 -2.23 3.86
C TYR D 399 -19.22 -2.03 3.94
N ARG D 400 -19.61 -0.86 4.41
CA ARG D 400 -21.02 -0.49 4.53
C ARG D 400 -21.72 -1.54 5.39
N TYR D 401 -21.14 -1.83 6.55
CA TYR D 401 -21.66 -2.90 7.40
C TYR D 401 -22.37 -2.39 8.66
N ARG D 402 -23.55 -2.97 8.94
CA ARG D 402 -24.36 -2.60 10.10
C ARG D 402 -23.84 -3.27 11.35
N LEU D 403 -23.22 -2.49 12.22
CA LEU D 403 -22.71 -3.02 13.49
C LEU D 403 -23.86 -3.41 14.42
N GLY D 404 -24.95 -2.64 14.38
CA GLY D 404 -26.09 -2.89 15.24
C GLY D 404 -26.13 -2.19 16.60
N ASP D 405 -25.96 -0.87 16.62
CA ASP D 405 -26.04 -0.13 17.87
C ASP D 405 -26.39 1.35 17.65
N VAL D 406 -27.00 1.96 18.66
CA VAL D 406 -27.46 3.35 18.60
C VAL D 406 -26.66 4.41 19.37
N VAL D 407 -26.25 5.48 18.69
CA VAL D 407 -25.47 6.54 19.31
C VAL D 407 -26.13 7.93 19.17
N LYS D 408 -25.80 8.86 20.06
CA LYS D 408 -26.45 10.18 20.06
C LYS D 408 -25.47 11.34 19.89
N VAL D 409 -25.86 12.36 19.12
CA VAL D 409 -24.99 13.52 18.97
C VAL D 409 -25.41 14.60 19.95
N ILE D 410 -24.56 14.85 20.94
CA ILE D 410 -24.83 15.88 21.94
C ILE D 410 -24.40 17.27 21.47
N GLY D 411 -23.42 17.30 20.57
CA GLY D 411 -22.88 18.57 20.10
C GLY D 411 -21.73 18.41 19.11
N PHE D 412 -20.99 19.48 18.90
CA PHE D 412 -19.88 19.48 17.95
C PHE D 412 -18.56 20.11 18.42
N TYR D 413 -17.45 19.41 18.20
CA TYR D 413 -16.13 19.96 18.52
C TYR D 413 -15.71 20.63 17.22
N ASN D 414 -15.80 21.95 17.15
CA ASN D 414 -15.50 22.65 15.90
C ASN D 414 -16.49 22.09 14.89
N ASN D 415 -16.06 21.76 13.69
CA ASN D 415 -17.00 21.24 12.68
C ASN D 415 -17.22 19.72 12.74
N THR D 416 -16.70 19.07 13.78
CA THR D 416 -16.81 17.62 13.93
C THR D 416 -17.78 17.29 15.07
N PRO D 417 -18.62 16.25 14.91
CA PRO D 417 -19.64 15.83 15.88
C PRO D 417 -19.18 15.19 17.21
N GLN D 418 -20.01 15.41 18.24
CA GLN D 418 -19.79 14.86 19.58
C GLN D 418 -20.82 13.75 19.81
N LEU D 419 -20.36 12.58 20.25
CA LEU D 419 -21.26 11.44 20.42
C LEU D 419 -21.36 10.89 21.84
N LYS D 420 -22.49 10.25 22.13
CA LYS D 420 -22.81 9.68 23.44
C LYS D 420 -23.34 8.24 23.32
N PHE D 421 -22.94 7.40 24.28
CA PHE D 421 -23.40 6.01 24.34
C PHE D 421 -24.06 5.59 25.66
N ILE D 422 -25.34 5.25 25.59
CA ILE D 422 -26.06 4.68 26.72
C ILE D 422 -26.45 3.27 26.32
N CYS D 423 -25.61 2.69 25.47
CA CYS D 423 -25.83 1.36 24.91
C CYS D 423 -25.32 0.20 25.76
N ARG D 424 -25.78 -0.99 25.39
CA ARG D 424 -25.56 -2.19 26.17
C ARG D 424 -25.37 -3.44 25.33
N ARG D 425 -26.50 -3.90 24.79
CA ARG D 425 -26.56 -5.07 23.95
C ARG D 425 -27.01 -4.72 22.54
N ASN D 426 -26.22 -5.13 21.56
CA ASN D 426 -26.53 -4.96 20.15
C ASN D 426 -27.46 -6.12 19.92
N LEU D 427 -28.56 -6.12 20.65
CA LEU D 427 -29.34 -7.32 20.69
C LEU D 427 -30.61 -7.64 19.92
N ILE D 428 -30.42 -8.76 19.22
CA ILE D 428 -31.40 -9.72 18.73
C ILE D 428 -30.40 -10.85 18.53
N LEU D 429 -30.82 -12.08 18.77
CA LEU D 429 -29.91 -13.20 18.56
C LEU D 429 -30.60 -14.06 17.55
N SER D 430 -29.89 -15.02 16.98
CA SER D 430 -30.51 -15.92 16.04
C SER D 430 -30.12 -17.30 16.51
N ILE D 431 -30.39 -18.33 15.72
CA ILE D 431 -30.11 -19.67 16.18
C ILE D 431 -28.77 -20.26 15.76
N ASN D 432 -28.13 -20.80 16.79
CA ASN D 432 -26.76 -21.32 16.88
C ASN D 432 -26.52 -22.74 16.34
N ILE D 433 -25.31 -23.29 16.61
CA ILE D 433 -24.88 -24.71 16.54
C ILE D 433 -23.50 -24.87 17.21
N ASP D 434 -23.01 -23.82 17.86
CA ASP D 434 -21.76 -23.91 18.62
C ASP D 434 -22.19 -24.26 20.03
N LYS D 435 -23.36 -24.87 20.09
CA LYS D 435 -23.99 -25.36 21.29
C LYS D 435 -24.78 -26.63 20.92
N ASN D 436 -25.01 -27.62 21.80
CA ASN D 436 -24.67 -27.66 23.24
C ASN D 436 -25.22 -26.47 23.98
N THR D 437 -26.55 -26.36 24.01
CA THR D 437 -27.31 -25.25 24.61
C THR D 437 -26.50 -24.40 25.56
N GLU D 438 -26.61 -23.09 25.43
CA GLU D 438 -25.78 -22.18 26.23
C GLU D 438 -25.96 -22.57 27.68
N ARG D 439 -27.19 -22.95 28.04
CA ARG D 439 -27.49 -23.40 29.39
C ARG D 439 -26.64 -24.61 29.74
N ASP D 440 -26.39 -25.46 28.74
CA ASP D 440 -25.56 -26.64 28.91
C ASP D 440 -24.10 -26.23 29.13
N LEU D 441 -23.65 -25.22 28.40
CA LEU D 441 -22.28 -24.73 28.55
C LEU D 441 -22.06 -24.06 29.89
N GLN D 442 -22.97 -23.19 30.28
CA GLN D 442 -22.88 -22.49 31.55
C GLN D 442 -22.95 -23.53 32.65
N LEU D 443 -23.85 -24.50 32.49
CA LEU D 443 -24.02 -25.58 33.45
C LEU D 443 -22.75 -26.41 33.57
N SER D 444 -22.09 -26.60 32.43
CA SER D 444 -20.86 -27.35 32.36
C SER D 444 -19.77 -26.68 33.15
N VAL D 445 -19.65 -25.39 32.91
CA VAL D 445 -18.67 -24.58 33.58
C VAL D 445 -18.95 -24.66 35.07
N GLU D 446 -20.21 -24.49 35.43
CA GLU D 446 -20.64 -24.52 36.83
C GLU D 446 -20.36 -25.85 37.52
N SER D 447 -20.66 -26.93 36.82
CA SER D 447 -20.49 -28.29 37.33
C SER D 447 -19.04 -28.62 37.63
N ALA D 448 -18.18 -28.44 36.64
CA ALA D 448 -16.77 -28.74 36.88
C ALA D 448 -16.10 -27.71 37.82
N ALA D 449 -16.64 -26.50 37.84
CA ALA D 449 -16.07 -25.38 38.60
C ALA D 449 -16.06 -25.55 40.10
N LYS D 450 -16.96 -26.37 40.61
CA LYS D 450 -17.02 -26.55 42.05
C LYS D 450 -15.82 -27.30 42.59
N ARG D 451 -15.18 -28.05 41.69
CA ARG D 451 -13.99 -28.77 42.04
C ARG D 451 -12.96 -27.75 42.43
N LEU D 452 -12.98 -26.64 41.69
CA LEU D 452 -12.15 -25.47 41.98
C LEU D 452 -12.67 -24.69 43.19
N SER D 453 -13.99 -24.65 43.35
CA SER D 453 -14.63 -23.91 44.45
C SER D 453 -14.27 -24.57 45.76
N GLU D 454 -13.70 -25.78 45.68
CA GLU D 454 -13.25 -26.51 46.87
C GLU D 454 -12.12 -25.70 47.49
N GLU D 455 -11.60 -24.77 46.71
CA GLU D 455 -10.44 -23.95 47.03
C GLU D 455 -10.80 -22.49 47.32
N LYS D 456 -12.07 -22.25 47.70
CA LYS D 456 -12.57 -20.90 47.96
C LYS D 456 -12.63 -19.94 46.77
N ILE D 457 -13.30 -20.33 45.68
CA ILE D 457 -13.37 -19.46 44.50
C ILE D 457 -14.68 -19.56 43.73
N GLU D 458 -14.94 -18.56 42.90
CA GLU D 458 -16.13 -18.53 42.04
C GLU D 458 -15.74 -18.27 40.59
N VAL D 459 -16.66 -18.59 39.67
CA VAL D 459 -16.38 -18.44 38.25
C VAL D 459 -16.85 -17.09 37.70
N ILE D 460 -15.89 -16.32 37.20
CA ILE D 460 -16.14 -15.01 36.62
C ILE D 460 -16.73 -15.09 35.20
N ASP D 461 -16.10 -15.87 34.31
CA ASP D 461 -16.61 -15.99 32.93
C ASP D 461 -16.11 -17.23 32.18
N PHE D 462 -16.61 -17.43 30.96
CA PHE D 462 -16.25 -18.60 30.15
C PHE D 462 -16.57 -18.50 28.64
N SER D 463 -15.93 -19.36 27.84
CA SER D 463 -16.18 -19.49 26.39
C SER D 463 -15.85 -20.91 25.92
N SER D 464 -16.00 -21.18 24.63
CA SER D 464 -15.70 -22.51 24.08
C SER D 464 -15.25 -22.48 22.61
N TYR D 465 -14.85 -23.64 22.06
CA TYR D 465 -14.31 -23.67 20.69
C TYR D 465 -14.28 -25.03 19.97
N ILE D 466 -14.44 -25.02 18.65
CA ILE D 466 -14.40 -26.22 17.82
C ILE D 466 -13.17 -26.25 16.93
N ASP D 467 -12.23 -27.16 17.19
CA ASP D 467 -11.02 -27.25 16.39
C ASP D 467 -11.10 -28.45 15.45
N VAL D 468 -11.13 -28.20 14.14
CA VAL D 468 -11.21 -29.29 13.18
C VAL D 468 -9.92 -29.43 12.36
N SER D 469 -8.84 -28.78 12.79
CA SER D 469 -7.56 -29.03 12.15
C SER D 469 -7.17 -30.44 12.59
N THR D 470 -7.49 -30.71 13.85
CA THR D 470 -7.19 -31.95 14.54
C THR D 470 -8.08 -33.14 14.18
N ASP D 471 -7.57 -34.34 14.43
CA ASP D 471 -8.33 -35.57 14.23
C ASP D 471 -8.24 -36.44 15.47
N PRO D 472 -9.38 -36.67 16.13
CA PRO D 472 -10.68 -36.08 15.72
C PRO D 472 -10.80 -34.64 16.17
N GLY D 473 -11.79 -33.92 15.68
CA GLY D 473 -11.98 -32.54 16.08
C GLY D 473 -12.32 -32.58 17.55
N HIS D 474 -12.12 -31.47 18.26
CA HIS D 474 -12.43 -31.47 19.68
C HIS D 474 -12.92 -30.11 20.16
N TYR D 475 -13.57 -30.12 21.32
CA TYR D 475 -14.12 -28.92 21.92
C TYR D 475 -13.09 -28.33 22.87
N ALA D 476 -13.07 -27.01 22.98
CA ALA D 476 -12.17 -26.34 23.93
C ALA D 476 -13.00 -25.48 24.85
N ILE D 477 -12.78 -25.60 26.17
CA ILE D 477 -13.52 -24.80 27.14
C ILE D 477 -12.61 -23.81 27.87
N PHE D 478 -13.09 -22.57 28.01
CA PHE D 478 -12.34 -21.56 28.72
C PHE D 478 -13.05 -21.12 29.94
N TRP D 479 -12.29 -20.91 31.00
CA TRP D 479 -12.83 -20.45 32.24
C TRP D 479 -12.05 -19.27 32.76
N GLU D 480 -12.75 -18.39 33.44
CA GLU D 480 -12.15 -17.29 34.14
C GLU D 480 -12.60 -17.51 35.57
N ILE D 481 -11.66 -17.70 36.48
CA ILE D 481 -11.99 -17.94 37.87
C ILE D 481 -11.25 -16.92 38.74
N SER D 482 -11.62 -16.86 40.01
CA SER D 482 -11.06 -15.87 40.92
C SER D 482 -9.69 -16.24 41.53
N GLY D 483 -9.16 -17.42 41.25
CA GLY D 483 -7.89 -17.82 41.84
C GLY D 483 -7.14 -19.01 41.24
N GLU D 484 -5.98 -19.32 41.82
CA GLU D 484 -5.10 -20.40 41.35
C GLU D 484 -5.24 -21.73 42.11
N THR D 485 -4.98 -22.84 41.40
CA THR D 485 -5.06 -24.17 42.00
C THR D 485 -4.26 -25.15 41.14
N ASN D 486 -3.99 -26.35 41.67
CA ASN D 486 -3.15 -27.34 40.99
C ASN D 486 -3.79 -28.01 39.77
N GLU D 487 -2.96 -28.74 39.02
CA GLU D 487 -3.38 -29.41 37.81
C GLU D 487 -4.35 -30.57 37.95
N ASP D 488 -4.12 -31.46 38.91
CA ASP D 488 -4.92 -32.67 39.01
C ASP D 488 -6.41 -32.38 39.04
N VAL D 489 -6.77 -31.35 39.80
CA VAL D 489 -8.15 -30.88 39.88
C VAL D 489 -8.65 -30.27 38.57
N LEU D 490 -7.79 -29.58 37.83
CA LEU D 490 -8.17 -28.99 36.55
C LEU D 490 -8.47 -30.08 35.54
N GLN D 491 -7.61 -31.10 35.49
CA GLN D 491 -7.80 -32.25 34.62
C GLN D 491 -9.13 -32.86 35.00
N ASP D 492 -9.35 -32.86 36.32
CA ASP D 492 -10.59 -33.37 36.90
C ASP D 492 -11.77 -32.56 36.39
N CYS D 493 -11.60 -31.24 36.28
CA CYS D 493 -12.67 -30.38 35.79
C CYS D 493 -12.95 -30.65 34.32
N CYS D 494 -11.91 -30.89 33.52
CA CYS D 494 -12.13 -31.12 32.09
C CYS D 494 -13.03 -32.30 31.84
N ASN D 495 -12.81 -33.38 32.59
CA ASN D 495 -13.68 -34.55 32.38
C ASN D 495 -15.10 -34.15 32.67
N CYS D 496 -15.30 -33.32 33.69
CA CYS D 496 -16.65 -32.89 34.09
C CYS D 496 -17.32 -32.02 33.05
N LEU D 497 -16.56 -31.14 32.42
CA LEU D 497 -17.10 -30.31 31.37
C LEU D 497 -17.55 -31.22 30.26
N ASP D 498 -16.79 -32.29 30.03
CA ASP D 498 -17.20 -33.25 29.03
C ASP D 498 -18.50 -33.90 29.55
N ARG D 499 -18.50 -34.29 30.82
CA ARG D 499 -19.62 -34.95 31.52
C ARG D 499 -20.84 -34.10 31.67
N ALA D 500 -20.74 -32.82 31.36
CA ALA D 500 -21.84 -31.91 31.59
C ALA D 500 -22.74 -31.61 30.42
N PHE D 501 -22.34 -31.90 29.19
CA PHE D 501 -23.23 -31.56 28.09
C PHE D 501 -24.28 -32.66 28.09
N ILE D 502 -25.46 -32.29 28.57
CA ILE D 502 -26.58 -33.20 28.83
C ILE D 502 -27.26 -33.94 27.66
N ASP D 503 -27.15 -33.44 26.43
CA ASP D 503 -27.83 -34.12 25.31
C ASP D 503 -27.26 -35.47 24.89
N ALA D 504 -28.15 -36.31 24.35
CA ALA D 504 -27.88 -37.67 23.89
C ALA D 504 -26.79 -37.80 22.82
N GLY D 505 -26.71 -36.81 21.96
CA GLY D 505 -25.78 -36.85 20.86
C GLY D 505 -24.28 -36.68 21.02
N TYR D 506 -23.91 -35.65 21.77
CA TYR D 506 -22.54 -35.32 22.09
C TYR D 506 -22.04 -36.60 22.72
N VAL D 507 -22.98 -37.16 23.47
CA VAL D 507 -22.80 -38.41 24.16
C VAL D 507 -22.45 -39.45 23.12
N SER D 508 -23.25 -39.55 22.07
CA SER D 508 -22.99 -40.58 21.08
C SER D 508 -21.66 -40.53 20.35
N SER D 509 -21.28 -39.37 19.81
CA SER D 509 -20.00 -39.33 19.10
C SER D 509 -18.79 -39.44 19.96
N ARG D 510 -18.73 -38.62 21.00
CA ARG D 510 -17.54 -38.67 21.84
C ARG D 510 -17.44 -40.04 22.50
N LYS D 511 -18.58 -40.61 22.88
CA LYS D 511 -18.57 -41.95 23.43
C LYS D 511 -18.01 -42.84 22.35
N CYS D 512 -18.29 -42.51 21.10
CA CYS D 512 -17.74 -43.28 20.01
C CYS D 512 -16.37 -42.66 19.64
N LYS D 513 -16.13 -41.42 20.07
CA LYS D 513 -14.88 -40.66 19.91
C LYS D 513 -14.58 -40.05 18.51
N THR D 514 -15.59 -39.91 17.65
CA THR D 514 -15.35 -39.33 16.32
C THR D 514 -15.12 -37.82 16.44
N ILE D 515 -15.52 -37.26 17.58
CA ILE D 515 -15.19 -35.88 17.91
C ILE D 515 -14.32 -36.12 19.13
N GLY D 516 -13.18 -35.44 19.21
CA GLY D 516 -12.25 -35.70 20.29
C GLY D 516 -12.69 -35.23 21.65
N ALA D 517 -11.96 -35.66 22.66
CA ALA D 517 -12.26 -35.28 24.03
C ALA D 517 -12.15 -33.78 24.17
N LEU D 518 -13.17 -33.16 24.75
CA LEU D 518 -13.15 -31.73 24.95
C LEU D 518 -11.96 -31.37 25.81
N GLU D 519 -11.29 -30.28 25.45
CA GLU D 519 -10.12 -29.86 26.20
C GLU D 519 -10.44 -28.66 27.05
N LEU D 520 -10.13 -28.76 28.34
CA LEU D 520 -10.31 -27.64 29.23
C LEU D 520 -8.97 -26.96 29.39
N ARG D 521 -8.83 -25.86 28.66
CA ARG D 521 -7.65 -25.04 28.75
C ARG D 521 -8.05 -23.95 29.71
N VAL D 522 -7.56 -24.03 30.95
CA VAL D 522 -7.92 -22.99 31.90
C VAL D 522 -7.05 -21.77 31.59
N VAL D 523 -7.71 -20.65 31.30
CA VAL D 523 -7.00 -19.43 31.04
C VAL D 523 -7.07 -18.59 32.30
N ALA D 524 -6.21 -17.58 32.35
CA ALA D 524 -6.08 -16.70 33.49
C ALA D 524 -7.12 -15.56 33.56
N LYS D 525 -7.16 -14.88 34.70
CA LYS D 525 -8.11 -13.80 35.00
C LYS D 525 -8.07 -12.61 34.03
N GLY D 526 -9.25 -12.05 33.77
CA GLY D 526 -9.36 -10.87 32.93
C GLY D 526 -9.38 -11.08 31.43
N THR D 527 -9.39 -12.34 31.01
CA THR D 527 -9.43 -12.66 29.59
C THR D 527 -10.71 -12.15 28.90
N PHE D 528 -11.84 -12.52 29.50
CA PHE D 528 -13.14 -12.11 29.02
C PHE D 528 -13.29 -10.62 29.25
N ARG D 529 -12.52 -10.16 30.22
CA ARG D 529 -12.40 -8.74 30.51
C ARG D 529 -11.70 -8.04 29.35
N LYS D 530 -10.70 -8.70 28.79
CA LYS D 530 -9.96 -8.15 27.66
C LYS D 530 -10.99 -8.02 26.56
N ILE D 531 -11.87 -9.02 26.51
CA ILE D 531 -12.91 -9.06 25.50
C ILE D 531 -13.97 -7.95 25.62
N GLN D 532 -14.51 -7.74 26.82
CA GLN D 532 -15.48 -6.68 27.04
C GLN D 532 -14.81 -5.34 26.73
N GLU D 533 -13.60 -5.18 27.26
CA GLU D 533 -12.83 -3.94 27.12
C GLU D 533 -12.57 -3.59 25.67
N HIS D 534 -12.23 -4.59 24.88
CA HIS D 534 -12.04 -4.33 23.49
C HIS D 534 -13.37 -3.98 22.83
N PHE D 535 -14.44 -4.63 23.30
CA PHE D 535 -15.79 -4.45 22.75
C PHE D 535 -16.60 -3.16 22.98
N LEU D 536 -16.68 -2.65 24.19
CA LEU D 536 -17.45 -1.43 24.40
C LEU D 536 -16.78 -0.32 23.65
N GLY D 537 -15.46 -0.37 23.62
CA GLY D 537 -14.67 0.61 22.91
C GLY D 537 -14.94 0.46 21.42
N LEU D 538 -15.39 -0.72 21.01
CA LEU D 538 -15.58 -1.02 19.59
C LEU D 538 -16.50 0.01 18.96
N GLY D 539 -15.94 0.72 18.00
CA GLY D 539 -16.58 1.86 17.42
C GLY D 539 -17.89 1.68 16.68
N SER D 540 -18.86 2.45 17.17
CA SER D 540 -20.24 2.53 16.73
C SER D 540 -21.05 3.08 17.91
N SER D 541 -21.52 2.17 18.77
CA SER D 541 -22.25 2.54 19.98
C SER D 541 -22.30 1.43 21.03
N ALA D 542 -21.73 1.70 22.21
CA ALA D 542 -21.63 0.78 23.37
C ALA D 542 -22.47 -0.52 23.43
N GLY D 543 -23.32 -0.81 22.46
CA GLY D 543 -24.09 -2.04 22.53
C GLY D 543 -23.16 -3.11 22.00
N GLN D 544 -22.26 -3.59 22.87
CA GLN D 544 -21.24 -4.55 22.44
C GLN D 544 -20.72 -5.58 23.44
N PHE D 545 -21.47 -5.92 24.47
CA PHE D 545 -20.90 -6.85 25.45
C PHE D 545 -21.41 -8.31 25.49
N LYS D 546 -22.34 -8.68 24.63
CA LYS D 546 -22.87 -10.04 24.70
C LYS D 546 -21.88 -11.00 24.06
N MET D 547 -20.99 -11.54 24.88
CA MET D 547 -19.93 -12.43 24.43
C MET D 547 -20.42 -13.80 23.96
N PRO D 548 -20.02 -14.21 22.75
CA PRO D 548 -20.38 -15.51 22.18
C PRO D 548 -19.74 -16.63 23.00
N ARG D 549 -20.45 -17.74 23.19
CA ARG D 549 -19.96 -18.82 24.06
C ARG D 549 -19.09 -19.92 23.46
N CYS D 550 -19.24 -20.24 22.18
CA CYS D 550 -18.36 -21.24 21.60
C CYS D 550 -17.97 -20.79 20.22
N VAL D 551 -16.67 -20.75 19.98
CA VAL D 551 -16.19 -20.23 18.73
C VAL D 551 -15.98 -21.27 17.62
N LYS D 552 -16.80 -21.10 16.58
CA LYS D 552 -16.74 -21.88 15.37
C LYS D 552 -15.46 -21.40 14.72
N PRO D 553 -14.90 -22.17 13.78
CA PRO D 553 -13.64 -21.65 13.23
C PRO D 553 -13.89 -20.40 12.37
N SER D 554 -14.74 -19.53 12.90
CA SER D 554 -15.05 -18.23 12.33
C SER D 554 -15.07 -17.16 13.43
N ASN D 555 -14.38 -17.39 14.55
CA ASN D 555 -14.24 -16.42 15.64
C ASN D 555 -12.77 -16.29 16.02
N ALA D 556 -12.28 -15.06 16.18
CA ALA D 556 -10.86 -14.86 16.41
C ALA D 556 -10.35 -14.06 17.62
N LYS D 557 -11.07 -13.02 18.04
CA LYS D 557 -10.58 -12.15 19.10
C LYS D 557 -10.27 -12.93 20.38
N VAL D 558 -11.25 -13.70 20.84
CA VAL D 558 -11.04 -14.55 21.99
C VAL D 558 -10.12 -15.71 21.63
N LEU D 559 -10.10 -16.06 20.34
CA LEU D 559 -9.33 -17.18 19.80
C LEU D 559 -7.79 -17.08 19.88
N GLN D 560 -7.21 -15.91 19.66
CA GLN D 560 -5.76 -15.78 19.83
C GLN D 560 -5.56 -15.91 21.30
N ILE D 561 -6.48 -15.25 21.98
CA ILE D 561 -6.59 -15.20 23.41
C ILE D 561 -7.00 -16.63 23.88
N LEU D 562 -6.99 -17.60 22.97
CA LEU D 562 -7.34 -18.97 23.36
C LEU D 562 -6.11 -19.72 23.94
N CYS D 563 -5.08 -20.00 23.12
CA CYS D 563 -3.87 -20.80 23.50
C CYS D 563 -2.68 -20.47 24.45
N GLU D 564 -1.99 -19.34 24.29
CA GLU D 564 -0.78 -19.12 25.13
C GLU D 564 -0.96 -18.94 26.63
N ASN D 565 -2.20 -18.83 27.08
CA ASN D 565 -2.43 -18.72 28.52
C ASN D 565 -3.08 -19.97 29.02
N VAL D 566 -2.67 -21.08 28.42
CA VAL D 566 -3.17 -22.33 28.90
C VAL D 566 -2.28 -22.43 30.13
N VAL D 567 -2.71 -21.75 31.21
CA VAL D 567 -1.99 -21.77 32.47
C VAL D 567 -1.91 -23.24 32.84
N SER D 568 -2.90 -23.95 32.32
CA SER D 568 -2.96 -25.40 32.29
C SER D 568 -3.84 -25.77 31.11
N SER D 569 -3.49 -26.82 30.37
CA SER D 569 -4.32 -27.25 29.25
C SER D 569 -4.47 -28.75 29.29
N TYR D 570 -5.68 -29.23 29.49
CA TYR D 570 -5.85 -30.67 29.59
C TYR D 570 -6.98 -31.29 28.80
N PHE D 571 -6.74 -32.54 28.47
CA PHE D 571 -7.58 -33.39 27.67
C PHE D 571 -8.10 -34.44 28.62
N SER D 572 -9.39 -34.71 28.55
CA SER D 572 -10.06 -35.56 29.52
C SER D 572 -9.42 -36.93 29.74
N THR D 573 -9.03 -37.21 30.99
CA THR D 573 -8.45 -38.50 31.37
C THR D 573 -9.47 -39.62 31.31
N ALA D 574 -10.72 -39.26 31.55
CA ALA D 574 -11.83 -40.18 31.42
C ALA D 574 -11.92 -40.36 29.93
N PHE D 575 -12.75 -41.29 29.46
CA PHE D 575 -12.87 -41.55 28.03
C PHE D 575 -11.62 -42.26 27.54
N LEU E 10 -37.82 -27.26 64.67
CA LEU E 10 -36.56 -26.99 64.00
C LEU E 10 -35.53 -28.05 64.37
N PRO E 11 -35.00 -28.75 63.35
CA PRO E 11 -34.05 -29.84 63.50
C PRO E 11 -32.72 -29.38 64.03
N ILE E 12 -32.18 -30.04 65.05
CA ILE E 12 -30.88 -29.60 65.53
C ILE E 12 -29.78 -30.60 65.22
N LEU E 13 -28.80 -30.16 64.44
CA LEU E 13 -27.71 -31.06 64.06
C LEU E 13 -26.42 -30.80 64.79
N LEU E 14 -25.91 -31.86 65.41
CA LEU E 14 -24.64 -31.79 66.09
C LEU E 14 -23.66 -32.28 65.05
N ASP E 15 -22.83 -31.36 64.57
CA ASP E 15 -21.86 -31.61 63.51
C ASP E 15 -20.44 -31.16 63.82
N TYR E 16 -19.51 -31.63 63.00
CA TYR E 16 -18.09 -31.34 63.09
C TYR E 16 -17.66 -30.84 61.70
N TRP E 17 -16.92 -29.73 61.64
CA TRP E 17 -16.58 -29.12 60.35
C TRP E 17 -15.93 -30.11 59.35
N PRO E 18 -15.02 -31.00 59.79
CA PRO E 18 -14.47 -31.91 58.79
C PRO E 18 -15.13 -33.28 58.86
N SER E 19 -16.33 -33.39 59.38
CA SER E 19 -16.89 -34.73 59.47
C SER E 19 -17.55 -35.15 58.18
N MET E 20 -16.93 -36.13 57.52
CA MET E 20 -17.43 -36.68 56.27
C MET E 20 -18.81 -37.21 56.55
N PHE E 21 -18.92 -37.77 57.74
CA PHE E 21 -20.15 -38.31 58.29
C PHE E 21 -21.14 -37.18 58.64
N GLY E 22 -20.61 -36.11 59.24
CA GLY E 22 -21.42 -34.96 59.57
C GLY E 22 -21.97 -34.42 58.27
N MET E 23 -21.14 -34.49 57.22
CA MET E 23 -21.52 -34.06 55.89
C MET E 23 -22.53 -35.04 55.32
N ARG E 24 -22.47 -36.29 55.75
CA ARG E 24 -23.41 -37.28 55.26
C ARG E 24 -24.79 -36.81 55.71
N ALA E 25 -24.88 -36.42 56.97
CA ALA E 25 -26.15 -35.90 57.49
C ALA E 25 -26.57 -34.57 56.85
N ARG E 26 -25.62 -33.62 56.75
CA ARG E 26 -25.92 -32.31 56.18
C ARG E 26 -26.37 -32.38 54.72
N VAL E 27 -25.67 -33.21 53.93
CA VAL E 27 -26.00 -33.41 52.53
C VAL E 27 -27.35 -34.10 52.43
N ALA E 28 -27.61 -35.07 53.31
CA ALA E 28 -28.89 -35.77 53.26
C ALA E 28 -30.07 -34.83 53.50
N LEU E 29 -29.98 -34.09 54.60
CA LEU E 29 -31.04 -33.17 54.98
C LEU E 29 -31.21 -32.05 53.95
N ARG E 30 -30.11 -31.41 53.53
CA ARG E 30 -30.23 -30.34 52.54
C ARG E 30 -30.75 -30.88 51.21
N GLU E 31 -30.42 -32.12 50.90
CA GLU E 31 -30.88 -32.72 49.66
C GLU E 31 -32.39 -32.84 49.70
N LYS E 32 -32.91 -33.22 50.87
CA LYS E 32 -34.37 -33.39 50.94
C LYS E 32 -35.14 -32.06 50.86
N GLY E 33 -34.77 -31.09 51.69
CA GLY E 33 -35.45 -29.81 51.67
C GLY E 33 -35.91 -29.31 53.03
N VAL E 34 -35.07 -29.51 54.03
CA VAL E 34 -35.35 -29.07 55.38
C VAL E 34 -34.50 -27.85 55.75
N GLU E 35 -35.07 -26.96 56.56
CA GLU E 35 -34.28 -25.84 57.03
C GLU E 35 -33.92 -26.25 58.45
N PHE E 36 -32.62 -26.36 58.70
CA PHE E 36 -32.12 -26.88 59.96
C PHE E 36 -30.97 -26.07 60.53
N GLU E 37 -30.69 -26.32 61.80
CA GLU E 37 -29.59 -25.61 62.44
C GLU E 37 -28.39 -26.50 62.74
N TYR E 38 -27.22 -25.95 62.47
CA TYR E 38 -25.96 -26.64 62.70
C TYR E 38 -25.25 -26.08 63.92
N ARG E 39 -24.78 -26.98 64.78
CA ARG E 39 -24.04 -26.58 65.95
C ARG E 39 -22.71 -27.31 65.93
N GLU E 40 -21.63 -26.55 65.91
CA GLU E 40 -20.30 -27.13 65.85
C GLU E 40 -19.82 -27.60 67.19
N GLU E 41 -19.14 -28.74 67.15
CA GLU E 41 -18.66 -29.39 68.35
C GLU E 41 -17.19 -29.19 68.61
N ASP E 42 -16.87 -29.24 69.88
CA ASP E 42 -15.50 -29.22 70.34
C ASP E 42 -15.52 -30.56 71.02
N PHE E 43 -14.99 -31.59 70.35
CA PHE E 43 -15.05 -32.95 70.92
C PHE E 43 -14.30 -33.00 72.23
N SER E 44 -13.58 -31.93 72.50
CA SER E 44 -12.88 -31.71 73.75
C SER E 44 -13.94 -31.49 74.83
N ASN E 45 -14.99 -30.76 74.46
CA ASN E 45 -16.10 -30.47 75.35
C ASN E 45 -17.40 -30.85 74.64
N LYS E 46 -17.67 -32.15 74.58
CA LYS E 46 -18.89 -32.63 73.94
C LYS E 46 -20.09 -32.13 74.72
N SER E 47 -21.04 -31.57 73.97
CA SER E 47 -22.22 -30.89 74.47
C SER E 47 -23.15 -31.67 75.38
N PRO E 48 -23.86 -30.95 76.27
CA PRO E 48 -24.81 -31.56 77.18
C PRO E 48 -25.95 -32.26 76.44
N LEU E 49 -26.42 -31.64 75.37
CA LEU E 49 -27.46 -32.25 74.55
C LEU E 49 -26.88 -33.43 73.80
N LEU E 50 -25.62 -33.27 73.38
CA LEU E 50 -24.92 -34.37 72.71
C LEU E 50 -24.60 -35.47 73.71
N LEU E 51 -24.15 -35.11 74.91
CA LEU E 51 -23.82 -36.11 75.92
C LEU E 51 -25.09 -36.81 76.39
N GLN E 52 -26.24 -36.22 76.05
CA GLN E 52 -27.52 -36.81 76.40
C GLN E 52 -28.09 -37.62 75.23
N SER E 53 -27.69 -37.28 74.01
CA SER E 53 -28.08 -38.02 72.82
C SER E 53 -27.36 -39.37 72.68
N ASN E 54 -26.04 -39.36 72.84
CA ASN E 54 -25.21 -40.58 72.82
C ASN E 54 -24.17 -40.56 73.94
N PRO E 55 -24.58 -40.94 75.16
CA PRO E 55 -23.68 -40.90 76.33
C PRO E 55 -22.46 -41.81 76.27
N ILE E 56 -22.39 -42.73 75.32
CA ILE E 56 -21.24 -43.65 75.26
C ILE E 56 -20.36 -43.46 74.01
N HIS E 57 -20.95 -43.44 72.81
CA HIS E 57 -20.18 -43.19 71.60
C HIS E 57 -19.66 -41.77 71.61
N LYS E 58 -20.54 -40.85 72.02
CA LYS E 58 -20.25 -39.42 72.08
C LYS E 58 -19.89 -38.95 70.68
N LYS E 59 -20.47 -39.60 69.67
CA LYS E 59 -20.17 -39.32 68.27
C LYS E 59 -21.31 -38.70 67.45
N ILE E 60 -20.91 -37.93 66.43
CA ILE E 60 -21.82 -37.24 65.53
C ILE E 60 -21.82 -37.96 64.15
N PRO E 61 -22.71 -37.57 63.21
CA PRO E 61 -23.74 -36.52 63.28
C PRO E 61 -24.90 -36.89 64.17
N VAL E 62 -25.55 -35.87 64.73
CA VAL E 62 -26.74 -36.15 65.52
C VAL E 62 -27.85 -35.22 65.08
N LEU E 63 -28.93 -35.77 64.54
CA LEU E 63 -30.03 -34.91 64.16
C LEU E 63 -31.09 -35.07 65.23
N VAL E 64 -31.57 -33.95 65.76
CA VAL E 64 -32.55 -34.02 66.82
C VAL E 64 -33.89 -33.54 66.32
N HIS E 65 -34.87 -34.43 66.41
CA HIS E 65 -36.24 -34.17 66.00
C HIS E 65 -37.27 -34.62 67.03
N ASN E 66 -38.18 -33.72 67.37
CA ASN E 66 -39.25 -34.02 68.30
C ASN E 66 -38.67 -34.32 69.69
N GLY E 67 -37.42 -33.91 69.89
CA GLY E 67 -36.74 -34.13 71.14
C GLY E 67 -36.19 -35.53 71.23
N LYS E 68 -36.05 -36.16 70.07
CA LYS E 68 -35.52 -37.49 69.98
C LYS E 68 -34.28 -37.45 69.09
N PRO E 69 -33.14 -37.88 69.65
CA PRO E 69 -31.85 -37.88 68.96
C PRO E 69 -31.68 -39.03 67.97
N VAL E 70 -31.25 -38.70 66.78
CA VAL E 70 -31.03 -39.66 65.73
C VAL E 70 -29.50 -39.67 65.50
N CYS E 71 -28.91 -40.85 65.60
CA CYS E 71 -27.46 -41.00 65.55
C CYS E 71 -26.97 -41.91 64.41
N GLU E 72 -25.70 -41.73 64.04
CA GLU E 72 -24.99 -42.51 63.01
C GLU E 72 -25.34 -41.92 61.65
N SER E 73 -24.35 -41.75 60.77
CA SER E 73 -24.59 -41.09 59.49
C SER E 73 -25.55 -41.75 58.52
N LEU E 74 -25.32 -43.02 58.18
CA LEU E 74 -26.24 -43.70 57.27
C LEU E 74 -27.60 -43.79 57.94
N ASN E 75 -27.58 -43.99 59.25
CA ASN E 75 -28.81 -44.11 60.00
C ASN E 75 -29.54 -42.78 59.85
N VAL E 76 -28.80 -41.69 60.01
CA VAL E 76 -29.37 -40.35 59.90
C VAL E 76 -29.92 -40.04 58.50
N VAL E 77 -29.24 -40.45 57.44
CA VAL E 77 -29.72 -40.19 56.07
C VAL E 77 -30.99 -40.98 55.75
N GLN E 78 -31.06 -42.24 56.17
CA GLN E 78 -32.31 -42.94 55.91
C GLN E 78 -33.39 -42.38 56.85
N TYR E 79 -32.96 -41.82 57.99
CA TYR E 79 -33.88 -41.14 58.89
C TYR E 79 -34.44 -39.98 58.10
N VAL E 80 -33.58 -39.40 57.27
CA VAL E 80 -33.92 -38.26 56.43
C VAL E 80 -35.02 -38.71 55.47
N ASP E 81 -34.81 -39.85 54.82
CA ASP E 81 -35.81 -40.36 53.86
C ASP E 81 -37.17 -40.63 54.48
N GLU E 82 -37.16 -41.29 55.63
CA GLU E 82 -38.40 -41.62 56.33
C GLU E 82 -39.10 -40.43 57.00
N ALA E 83 -38.34 -39.39 57.36
CA ALA E 83 -38.91 -38.20 57.99
C ALA E 83 -39.81 -37.35 57.10
N TRP E 84 -39.50 -37.28 55.81
CA TRP E 84 -40.30 -36.51 54.86
C TRP E 84 -40.47 -37.29 53.56
N PRO E 85 -41.30 -38.34 53.58
CA PRO E 85 -41.48 -39.23 52.43
C PRO E 85 -42.50 -38.79 51.37
N GLU E 86 -42.31 -37.62 50.77
CA GLU E 86 -43.24 -37.13 49.76
C GLU E 86 -42.61 -36.54 48.50
N LYS E 87 -41.39 -36.01 48.63
CA LYS E 87 -40.74 -35.33 47.51
C LYS E 87 -39.48 -35.97 46.91
N ASN E 88 -38.41 -36.06 47.70
CA ASN E 88 -37.14 -36.58 47.21
C ASN E 88 -36.69 -37.91 47.84
N PRO E 89 -37.15 -39.04 47.27
CA PRO E 89 -36.73 -40.37 47.73
C PRO E 89 -35.27 -40.60 47.30
N PHE E 90 -34.48 -41.30 48.10
CA PHE E 90 -33.08 -41.53 47.68
C PHE E 90 -32.94 -42.94 47.14
N PHE E 91 -33.92 -43.77 47.52
CA PHE E 91 -34.03 -45.16 47.17
C PHE E 91 -34.95 -45.32 45.99
N PRO E 92 -34.79 -46.42 45.24
CA PRO E 92 -35.74 -46.69 44.16
C PRO E 92 -36.96 -47.40 44.75
N SER E 93 -37.96 -47.70 43.93
CA SER E 93 -39.17 -48.38 44.42
C SER E 93 -39.02 -49.87 44.78
N ASP E 94 -38.12 -50.58 44.12
CA ASP E 94 -37.94 -52.02 44.37
C ASP E 94 -37.07 -52.33 45.60
N PRO E 95 -37.40 -53.42 46.31
CA PRO E 95 -36.65 -53.88 47.49
C PRO E 95 -35.21 -54.27 47.13
N TYR E 96 -35.03 -54.85 45.96
CA TYR E 96 -33.70 -55.25 45.51
C TYR E 96 -32.77 -54.07 45.28
N GLY E 97 -33.27 -53.03 44.64
CA GLY E 97 -32.49 -51.83 44.41
C GLY E 97 -32.13 -51.20 45.73
N ARG E 98 -33.06 -51.34 46.67
CA ARG E 98 -32.88 -50.82 48.01
C ARG E 98 -31.70 -51.55 48.64
N ALA E 99 -31.71 -52.86 48.44
CA ALA E 99 -30.66 -53.72 48.94
C ALA E 99 -29.30 -53.47 48.33
N GLN E 100 -29.26 -53.22 47.02
CA GLN E 100 -28.00 -52.99 46.34
C GLN E 100 -27.42 -51.70 46.87
N ALA E 101 -28.30 -50.72 47.06
CA ALA E 101 -27.92 -49.39 47.56
C ALA E 101 -27.36 -49.43 48.98
N ARG E 102 -28.03 -50.14 49.86
CA ARG E 102 -27.55 -50.30 51.22
C ARG E 102 -26.25 -51.07 51.22
N PHE E 103 -26.16 -52.03 50.30
CA PHE E 103 -24.98 -52.87 50.16
C PHE E 103 -23.75 -52.02 49.83
N TRP E 104 -23.88 -51.19 48.80
CA TRP E 104 -22.82 -50.30 48.40
C TRP E 104 -22.53 -49.25 49.50
N ALA E 105 -23.56 -48.80 50.23
CA ALA E 105 -23.28 -47.84 51.30
C ALA E 105 -22.41 -48.50 52.38
N ASP E 106 -22.69 -49.78 52.62
CA ASP E 106 -21.91 -50.56 53.55
C ASP E 106 -20.50 -50.69 52.98
N PHE E 107 -20.38 -50.75 51.65
CA PHE E 107 -19.06 -50.83 51.01
C PHE E 107 -18.28 -49.59 51.38
N VAL E 108 -18.98 -48.46 51.27
CA VAL E 108 -18.40 -47.15 51.52
C VAL E 108 -17.84 -47.09 52.92
N ASP E 109 -18.58 -47.65 53.87
CA ASP E 109 -18.14 -47.62 55.27
C ASP E 109 -16.97 -48.50 55.74
N LYS E 110 -16.64 -49.59 55.05
CA LYS E 110 -15.61 -50.51 55.55
C LYS E 110 -14.17 -50.25 55.02
N LYS E 111 -13.75 -50.98 54.00
CA LYS E 111 -12.39 -50.90 53.48
C LYS E 111 -12.07 -49.53 52.93
N PHE E 112 -13.06 -48.87 52.33
CA PHE E 112 -12.86 -47.56 51.73
C PHE E 112 -12.45 -46.49 52.75
N THR E 113 -13.22 -46.36 53.82
CA THR E 113 -12.95 -45.37 54.86
C THR E 113 -11.66 -45.64 55.60
N ASP E 114 -11.45 -46.90 55.97
CA ASP E 114 -10.24 -47.28 56.65
C ASP E 114 -9.05 -47.00 55.75
N ALA E 115 -9.21 -47.25 54.46
CA ALA E 115 -8.14 -47.04 53.48
C ALA E 115 -7.73 -45.58 53.41
N GLN E 116 -8.72 -44.69 53.30
CA GLN E 116 -8.42 -43.26 53.24
C GLN E 116 -7.76 -42.84 54.54
N PHE E 117 -8.28 -43.41 55.62
CA PHE E 117 -7.79 -43.14 56.96
C PHE E 117 -6.31 -43.50 56.98
N LYS E 118 -5.95 -44.59 56.30
CA LYS E 118 -4.57 -45.02 56.20
C LYS E 118 -3.73 -44.07 55.34
N VAL E 119 -4.29 -43.64 54.22
CA VAL E 119 -3.56 -42.77 53.29
C VAL E 119 -3.25 -41.39 53.86
N TRP E 120 -4.16 -40.76 54.59
CA TRP E 120 -3.85 -39.43 55.14
C TRP E 120 -3.50 -39.44 56.62
N GLY E 121 -3.85 -40.52 57.32
CA GLY E 121 -3.59 -40.62 58.75
C GLY E 121 -2.34 -41.35 59.21
N LYS E 122 -1.69 -42.11 58.33
CA LYS E 122 -0.47 -42.86 58.68
C LYS E 122 0.52 -42.89 57.52
N LYS E 123 1.71 -43.44 57.77
CA LYS E 123 2.77 -43.45 56.77
C LYS E 123 3.59 -44.73 56.66
N GLY E 124 4.46 -44.77 55.66
CA GLY E 124 5.36 -45.90 55.43
C GLY E 124 4.72 -47.22 55.09
N GLU E 125 4.97 -48.21 55.94
CA GLU E 125 4.46 -49.56 55.74
C GLU E 125 2.93 -49.55 55.71
N GLU E 126 2.35 -48.77 56.63
CA GLU E 126 0.90 -48.63 56.70
C GLU E 126 0.34 -47.89 55.48
N GLN E 127 1.11 -46.91 55.01
CA GLN E 127 0.64 -46.07 53.93
C GLN E 127 0.42 -46.79 52.62
N GLU E 128 1.41 -47.52 52.14
CA GLU E 128 1.26 -48.18 50.84
C GLU E 128 0.10 -49.17 50.80
N ALA E 129 -0.11 -49.89 51.90
CA ALA E 129 -1.22 -50.81 51.97
C ALA E 129 -2.49 -50.00 51.85
N GLY E 130 -2.54 -48.87 52.57
CA GLY E 130 -3.72 -48.02 52.48
C GLY E 130 -3.94 -47.47 51.08
N LYS E 131 -2.84 -47.19 50.40
CA LYS E 131 -2.85 -46.65 49.03
C LYS E 131 -3.38 -47.64 48.00
N LYS E 132 -2.87 -48.87 48.03
CA LYS E 132 -3.34 -49.90 47.14
C LYS E 132 -4.79 -50.22 47.47
N GLU E 133 -5.12 -50.14 48.76
CA GLU E 133 -6.49 -50.38 49.19
C GLU E 133 -7.46 -49.36 48.63
N PHE E 134 -7.11 -48.07 48.73
CA PHE E 134 -8.00 -47.05 48.19
C PHE E 134 -8.06 -47.13 46.66
N ILE E 135 -6.93 -47.38 45.98
CA ILE E 135 -6.99 -47.48 44.51
C ILE E 135 -7.88 -48.66 44.12
N GLU E 136 -7.80 -49.74 44.89
CA GLU E 136 -8.63 -50.90 44.62
C GLU E 136 -10.09 -50.53 44.80
N ALA E 137 -10.38 -49.83 45.89
CA ALA E 137 -11.74 -49.41 46.23
C ALA E 137 -12.33 -48.48 45.18
N VAL E 138 -11.57 -47.48 44.77
CA VAL E 138 -12.01 -46.53 43.78
C VAL E 138 -12.17 -47.28 42.45
N LYS E 139 -11.40 -48.34 42.23
CA LYS E 139 -11.52 -49.12 40.99
C LYS E 139 -12.80 -49.97 40.94
N ILE E 140 -13.09 -50.71 42.02
CA ILE E 140 -14.34 -51.48 42.05
C ILE E 140 -15.47 -50.48 41.94
N LEU E 141 -15.27 -49.33 42.55
CA LEU E 141 -16.27 -48.26 42.56
C LEU E 141 -16.61 -47.73 41.19
N GLU E 142 -15.56 -47.43 40.43
CA GLU E 142 -15.70 -46.95 39.07
C GLU E 142 -16.36 -48.02 38.25
N SER E 143 -16.07 -49.26 38.59
CA SER E 143 -16.67 -50.37 37.86
C SER E 143 -18.18 -50.42 38.11
N GLU E 144 -18.60 -50.23 39.36
CA GLU E 144 -20.03 -50.24 39.66
C GLU E 144 -20.73 -48.95 39.15
N LEU E 145 -20.03 -47.81 39.09
CA LEU E 145 -20.67 -46.62 38.55
C LEU E 145 -21.00 -46.84 37.13
N GLY E 146 -20.06 -47.44 36.42
CA GLY E 146 -20.31 -47.83 35.04
C GLY E 146 -20.75 -46.67 34.16
N ASP E 147 -21.97 -46.19 34.43
CA ASP E 147 -22.58 -45.12 33.65
C ASP E 147 -23.48 -44.19 34.42
N LYS E 148 -24.05 -44.73 35.48
CA LYS E 148 -25.08 -44.03 36.23
C LYS E 148 -24.68 -42.62 36.62
N PRO E 149 -25.64 -41.69 36.51
CA PRO E 149 -25.38 -40.31 36.89
C PRO E 149 -25.02 -40.27 38.34
N TYR E 150 -25.59 -41.21 39.06
CA TYR E 150 -25.40 -41.31 40.47
C TYR E 150 -25.14 -42.76 40.88
N PHE E 151 -25.88 -43.25 41.87
CA PHE E 151 -25.61 -44.58 42.37
C PHE E 151 -26.80 -45.42 42.82
N GLY E 152 -27.65 -44.82 43.63
CA GLY E 152 -28.76 -45.52 44.24
C GLY E 152 -30.14 -45.35 43.68
N GLY E 153 -30.20 -44.84 42.47
CA GLY E 153 -31.46 -44.62 41.82
C GLY E 153 -31.14 -43.99 40.51
N ASP E 154 -32.18 -43.60 39.79
CA ASP E 154 -31.97 -42.96 38.51
C ASP E 154 -31.57 -41.49 38.68
N SER E 155 -31.69 -41.00 39.91
CA SER E 155 -31.38 -39.64 40.31
C SER E 155 -30.47 -39.63 41.56
N PHE E 156 -30.31 -38.46 42.18
CA PHE E 156 -29.47 -38.35 43.36
C PHE E 156 -29.98 -39.33 44.40
N GLY E 157 -29.12 -40.22 44.83
CA GLY E 157 -29.47 -41.30 45.74
C GLY E 157 -28.92 -41.27 47.16
N TYR E 158 -29.13 -42.38 47.84
CA TYR E 158 -28.71 -42.60 49.21
C TYR E 158 -27.20 -42.68 49.42
N VAL E 159 -26.58 -43.57 48.66
CA VAL E 159 -25.16 -43.74 48.74
C VAL E 159 -24.48 -42.56 48.08
N ASP E 160 -25.19 -41.85 47.20
CA ASP E 160 -24.60 -40.69 46.54
C ASP E 160 -24.19 -39.79 47.68
N ILE E 161 -25.10 -39.67 48.63
CA ILE E 161 -24.90 -38.92 49.85
C ILE E 161 -23.79 -39.58 50.66
N SER E 162 -23.79 -40.91 50.68
CA SER E 162 -22.77 -41.62 51.46
C SER E 162 -21.31 -41.38 51.02
N LEU E 163 -21.03 -41.44 49.72
CA LEU E 163 -19.64 -41.27 49.25
C LEU E 163 -19.26 -39.92 48.64
N ILE E 164 -20.22 -39.03 48.38
CA ILE E 164 -19.82 -37.75 47.80
C ILE E 164 -18.98 -36.92 48.75
N THR E 165 -19.30 -37.02 50.03
CA THR E 165 -18.66 -36.24 51.07
C THR E 165 -17.17 -36.52 51.22
N PHE E 166 -16.69 -37.62 50.65
CA PHE E 166 -15.28 -37.99 50.73
C PHE E 166 -14.44 -37.24 49.69
N SER E 167 -15.10 -36.51 48.81
CA SER E 167 -14.43 -35.82 47.69
C SER E 167 -13.80 -34.47 48.03
N SER E 168 -13.87 -34.06 49.30
CA SER E 168 -13.22 -32.83 49.71
C SER E 168 -11.91 -33.25 50.35
N TRP E 169 -11.83 -34.53 50.68
CA TRP E 169 -10.61 -35.13 51.19
C TRP E 169 -9.80 -35.73 50.06
N PHE E 170 -10.34 -35.67 48.85
CA PHE E 170 -9.62 -36.20 47.71
C PHE E 170 -8.33 -35.41 47.53
N GLN E 171 -8.42 -34.11 47.78
CA GLN E 171 -7.26 -33.25 47.69
C GLN E 171 -6.27 -33.69 48.76
N ALA E 172 -6.84 -34.10 49.89
CA ALA E 172 -6.09 -34.56 51.06
C ALA E 172 -5.32 -35.82 50.73
N TYR E 173 -5.97 -36.72 50.01
CA TYR E 173 -5.37 -37.98 49.58
C TYR E 173 -4.29 -37.79 48.54
N GLU E 174 -4.52 -36.84 47.62
CA GLU E 174 -3.58 -36.58 46.54
C GLU E 174 -2.24 -36.05 47.01
N LYS E 175 -2.20 -35.12 47.96
CA LYS E 175 -0.88 -34.64 48.44
C LYS E 175 -0.09 -35.56 49.39
N PHE E 176 -0.65 -36.02 50.51
CA PHE E 176 0.12 -36.85 51.45
C PHE E 176 0.47 -38.16 50.74
N GLY E 177 -0.50 -38.72 50.04
CA GLY E 177 -0.26 -39.94 49.29
C GLY E 177 0.71 -39.63 48.16
N ASN E 178 0.76 -38.35 47.78
CA ASN E 178 1.55 -37.81 46.66
C ASN E 178 1.16 -38.58 45.41
N PHE E 179 -0.12 -38.91 45.36
CA PHE E 179 -0.73 -39.67 44.28
C PHE E 179 -1.49 -38.80 43.29
N SER E 180 -2.37 -39.48 42.56
CA SER E 180 -3.26 -38.88 41.59
C SER E 180 -4.30 -39.94 41.33
N ILE E 181 -5.33 -39.96 42.18
CA ILE E 181 -6.35 -41.01 42.10
C ILE E 181 -7.23 -40.89 40.85
N GLU E 182 -6.93 -39.92 39.99
CA GLU E 182 -7.74 -39.68 38.81
C GLU E 182 -7.27 -40.46 37.55
N SER E 183 -5.96 -40.53 37.30
CA SER E 183 -5.51 -41.23 36.11
C SER E 183 -5.67 -42.75 36.19
N GLU E 184 -5.96 -43.25 37.38
CA GLU E 184 -6.16 -44.68 37.60
C GLU E 184 -7.66 -44.98 37.62
N SER E 185 -8.42 -43.99 38.07
CA SER E 185 -9.88 -44.09 38.10
C SER E 185 -10.49 -42.69 38.07
N PRO E 186 -10.56 -42.09 36.87
CA PRO E 186 -11.07 -40.73 36.67
C PRO E 186 -12.56 -40.55 36.86
N LYS E 187 -13.38 -41.46 36.36
CA LYS E 187 -14.82 -41.33 36.37
C LYS E 187 -15.39 -41.13 37.78
N LEU E 188 -14.65 -41.54 38.80
CA LEU E 188 -15.10 -41.36 40.18
C LEU E 188 -15.04 -39.90 40.68
N ILE E 189 -13.85 -39.29 40.64
CA ILE E 189 -13.70 -37.89 41.01
C ILE E 189 -14.55 -37.09 40.06
N ALA E 190 -14.63 -37.65 38.85
CA ALA E 190 -15.37 -37.08 37.76
C ALA E 190 -16.82 -36.98 38.15
N TRP E 191 -17.32 -38.04 38.76
CA TRP E 191 -18.67 -38.09 39.26
C TRP E 191 -18.85 -37.11 40.41
N ALA E 192 -17.81 -36.98 41.23
CA ALA E 192 -17.89 -36.14 42.42
C ALA E 192 -18.11 -34.67 42.11
N LYS E 193 -17.30 -34.12 41.21
CA LYS E 193 -17.48 -32.71 40.86
C LYS E 193 -18.82 -32.51 40.17
N ARG E 194 -19.40 -33.60 39.69
CA ARG E 194 -20.75 -33.51 39.15
C ARG E 194 -21.69 -33.35 40.32
N CYS E 195 -21.52 -34.23 41.30
CA CYS E 195 -22.39 -34.24 42.46
C CYS E 195 -22.28 -32.99 43.30
N MET E 196 -21.25 -32.20 43.07
CA MET E 196 -21.06 -30.98 43.83
C MET E 196 -22.12 -29.93 43.47
N GLU E 197 -22.73 -30.06 42.30
CA GLU E 197 -23.73 -29.09 41.84
C GLU E 197 -25.00 -29.11 42.67
N LYS E 198 -25.27 -30.22 43.34
CA LYS E 198 -26.45 -30.28 44.17
C LYS E 198 -26.20 -29.34 45.34
N GLU E 199 -27.18 -28.49 45.63
CA GLU E 199 -27.07 -27.49 46.69
C GLU E 199 -26.87 -28.15 48.04
N SER E 200 -27.19 -29.44 48.11
CA SER E 200 -27.06 -30.21 49.33
C SER E 200 -25.62 -30.32 49.79
N VAL E 201 -24.70 -30.53 48.85
CA VAL E 201 -23.30 -30.69 49.16
C VAL E 201 -22.51 -29.42 48.83
N SER E 202 -23.11 -28.57 48.00
CA SER E 202 -22.49 -27.31 47.60
C SER E 202 -22.50 -26.27 48.71
N LYS E 203 -23.22 -26.56 49.80
CA LYS E 203 -23.29 -25.63 50.92
C LYS E 203 -22.98 -26.31 52.25
N SER E 204 -23.03 -27.65 52.26
CA SER E 204 -22.77 -28.41 53.47
C SER E 204 -21.30 -28.75 53.71
N LEU E 205 -20.52 -28.82 52.64
CA LEU E 205 -19.10 -29.18 52.76
C LEU E 205 -18.14 -28.00 52.74
N PRO E 206 -17.26 -27.92 53.75
CA PRO E 206 -16.24 -26.89 53.90
C PRO E 206 -15.12 -27.03 52.89
N ASP E 207 -14.25 -26.04 52.85
CA ASP E 207 -13.14 -26.01 51.91
C ASP E 207 -12.08 -27.09 52.11
N SER E 208 -11.63 -27.63 50.99
CA SER E 208 -10.64 -28.70 50.92
C SER E 208 -9.25 -28.30 51.40
N GLU E 209 -8.84 -27.06 51.18
CA GLU E 209 -7.51 -26.62 51.63
C GLU E 209 -7.45 -26.73 53.16
N LYS E 210 -8.55 -26.37 53.80
CA LYS E 210 -8.71 -26.47 55.25
C LYS E 210 -8.72 -27.90 55.72
N ILE E 211 -9.48 -28.73 55.03
CA ILE E 211 -9.56 -30.16 55.34
C ILE E 211 -8.15 -30.73 55.19
N VAL E 212 -7.44 -30.23 54.19
CA VAL E 212 -6.07 -30.62 53.91
C VAL E 212 -5.21 -30.22 55.11
N ALA E 213 -5.46 -29.02 55.59
CA ALA E 213 -4.72 -28.47 56.72
C ALA E 213 -4.97 -29.28 58.00
N TYR E 214 -6.21 -29.70 58.22
CA TYR E 214 -6.55 -30.49 59.39
C TYR E 214 -5.86 -31.84 59.36
N ALA E 215 -5.78 -32.42 58.17
CA ALA E 215 -5.09 -33.69 58.04
C ALA E 215 -3.62 -33.46 58.32
N ALA E 216 -3.14 -32.29 57.91
CA ALA E 216 -1.76 -31.90 58.13
C ALA E 216 -1.49 -31.71 59.62
N GLU E 217 -2.46 -31.15 60.34
CA GLU E 217 -2.36 -30.92 61.77
C GLU E 217 -2.30 -32.26 62.50
N TYR E 218 -3.12 -33.19 62.01
CA TYR E 218 -3.16 -34.53 62.55
C TYR E 218 -1.83 -35.23 62.32
N ARG E 219 -1.31 -35.09 61.11
CA ARG E 219 -0.03 -35.69 60.75
C ARG E 219 1.13 -35.08 61.53
N LYS E 220 1.12 -33.75 61.64
CA LYS E 220 2.17 -33.03 62.34
C LYS E 220 2.15 -33.43 63.80
N ASN E 221 0.97 -33.85 64.28
CA ASN E 221 0.89 -34.26 65.65
C ASN E 221 1.58 -35.63 65.84
N ASN E 222 1.17 -36.64 65.07
CA ASN E 222 1.66 -38.03 65.23
C ASN E 222 2.73 -38.55 64.28
N LEU E 223 3.95 -38.05 64.43
CA LEU E 223 5.03 -38.54 63.59
C LEU E 223 5.99 -39.34 64.49
N LEU F 10 -38.21 -70.22 43.53
CA LEU F 10 -37.95 -70.18 44.96
C LEU F 10 -36.61 -69.48 45.21
N PRO F 11 -36.53 -68.69 46.31
CA PRO F 11 -35.36 -67.88 46.66
C PRO F 11 -34.14 -68.73 46.99
N ILE F 12 -32.98 -68.33 46.46
CA ILE F 12 -31.76 -69.11 46.70
C ILE F 12 -30.89 -68.49 47.78
N LEU F 13 -30.56 -69.26 48.81
CA LEU F 13 -29.76 -68.74 49.89
C LEU F 13 -28.33 -69.28 49.81
N LEU F 14 -27.36 -68.38 49.61
CA LEU F 14 -25.96 -68.76 49.55
C LEU F 14 -25.49 -68.44 50.95
N ASP F 15 -25.32 -69.49 51.74
CA ASP F 15 -25.05 -69.37 53.17
C ASP F 15 -23.89 -70.22 53.72
N TYR F 16 -23.70 -70.10 55.04
CA TYR F 16 -22.68 -70.82 55.77
C TYR F 16 -23.31 -71.26 57.09
N TRP F 17 -23.26 -72.55 57.40
CA TRP F 17 -23.96 -73.09 58.58
C TRP F 17 -23.57 -72.47 59.95
N PRO F 18 -22.29 -72.11 60.15
CA PRO F 18 -22.03 -71.51 61.46
C PRO F 18 -22.26 -69.99 61.47
N SER F 19 -22.34 -69.37 60.29
CA SER F 19 -22.48 -67.92 60.20
C SER F 19 -23.76 -67.39 60.83
N MET F 20 -23.58 -66.56 61.86
CA MET F 20 -24.70 -65.96 62.59
C MET F 20 -25.54 -65.07 61.70
N PHE F 21 -24.87 -64.34 60.82
CA PHE F 21 -25.54 -63.43 59.91
C PHE F 21 -26.42 -64.16 58.89
N GLY F 22 -25.87 -65.23 58.31
CA GLY F 22 -26.62 -66.04 57.37
C GLY F 22 -27.80 -66.60 58.13
N MET F 23 -27.56 -66.91 59.40
CA MET F 23 -28.60 -67.43 60.26
C MET F 23 -29.69 -66.36 60.40
N ARG F 24 -29.28 -65.10 60.47
CA ARG F 24 -30.23 -63.99 60.62
C ARG F 24 -31.17 -64.06 59.43
N ALA F 25 -30.59 -64.32 58.26
CA ALA F 25 -31.41 -64.46 57.07
C ALA F 25 -32.36 -65.64 57.14
N ARG F 26 -31.86 -66.76 57.67
CA ARG F 26 -32.68 -67.96 57.78
C ARG F 26 -33.88 -67.76 58.70
N VAL F 27 -33.63 -67.11 59.83
CA VAL F 27 -34.69 -66.82 60.79
C VAL F 27 -35.69 -65.86 60.17
N ALA F 28 -35.21 -64.85 59.46
CA ALA F 28 -36.14 -63.88 58.86
C ALA F 28 -37.06 -64.55 57.84
N LEU F 29 -36.47 -65.38 56.99
CA LEU F 29 -37.24 -66.11 55.97
C LEU F 29 -38.23 -67.08 56.59
N ARG F 30 -37.78 -67.79 57.63
CA ARG F 30 -38.60 -68.77 58.33
C ARG F 30 -39.72 -68.13 59.13
N GLU F 31 -39.49 -66.89 59.57
CA GLU F 31 -40.46 -66.19 60.37
C GLU F 31 -41.74 -66.00 59.55
N LYS F 32 -41.55 -65.80 58.25
CA LYS F 32 -42.69 -65.58 57.36
C LYS F 32 -43.51 -66.81 56.97
N GLY F 33 -42.88 -67.77 56.31
CA GLY F 33 -43.59 -68.95 55.84
C GLY F 33 -43.15 -69.24 54.42
N VAL F 34 -42.03 -68.66 54.04
CA VAL F 34 -41.45 -68.81 52.71
C VAL F 34 -40.70 -70.11 52.47
N GLU F 35 -40.95 -70.73 51.30
CA GLU F 35 -40.22 -71.92 50.95
C GLU F 35 -39.10 -71.45 50.03
N PHE F 36 -37.88 -71.70 50.47
CA PHE F 36 -36.68 -71.31 49.76
C PHE F 36 -35.66 -72.44 49.81
N GLU F 37 -34.63 -72.35 48.99
CA GLU F 37 -33.62 -73.41 48.96
C GLU F 37 -32.31 -72.92 49.55
N TYR F 38 -31.80 -73.72 50.49
CA TYR F 38 -30.54 -73.45 51.19
C TYR F 38 -29.32 -73.92 50.40
N ARG F 39 -28.28 -73.09 50.38
CA ARG F 39 -27.03 -73.47 49.71
C ARG F 39 -25.82 -73.38 50.63
N GLU F 40 -25.05 -74.45 50.67
CA GLU F 40 -23.85 -74.48 51.50
C GLU F 40 -22.66 -74.03 50.68
N GLU F 41 -21.92 -73.07 51.20
CA GLU F 41 -20.77 -72.55 50.49
C GLU F 41 -19.45 -73.12 50.98
N ASP F 42 -18.62 -73.48 50.01
CA ASP F 42 -17.28 -73.93 50.31
C ASP F 42 -16.47 -72.68 50.01
N PHE F 43 -16.02 -71.96 51.04
CA PHE F 43 -15.29 -70.73 50.80
C PHE F 43 -13.98 -70.97 50.04
N SER F 44 -13.50 -72.21 50.08
CA SER F 44 -12.31 -72.59 49.34
C SER F 44 -12.68 -73.01 47.92
N ASN F 45 -13.93 -73.43 47.75
CA ASN F 45 -14.46 -73.82 46.43
C ASN F 45 -15.83 -73.18 46.25
N LYS F 46 -15.83 -71.85 46.26
CA LYS F 46 -17.05 -71.07 46.12
C LYS F 46 -17.79 -71.28 44.80
N SER F 47 -19.10 -71.42 44.90
CA SER F 47 -19.96 -71.65 43.75
C SER F 47 -19.91 -70.51 42.74
N PRO F 48 -20.27 -70.81 41.48
CA PRO F 48 -20.27 -69.80 40.41
C PRO F 48 -21.30 -68.71 40.66
N LEU F 49 -22.37 -69.09 41.36
CA LEU F 49 -23.43 -68.17 41.73
C LEU F 49 -23.00 -67.18 42.82
N LEU F 50 -22.23 -67.66 43.78
CA LEU F 50 -21.75 -66.81 44.87
C LEU F 50 -20.83 -65.74 44.30
N LEU F 51 -19.96 -66.14 43.37
CA LEU F 51 -19.05 -65.21 42.71
C LEU F 51 -19.74 -64.26 41.72
N GLN F 52 -20.68 -64.77 40.94
CA GLN F 52 -21.40 -63.93 39.99
C GLN F 52 -22.30 -62.92 40.71
N SER F 53 -22.81 -63.32 41.87
CA SER F 53 -23.66 -62.45 42.67
C SER F 53 -22.85 -61.37 43.38
N ASN F 54 -21.81 -61.78 44.09
CA ASN F 54 -20.93 -60.85 44.80
C ASN F 54 -19.45 -61.09 44.50
N PRO F 55 -18.95 -60.43 43.46
CA PRO F 55 -17.55 -60.58 43.05
C PRO F 55 -16.57 -59.78 43.90
N ILE F 56 -17.06 -58.90 44.78
CA ILE F 56 -16.16 -58.06 45.57
C ILE F 56 -15.80 -58.60 46.96
N HIS F 57 -16.82 -58.83 47.79
CA HIS F 57 -16.58 -59.38 49.12
C HIS F 57 -16.60 -60.89 49.07
N LYS F 58 -17.45 -61.43 48.17
CA LYS F 58 -17.60 -62.86 47.97
C LYS F 58 -18.11 -63.50 49.26
N LYS F 59 -18.88 -62.72 50.01
CA LYS F 59 -19.41 -63.15 51.31
C LYS F 59 -20.91 -63.46 51.36
N ILE F 60 -21.34 -63.94 52.52
CA ILE F 60 -22.70 -64.38 52.77
C ILE F 60 -23.30 -63.61 53.96
N PRO F 61 -24.64 -63.65 54.13
CA PRO F 61 -25.62 -64.39 53.34
C PRO F 61 -26.02 -63.75 52.03
N VAL F 62 -26.65 -64.54 51.16
CA VAL F 62 -27.08 -64.04 49.86
C VAL F 62 -28.42 -64.61 49.43
N LEU F 63 -29.40 -63.78 49.11
CA LEU F 63 -30.65 -64.35 48.60
C LEU F 63 -30.94 -63.91 47.19
N VAL F 64 -31.11 -64.87 46.29
CA VAL F 64 -31.43 -64.51 44.92
C VAL F 64 -32.90 -64.76 44.72
N HIS F 65 -33.60 -63.64 44.51
CA HIS F 65 -35.03 -63.59 44.29
C HIS F 65 -35.34 -62.84 42.99
N ASN F 66 -36.14 -63.46 42.14
CA ASN F 66 -36.52 -62.89 40.84
C ASN F 66 -35.32 -62.58 39.94
N GLY F 67 -34.23 -63.31 40.14
CA GLY F 67 -33.02 -63.09 39.36
C GLY F 67 -32.23 -61.92 39.90
N LYS F 68 -32.53 -61.53 41.13
CA LYS F 68 -31.85 -60.42 41.78
C LYS F 68 -31.24 -60.86 43.11
N PRO F 69 -29.90 -60.73 43.24
CA PRO F 69 -29.16 -61.15 44.45
C PRO F 69 -29.03 -60.09 45.56
N VAL F 70 -29.35 -60.51 46.78
CA VAL F 70 -29.31 -59.63 47.94
C VAL F 70 -28.14 -60.02 48.82
N CYS F 71 -27.28 -59.05 49.11
CA CYS F 71 -26.10 -59.25 49.92
C CYS F 71 -26.17 -58.61 51.30
N GLU F 72 -25.42 -59.16 52.26
CA GLU F 72 -25.35 -58.68 53.64
C GLU F 72 -26.57 -59.10 54.45
N SER F 73 -26.33 -59.50 55.70
CA SER F 73 -27.39 -59.99 56.57
C SER F 73 -28.45 -58.97 56.99
N LEU F 74 -28.01 -57.78 57.39
CA LEU F 74 -28.96 -56.73 57.75
C LEU F 74 -29.74 -56.34 56.50
N ASN F 75 -29.01 -56.25 55.40
CA ASN F 75 -29.59 -55.91 54.13
C ASN F 75 -30.56 -56.98 53.67
N VAL F 76 -30.22 -58.24 53.91
CA VAL F 76 -31.08 -59.34 53.52
C VAL F 76 -32.38 -59.26 54.34
N VAL F 77 -32.27 -59.00 55.64
CA VAL F 77 -33.45 -58.92 56.50
C VAL F 77 -34.38 -57.81 56.03
N GLN F 78 -33.80 -56.67 55.69
CA GLN F 78 -34.60 -55.55 55.20
C GLN F 78 -35.29 -55.95 53.89
N TYR F 79 -34.57 -56.72 53.07
CA TYR F 79 -35.12 -57.17 51.80
C TYR F 79 -36.32 -58.06 52.09
N VAL F 80 -36.23 -58.83 53.17
CA VAL F 80 -37.31 -59.73 53.55
C VAL F 80 -38.55 -59.00 54.01
N ASP F 81 -38.38 -58.06 54.95
CA ASP F 81 -39.52 -57.32 55.46
C ASP F 81 -40.20 -56.48 54.37
N GLU F 82 -39.39 -55.81 53.55
CA GLU F 82 -39.90 -54.99 52.46
C GLU F 82 -40.54 -55.74 51.28
N ALA F 83 -39.93 -56.85 50.86
CA ALA F 83 -40.48 -57.65 49.76
C ALA F 83 -41.80 -58.34 50.11
N TRP F 84 -41.91 -58.82 51.34
CA TRP F 84 -43.13 -59.51 51.79
C TRP F 84 -43.68 -58.86 53.06
N PRO F 85 -44.23 -57.63 52.93
CA PRO F 85 -44.74 -56.82 54.04
C PRO F 85 -46.21 -57.03 54.37
N GLU F 86 -46.70 -58.27 54.55
CA GLU F 86 -48.13 -58.44 54.76
C GLU F 86 -48.64 -59.07 56.07
N LYS F 87 -47.88 -59.96 56.69
CA LYS F 87 -48.36 -60.63 57.89
C LYS F 87 -47.67 -60.26 59.21
N ASN F 88 -46.48 -60.79 59.45
CA ASN F 88 -45.73 -60.49 60.67
C ASN F 88 -44.63 -59.48 60.39
N PRO F 89 -44.88 -58.20 60.69
CA PRO F 89 -43.93 -57.11 60.44
C PRO F 89 -42.68 -57.10 61.32
N PHE F 90 -41.53 -56.84 60.70
CA PHE F 90 -40.26 -56.77 61.41
C PHE F 90 -39.97 -55.39 62.01
N PHE F 91 -40.61 -54.36 61.47
CA PHE F 91 -40.38 -53.00 61.96
C PHE F 91 -41.66 -52.42 62.53
N PRO F 92 -41.54 -51.31 63.28
CA PRO F 92 -42.71 -50.62 63.82
C PRO F 92 -43.31 -49.69 62.77
N SER F 93 -44.47 -49.12 63.07
CA SER F 93 -45.13 -48.18 62.15
C SER F 93 -44.35 -46.87 62.03
N ASP F 94 -43.93 -46.33 63.17
CA ASP F 94 -43.20 -45.07 63.19
C ASP F 94 -41.82 -45.13 62.56
N PRO F 95 -41.43 -44.03 61.90
CA PRO F 95 -40.09 -43.94 61.31
C PRO F 95 -39.07 -44.04 62.44
N TYR F 96 -39.43 -43.48 63.59
CA TYR F 96 -38.60 -43.53 64.80
C TYR F 96 -38.44 -44.96 65.34
N GLY F 97 -39.52 -45.73 65.30
CA GLY F 97 -39.45 -47.11 65.76
C GLY F 97 -38.44 -47.89 64.92
N ARG F 98 -38.50 -47.59 63.63
CA ARG F 98 -37.58 -48.17 62.67
C ARG F 98 -36.19 -47.65 63.01
N ALA F 99 -36.15 -46.42 63.50
CA ALA F 99 -34.89 -45.79 63.84
C ALA F 99 -34.17 -46.52 64.97
N GLN F 100 -34.88 -46.81 66.06
CA GLN F 100 -34.26 -47.55 67.15
C GLN F 100 -33.91 -48.97 66.71
N ALA F 101 -34.74 -49.54 65.85
CA ALA F 101 -34.48 -50.90 65.40
C ALA F 101 -33.13 -50.91 64.68
N ARG F 102 -32.93 -49.96 63.76
CA ARG F 102 -31.67 -49.81 63.04
C ARG F 102 -30.47 -49.39 63.90
N PHE F 103 -30.70 -48.53 64.90
CA PHE F 103 -29.62 -48.06 65.76
C PHE F 103 -29.06 -49.26 66.54
N TRP F 104 -29.99 -50.05 67.07
CA TRP F 104 -29.62 -51.24 67.81
C TRP F 104 -29.12 -52.36 66.89
N ALA F 105 -29.52 -52.31 65.62
CA ALA F 105 -29.01 -53.27 64.65
C ALA F 105 -27.56 -52.95 64.35
N ASP F 106 -27.26 -51.66 64.19
CA ASP F 106 -25.90 -51.23 63.94
C ASP F 106 -25.04 -51.56 65.14
N PHE F 107 -25.61 -51.43 66.32
CA PHE F 107 -24.82 -51.76 67.50
C PHE F 107 -24.52 -53.25 67.54
N VAL F 108 -25.57 -54.06 67.40
CA VAL F 108 -25.46 -55.51 67.52
C VAL F 108 -24.46 -56.05 66.50
N ASP F 109 -24.49 -55.46 65.31
CA ASP F 109 -23.59 -55.83 64.22
C ASP F 109 -22.14 -55.39 64.39
N LYS F 110 -21.91 -54.30 65.12
CA LYS F 110 -20.56 -53.75 65.23
C LYS F 110 -19.82 -54.02 66.54
N LYS F 111 -19.96 -53.11 67.50
CA LYS F 111 -19.25 -53.20 68.77
C LYS F 111 -19.49 -54.51 69.49
N PHE F 112 -20.74 -54.97 69.45
CA PHE F 112 -21.10 -56.23 70.08
C PHE F 112 -20.44 -57.39 69.35
N THR F 113 -20.54 -57.36 68.02
CA THR F 113 -19.98 -58.43 67.19
C THR F 113 -18.48 -58.48 67.30
N ASP F 114 -17.84 -57.32 67.37
CA ASP F 114 -16.39 -57.31 67.51
C ASP F 114 -15.98 -57.88 68.87
N ALA F 115 -16.70 -57.47 69.93
CA ALA F 115 -16.34 -57.98 71.26
C ALA F 115 -16.49 -59.50 71.38
N GLN F 116 -17.60 -60.01 70.86
CA GLN F 116 -17.83 -61.46 70.87
C GLN F 116 -16.85 -62.19 69.94
N PHE F 117 -16.47 -61.52 68.85
CA PHE F 117 -15.53 -62.09 67.90
C PHE F 117 -14.21 -62.29 68.62
N LYS F 118 -13.91 -61.40 69.56
CA LYS F 118 -12.70 -61.52 70.35
C LYS F 118 -12.90 -62.59 71.42
N VAL F 119 -14.15 -62.75 71.85
CA VAL F 119 -14.47 -63.76 72.87
C VAL F 119 -14.23 -65.18 72.36
N TRP F 120 -14.68 -65.50 71.15
CA TRP F 120 -14.46 -66.85 70.61
C TRP F 120 -13.17 -66.96 69.79
N GLY F 121 -12.62 -65.83 69.33
CA GLY F 121 -11.43 -65.87 68.48
C GLY F 121 -10.07 -65.38 68.96
N LYS F 122 -9.92 -65.05 70.25
CA LYS F 122 -8.63 -64.53 70.75
C LYS F 122 -8.17 -65.09 72.08
N LYS F 123 -6.94 -64.73 72.47
CA LYS F 123 -6.32 -65.21 73.71
C LYS F 123 -5.63 -64.09 74.48
N GLY F 124 -5.36 -64.34 75.75
CA GLY F 124 -4.66 -63.38 76.60
C GLY F 124 -5.41 -62.09 76.84
N GLU F 125 -4.80 -60.97 76.46
CA GLU F 125 -5.38 -59.64 76.64
C GLU F 125 -6.66 -59.40 75.86
N GLU F 126 -6.67 -59.75 74.58
CA GLU F 126 -7.87 -59.53 73.76
C GLU F 126 -9.08 -60.34 74.23
N GLN F 127 -8.86 -61.59 74.61
CA GLN F 127 -9.94 -62.42 75.11
C GLN F 127 -10.48 -61.85 76.42
N GLU F 128 -9.58 -61.40 77.29
CA GLU F 128 -9.97 -60.81 78.58
C GLU F 128 -10.69 -59.46 78.45
N ALA F 129 -10.11 -58.57 77.66
CA ALA F 129 -10.70 -57.26 77.42
C ALA F 129 -12.04 -57.52 76.79
N GLY F 130 -12.06 -58.55 75.94
CA GLY F 130 -13.25 -58.96 75.22
C GLY F 130 -14.31 -59.38 76.20
N LYS F 131 -13.89 -59.98 77.31
CA LYS F 131 -14.82 -60.39 78.34
C LYS F 131 -15.44 -59.15 78.99
N LYS F 132 -14.60 -58.15 79.26
CA LYS F 132 -15.11 -56.91 79.86
C LYS F 132 -16.10 -56.18 78.95
N GLU F 133 -15.73 -56.10 77.68
CA GLU F 133 -16.54 -55.45 76.67
C GLU F 133 -17.83 -56.22 76.38
N PHE F 134 -17.75 -57.54 76.30
CA PHE F 134 -18.94 -58.34 76.00
C PHE F 134 -19.93 -58.22 77.12
N ILE F 135 -19.48 -58.42 78.36
CA ILE F 135 -20.43 -58.32 79.48
C ILE F 135 -20.99 -56.90 79.59
N GLU F 136 -20.20 -55.90 79.19
CA GLU F 136 -20.71 -54.53 79.25
C GLU F 136 -21.75 -54.20 78.18
N ALA F 137 -21.50 -54.59 76.95
CA ALA F 137 -22.46 -54.35 75.87
C ALA F 137 -23.71 -55.20 76.05
N VAL F 138 -23.53 -56.44 76.51
CA VAL F 138 -24.66 -57.33 76.79
C VAL F 138 -25.49 -56.65 77.90
N LYS F 139 -24.77 -55.93 78.76
CA LYS F 139 -25.39 -55.15 79.83
C LYS F 139 -26.15 -53.93 79.29
N ILE F 140 -25.61 -53.27 78.28
CA ILE F 140 -26.27 -52.11 77.65
C ILE F 140 -27.52 -52.57 76.90
N LEU F 141 -27.40 -53.69 76.20
CA LEU F 141 -28.50 -54.28 75.45
C LEU F 141 -29.57 -54.61 76.47
N GLU F 142 -29.10 -55.06 77.63
CA GLU F 142 -29.98 -55.35 78.75
C GLU F 142 -30.70 -54.08 79.22
N SER F 143 -29.97 -52.96 79.21
CA SER F 143 -30.53 -51.68 79.65
C SER F 143 -31.59 -51.02 78.74
N GLU F 144 -31.29 -50.92 77.44
CA GLU F 144 -32.20 -50.23 76.51
C GLU F 144 -33.61 -50.79 76.42
N LEU F 145 -33.74 -52.11 76.39
CA LEU F 145 -35.06 -52.66 76.25
C LEU F 145 -35.90 -52.41 77.50
N GLY F 146 -35.30 -51.82 78.53
CA GLY F 146 -36.06 -51.49 79.74
C GLY F 146 -36.49 -52.77 80.40
N ASP F 147 -37.23 -53.54 79.60
CA ASP F 147 -37.74 -54.90 79.83
C ASP F 147 -38.83 -55.18 78.80
N LYS F 148 -38.32 -55.58 77.63
CA LYS F 148 -39.02 -55.83 76.38
C LYS F 148 -38.87 -57.32 76.08
N PRO F 149 -39.97 -57.99 75.72
CA PRO F 149 -39.88 -59.42 75.42
C PRO F 149 -39.02 -59.64 74.19
N TYR F 150 -39.14 -58.73 73.23
CA TYR F 150 -38.35 -58.77 72.01
C TYR F 150 -37.67 -57.43 71.86
N PHE F 151 -37.27 -57.06 70.65
CA PHE F 151 -36.54 -55.81 70.46
C PHE F 151 -37.21 -54.68 69.66
N GLY F 152 -37.68 -54.97 68.45
CA GLY F 152 -38.15 -53.92 67.55
C GLY F 152 -39.57 -53.88 66.98
N GLY F 153 -40.53 -54.49 67.67
CA GLY F 153 -41.91 -54.52 67.23
C GLY F 153 -42.62 -55.22 68.37
N ASP F 154 -43.93 -55.49 68.27
CA ASP F 154 -44.63 -56.16 69.37
C ASP F 154 -44.44 -57.68 69.34
N SER F 155 -43.82 -58.18 68.28
CA SER F 155 -43.55 -59.62 68.16
C SER F 155 -42.08 -59.86 67.80
N PHE F 156 -41.79 -60.96 67.13
CA PHE F 156 -40.40 -61.25 66.74
C PHE F 156 -39.91 -60.08 65.90
N GLY F 157 -38.71 -59.59 66.21
CA GLY F 157 -38.21 -58.37 65.59
C GLY F 157 -36.91 -58.30 64.84
N TYR F 158 -36.75 -57.21 64.11
CA TYR F 158 -35.61 -56.95 63.23
C TYR F 158 -34.24 -57.05 63.90
N VAL F 159 -34.09 -56.39 65.04
CA VAL F 159 -32.83 -56.46 65.76
C VAL F 159 -32.87 -57.75 66.59
N ASP F 160 -34.06 -58.27 66.86
CA ASP F 160 -34.16 -59.57 67.53
C ASP F 160 -33.54 -60.54 66.57
N ILE F 161 -33.85 -60.35 65.30
CA ILE F 161 -33.33 -61.19 64.23
C ILE F 161 -31.82 -61.06 64.23
N SER F 162 -31.33 -59.83 64.34
CA SER F 162 -29.89 -59.64 64.32
C SER F 162 -29.17 -60.31 65.49
N LEU F 163 -29.68 -60.12 66.71
CA LEU F 163 -29.08 -60.68 67.93
C LEU F 163 -29.36 -62.16 68.29
N ILE F 164 -30.49 -62.69 67.85
CA ILE F 164 -30.91 -64.05 68.21
C ILE F 164 -29.92 -65.10 67.75
N THR F 165 -29.27 -64.84 66.63
CA THR F 165 -28.32 -65.78 66.06
C THR F 165 -27.03 -65.79 66.88
N PHE F 166 -26.92 -64.83 67.78
CA PHE F 166 -25.79 -64.74 68.68
C PHE F 166 -26.01 -65.71 69.84
N SER F 167 -27.28 -66.02 70.11
CA SER F 167 -27.67 -66.93 71.18
C SER F 167 -27.14 -68.33 70.96
N SER F 168 -26.96 -68.68 69.69
CA SER F 168 -26.43 -69.98 69.32
C SER F 168 -24.95 -70.02 69.68
N TRP F 169 -24.32 -68.84 69.68
CA TRP F 169 -22.91 -68.73 70.03
C TRP F 169 -22.73 -68.40 71.51
N PHE F 170 -23.84 -68.22 72.21
CA PHE F 170 -23.81 -67.93 73.64
C PHE F 170 -23.19 -69.05 74.47
N GLN F 171 -23.31 -70.29 74.01
CA GLN F 171 -22.69 -71.41 74.70
C GLN F 171 -21.17 -71.32 74.55
N ALA F 172 -20.75 -70.93 73.37
CA ALA F 172 -19.33 -70.76 73.08
C ALA F 172 -18.78 -69.60 73.91
N TYR F 173 -19.59 -68.57 74.08
CA TYR F 173 -19.20 -67.41 74.89
C TYR F 173 -19.18 -67.82 76.35
N GLU F 174 -19.96 -68.84 76.66
CA GLU F 174 -20.04 -69.38 78.01
C GLU F 174 -18.78 -70.16 78.36
N LYS F 175 -18.15 -70.79 77.36
CA LYS F 175 -16.98 -71.63 77.65
C LYS F 175 -15.59 -71.01 77.42
N PHE F 176 -15.31 -70.52 76.22
CA PHE F 176 -14.02 -69.88 75.91
C PHE F 176 -13.89 -68.62 76.74
N GLY F 177 -15.00 -67.92 76.88
CA GLY F 177 -15.09 -66.72 77.70
C GLY F 177 -15.08 -67.06 79.17
N ASN F 178 -15.53 -68.27 79.50
CA ASN F 178 -15.58 -68.76 80.88
C ASN F 178 -16.39 -67.84 81.78
N PHE F 179 -17.40 -67.22 81.20
CA PHE F 179 -18.28 -66.33 81.94
C PHE F 179 -19.71 -66.82 81.85
N SER F 180 -20.55 -66.38 82.78
CA SER F 180 -21.95 -66.73 82.72
C SER F 180 -22.67 -65.44 82.35
N ILE F 181 -23.20 -65.40 81.14
CA ILE F 181 -23.88 -64.22 80.66
C ILE F 181 -25.32 -64.26 81.16
N GLU F 182 -25.62 -65.30 81.94
CA GLU F 182 -26.96 -65.51 82.49
C GLU F 182 -27.12 -65.08 83.94
N SER F 183 -26.18 -65.43 84.81
CA SER F 183 -26.28 -64.98 86.20
C SER F 183 -26.13 -63.47 86.22
N GLU F 184 -25.24 -62.97 85.39
CA GLU F 184 -25.03 -61.54 85.22
C GLU F 184 -26.14 -60.88 84.40
N SER F 185 -26.67 -61.59 83.40
CA SER F 185 -27.73 -61.06 82.54
C SER F 185 -28.73 -62.13 82.09
N PRO F 186 -29.58 -62.62 83.02
CA PRO F 186 -30.53 -63.68 82.68
C PRO F 186 -31.56 -63.24 81.66
N LYS F 187 -31.81 -61.95 81.64
CA LYS F 187 -32.81 -61.34 80.79
C LYS F 187 -32.56 -61.56 79.30
N LEU F 188 -31.31 -61.39 78.88
CA LEU F 188 -30.95 -61.61 77.49
C LEU F 188 -30.89 -63.10 77.08
N ILE F 189 -30.24 -63.93 77.90
CA ILE F 189 -30.12 -65.36 77.59
C ILE F 189 -31.50 -65.96 77.48
N ALA F 190 -32.32 -65.66 78.48
CA ALA F 190 -33.68 -66.12 78.51
C ALA F 190 -34.55 -65.46 77.44
N TRP F 191 -34.15 -64.27 76.97
CA TRP F 191 -34.88 -63.61 75.89
C TRP F 191 -34.74 -64.53 74.69
N ALA F 192 -33.51 -65.02 74.54
CA ALA F 192 -33.22 -65.93 73.45
C ALA F 192 -34.07 -67.17 73.66
N LYS F 193 -34.20 -67.54 74.94
CA LYS F 193 -34.95 -68.74 75.30
C LYS F 193 -36.43 -68.60 74.94
N ARG F 194 -36.94 -67.37 74.83
CA ARG F 194 -38.31 -67.19 74.35
C ARG F 194 -38.30 -67.36 72.84
N CYS F 195 -37.38 -66.66 72.19
CA CYS F 195 -37.32 -66.70 70.73
C CYS F 195 -37.00 -68.09 70.16
N MET F 196 -36.49 -68.97 71.00
CA MET F 196 -36.17 -70.34 70.59
C MET F 196 -37.41 -71.21 70.64
N GLU F 197 -38.50 -70.66 71.16
CA GLU F 197 -39.77 -71.37 71.19
C GLU F 197 -40.44 -71.17 69.83
N LYS F 198 -39.85 -70.30 69.03
CA LYS F 198 -40.31 -70.04 67.67
C LYS F 198 -39.59 -70.97 66.70
N GLU F 199 -40.31 -71.50 65.72
CA GLU F 199 -39.74 -72.43 64.76
C GLU F 199 -38.67 -71.84 63.83
N SER F 200 -38.65 -70.52 63.70
CA SER F 200 -37.70 -69.87 62.81
C SER F 200 -36.29 -70.09 63.33
N VAL F 201 -36.14 -70.00 64.65
CA VAL F 201 -34.85 -70.15 65.30
C VAL F 201 -34.66 -71.60 65.76
N SER F 202 -35.78 -72.29 65.92
CA SER F 202 -35.79 -73.69 66.31
C SER F 202 -35.34 -74.55 65.14
N LYS F 203 -35.31 -73.97 63.94
CA LYS F 203 -34.90 -74.70 62.75
C LYS F 203 -33.79 -74.04 61.93
N SER F 204 -33.40 -72.81 62.27
CA SER F 204 -32.36 -72.12 61.52
C SER F 204 -30.99 -72.24 62.15
N LEU F 205 -30.95 -72.24 63.48
CA LEU F 205 -29.69 -72.31 64.19
C LEU F 205 -29.25 -73.74 64.39
N PRO F 206 -28.07 -74.09 63.86
CA PRO F 206 -27.51 -75.43 64.00
C PRO F 206 -27.18 -75.65 65.47
N ASP F 207 -26.96 -76.88 65.87
CA ASP F 207 -26.74 -77.19 67.28
C ASP F 207 -25.59 -76.35 67.86
N SER F 208 -25.81 -75.87 69.08
CA SER F 208 -24.85 -75.00 69.76
C SER F 208 -23.55 -75.73 70.06
N GLU F 209 -23.66 -77.05 70.24
CA GLU F 209 -22.51 -77.89 70.47
C GLU F 209 -21.62 -77.85 69.24
N LYS F 210 -22.26 -77.79 68.07
CA LYS F 210 -21.56 -77.70 66.81
C LYS F 210 -20.85 -76.36 66.65
N ILE F 211 -21.50 -75.28 67.08
CA ILE F 211 -20.89 -73.95 67.00
C ILE F 211 -19.66 -73.91 67.88
N VAL F 212 -19.76 -74.53 69.04
CA VAL F 212 -18.65 -74.58 69.97
C VAL F 212 -17.48 -75.33 69.33
N ALA F 213 -17.79 -76.47 68.73
CA ALA F 213 -16.75 -77.28 68.08
C ALA F 213 -16.12 -76.51 66.93
N TYR F 214 -16.92 -75.71 66.25
CA TYR F 214 -16.43 -74.91 65.13
C TYR F 214 -15.45 -73.85 65.60
N ALA F 215 -15.81 -73.13 66.66
CA ALA F 215 -14.95 -72.06 67.18
C ALA F 215 -13.64 -72.62 67.71
N ALA F 216 -13.71 -73.78 68.37
CA ALA F 216 -12.50 -74.41 68.88
C ALA F 216 -11.61 -74.87 67.74
N GLU F 217 -12.24 -75.41 66.69
CA GLU F 217 -11.50 -75.90 65.54
C GLU F 217 -10.80 -74.75 64.83
N TYR F 218 -11.48 -73.61 64.78
CA TYR F 218 -10.93 -72.41 64.17
C TYR F 218 -9.71 -72.05 64.98
N ARG F 219 -9.82 -72.18 66.30
CA ARG F 219 -8.71 -71.90 67.19
C ARG F 219 -7.54 -72.83 66.90
N LYS F 220 -7.85 -74.07 66.49
CA LYS F 220 -6.84 -75.06 66.15
C LYS F 220 -6.09 -74.71 64.87
N ASN F 221 -6.81 -74.20 63.87
CA ASN F 221 -6.18 -73.89 62.59
C ASN F 221 -5.31 -72.63 62.53
N ASN F 222 -5.68 -71.58 63.26
CA ASN F 222 -4.87 -70.37 63.22
C ASN F 222 -4.26 -69.96 64.58
N LEU F 223 -2.94 -70.15 64.67
CA LEU F 223 -2.22 -69.80 65.90
C LEU F 223 -1.88 -68.31 65.85
O01 JAA G . 27.08 51.41 -52.24
O02 JAA G . 21.39 51.61 -55.96
O03 JAA G . 21.71 53.08 -54.48
C04 JAA G . 23.91 51.82 -53.79
C05 JAA G . 25.47 51.31 -53.86
C06 JAA G . 23.63 51.77 -52.59
C07 JAA G . 24.87 52.53 -52.00
C08 JAA G . 26.01 51.67 -52.71
C09 JAA G . 25.54 52.02 -55.15
C10 JAA G . 22.93 51.03 -54.47
C11 JAA G . 26.59 51.49 -56.05
C12 JAA G . 21.95 52.00 -54.98
C13 JAA G . 26.93 52.33 -56.98
C14 JAA G . 26.25 53.65 -56.98
C15 JAA G . 26.46 54.50 -58.10
N VAL H . 22.92 47.82 -53.80
CA VAL H . 23.95 46.87 -54.18
C VAL H . 23.56 45.41 -53.93
O VAL H . 23.65 44.56 -54.82
CB VAL H . 25.29 47.13 -53.44
CG1 VAL H . 26.27 48.13 -53.94
CG2 VAL H . 25.34 46.85 -51.98
OXT VAL H . 23.15 45.01 -52.84
PG ATP I . 22.72 42.67 -61.30
O1G ATP I . 23.39 43.65 -60.46
O2G ATP I . 21.23 43.28 -61.23
O3G ATP I . 22.76 41.35 -60.71
PB ATP I . 24.44 42.60 -63.42
O1B ATP I . 23.87 43.53 -64.46
O2B ATP I . 24.92 41.29 -64.01
O3B ATP I . 23.09 42.42 -62.80
PA ATP I . 25.87 44.36 -62.39
O1A ATP I . 25.42 45.18 -63.56
O2A ATP I . 27.07 43.58 -62.72
O3A ATP I . 25.15 43.06 -62.15
O5' ATP I . 26.38 45.36 -61.34
C5' ATP I . 27.51 45.84 -61.84
C4' ATP I . 27.33 47.16 -62.53
O4' ATP I . 26.17 47.55 -62.37
C3' ATP I . 28.37 47.90 -61.55
O3' ATP I . 29.02 48.93 -61.95
C2' ATP I . 27.41 48.24 -60.63
O2' ATP I . 27.83 49.41 -59.89
C1' ATP I . 26.32 48.68 -61.25
N9 ATP I . 25.29 49.01 -60.64
C8 ATP I . 24.31 49.51 -61.27
N7 ATP I . 23.46 49.72 -60.25
C5 ATP I . 23.82 49.35 -59.08
C6 ATP I . 23.21 49.42 -57.73
N6 ATP I . 22.17 49.82 -57.51
N1 ATP I . 24.00 48.95 -56.78
C2 ATP I . 25.32 48.45 -57.05
N3 ATP I . 25.84 48.41 -58.21
C4 ATP I . 25.01 48.92 -59.32
N1 GSH J . 12.53 6.21 -17.48
CA1 GSH J . 12.61 7.40 -16.62
C1 GSH J . 11.70 8.48 -17.16
O11 GSH J . 11.32 8.28 -18.33
O12 GSH J . 11.41 9.45 -16.43
CB1 GSH J . 14.06 7.86 -16.53
CG1 GSH J . 14.15 9.01 -15.57
CD1 GSH J . 15.47 9.32 -14.99
OE1 GSH J . 16.41 8.53 -14.89
N2 GSH J . 15.53 10.64 -14.54
CA2 GSH J . 16.70 11.12 -13.95
C2 GSH J . 16.36 11.58 -12.57
O2 GSH J . 15.31 12.14 -12.35
CB2 GSH J . 17.09 12.34 -14.73
SG2 GSH J . 18.58 11.82 -15.54
N3 GSH J . 17.34 11.31 -11.60
CA3 GSH J . 17.15 11.70 -10.23
C3 GSH J . 18.47 12.35 -9.88
O31 GSH J . 19.51 11.96 -10.48
O32 GSH J . 18.48 13.24 -9.00
N1 GSH K . 11.10 -7.79 -21.57
CA1 GSH K . 11.44 -9.18 -21.87
C1 GSH K . 10.40 -10.12 -21.28
O11 GSH K . 10.22 -11.21 -21.82
O12 GSH K . 9.81 -9.67 -20.27
CB1 GSH K . 12.85 -9.50 -21.39
CG1 GSH K . 12.87 -10.83 -20.70
CD1 GSH K . 13.96 -11.80 -20.94
OE1 GSH K . 15.14 -11.52 -21.19
N2 GSH K . 13.48 -13.11 -20.85
CA2 GSH K . 14.25 -14.26 -21.03
C2 GSH K . 14.73 -14.38 -22.45
O2 GSH K . 13.93 -14.31 -23.35
CB2 GSH K . 13.28 -15.39 -20.87
SG2 GSH K . 13.31 -15.72 -19.13
N3 GSH K . 16.09 -14.59 -22.63
CA3 GSH K . 16.60 -14.72 -23.98
C3 GSH K . 17.86 -15.54 -23.92
O31 GSH K . 18.84 -15.15 -24.58
O32 GSH K . 17.89 -16.58 -23.20
O01 JAA L . -5.84 1.65 26.41
O02 JAA L . -10.76 0.98 21.61
O03 JAA L . -10.70 2.56 23.04
C04 JAA L . -8.56 1.46 24.18
C05 JAA L . -7.01 1.08 24.57
C06 JAA L . -9.20 1.27 25.21
C07 JAA L . -8.29 2.05 26.20
C08 JAA L . -6.83 1.57 25.76
C09 JAA L . -6.61 1.68 23.29
C10 JAA L . -9.18 0.70 23.13
C11 JAA L . -5.23 1.25 22.87
C12 JAA L . -10.29 1.49 22.60
C13 JAA L . -4.76 2.00 21.92
C14 JAA L . -5.70 3.05 21.45
C15 JAA L . -5.37 3.91 20.38
N VAL M . -8.26 -1.73 24.78
CA VAL M . -7.54 -2.81 24.15
C VAL M . -8.35 -4.08 24.32
O VAL M . -8.44 -4.88 23.40
CB VAL M . -6.12 -3.00 24.72
CG1 VAL M . -5.18 -1.94 24.30
CG2 VAL M . -6.16 -3.18 26.22
OXT VAL M . -8.96 -4.33 25.37
PG ATP N . -9.50 -8.25 16.57
O1G ATP N . -10.78 -7.30 16.36
O2G ATP N . -8.74 -7.62 17.65
O3G ATP N . -9.90 -9.55 17.05
PB ATP N . -7.64 -7.99 14.65
O1B ATP N . -8.42 -7.33 13.56
O2B ATP N . -6.66 -9.05 14.21
O3B ATP N . -8.87 -8.62 15.19
PA ATP N . -6.59 -5.94 15.52
O1A ATP N . -7.29 -5.14 14.47
O2A ATP N . -5.45 -6.70 15.00
O3A ATP N . -7.21 -7.24 15.91
O5' ATP N . -5.92 -4.91 16.44
C5' ATP N . -4.92 -4.56 15.65
C4' ATP N . -4.66 -3.10 15.61
O4' ATP N . -5.72 -2.56 15.90
C3' ATP N . -3.70 -3.33 16.86
O3' ATP N . -2.41 -3.23 16.71
C2' ATP N . -4.27 -2.40 17.72
O2' ATP N . -3.33 -1.35 18.01
C1' ATP N . -5.39 -1.78 17.26
N9 ATP N . -6.33 -1.55 18.04
C8 ATP N . -6.24 -0.66 18.96
N7 ATP N . -7.44 -0.78 19.57
C5 ATP N . -8.22 -1.69 19.09
C6 ATP N . -9.57 -2.15 19.42
N6 ATP N . -10.20 -1.72 20.26
N1 ATP N . -9.99 -3.13 18.63
C2 ATP N . -9.18 -3.66 17.56
N3 ATP N . -8.00 -3.26 17.27
C4 ATP N . -7.50 -2.17 18.13
N1 GSH O . -19.62 -43.84 60.96
CA1 GSH O . -19.57 -42.79 61.97
C1 GSH O . -20.68 -41.78 61.70
O11 GSH O . -21.07 -41.80 60.52
O12 GSH O . -21.11 -41.07 62.62
CB1 GSH O . -18.20 -42.15 61.98
CG1 GSH O . -18.28 -40.80 62.63
CD1 GSH O . -17.07 -40.15 63.14
OE1 GSH O . -15.91 -40.54 62.99
N2 GSH O . -17.38 -38.99 63.84
CA2 GSH O . -16.38 -38.20 64.44
C2 GSH O . -16.81 -38.10 65.86
O2 GSH O . -17.98 -37.93 66.12
CB2 GSH O . -16.48 -36.84 63.83
SG2 GSH O . -14.89 -36.68 63.05
N3 GSH O . -15.81 -38.25 66.83
CA3 GSH O . -16.18 -38.18 68.22
C3 GSH O . -14.91 -37.90 68.97
O31 GSH O . -13.80 -38.10 68.40
O32 GSH O . -15.01 -37.48 70.14
N1 GSH P . -21.10 -57.55 54.88
CA1 GSH P . -21.12 -59.01 54.78
C1 GSH P . -22.30 -59.57 55.58
O11 GSH P . -23.00 -60.45 55.04
O12 GSH P . -22.46 -59.08 56.72
CB1 GSH P . -19.79 -59.57 55.28
CG1 GSH P . -19.99 -60.86 56.01
CD1 GSH P . -18.84 -61.78 56.21
OE1 GSH P . -17.66 -61.45 56.27
N2 GSH P . -19.27 -63.09 56.34
CA2 GSH P . -18.35 -64.11 56.53
C2 GSH P . -17.86 -64.47 55.17
O2 GSH P . -18.65 -64.70 54.27
CB2 GSH P . -19.10 -65.29 57.04
SG2 GSH P . -19.93 -64.60 58.46
N3 GSH P . -16.47 -64.53 55.04
CA3 GSH P . -15.90 -64.87 53.77
C3 GSH P . -14.44 -65.01 54.05
O31 GSH P . -13.63 -64.58 53.21
O32 GSH P . -14.07 -65.55 55.14
#